data_9IHE
#
_entry.id   9IHE
#
_cell.length_a   1.00
_cell.length_b   1.00
_cell.length_c   1.00
_cell.angle_alpha   90.00
_cell.angle_beta   90.00
_cell.angle_gamma   90.00
#
_symmetry.space_group_name_H-M   'P 1'
#
loop_
_entity.id
_entity.type
_entity.pdbx_description
1 polymer 'Histone H3.2'
2 polymer 'Histone H4'
3 polymer 'Histone H2A type 1'
4 polymer 'Histone H2B 1.1'
5 polymer 'Widom-601 DNA (145-MER)'
6 polymer 'Widom-601 DNA (145-MER)'
7 polymer 'Myeloperoxidase light chain'
8 polymer 'Myeloperoxidase light chain'
9 non-polymer 'PROTOPORPHYRIN IX CONTAINING FE'
10 non-polymer 2-acetamido-2-deoxy-beta-D-glucopyranose
#
loop_
_entity_poly.entity_id
_entity_poly.type
_entity_poly.pdbx_seq_one_letter_code
_entity_poly.pdbx_strand_id
1 'polypeptide(L)'
;KPHRYRPGTVALREIRRYQKSTELLIRKLPFQRLVREIAQDFKTDLRFQSSAVMALQEASEAYLVALFEDTNLCAIHAKR
VTIMPKDIQLARRIRGERA
;
A,E
2 'polypeptide(L)'
;KRHRKVLRDNIQGITKPAIRRLARRGGVKRISGLIYEETRGVLKVFLENVIRDAVTYTEHAKRKTVTAMDVVYALKRQGR
TLYGFGG
;
B,F
3 'polypeptide(L)'
;TRAKAKTRSSRAGLQFPVGRVHRLLRKGNYAERVGAGAPVYLAAVLEYLTAEILELAGNAARDNKKTRIIPRHLQLAVRN
DEELNKLLGRVTIAQGGVLPNIQSVLLPKKT
;
C,G
4 'polypeptide(L)'
;RRKTRKESYAIYVYKVLKQVHPDTGISSKAMSIMNSFVNDVFERIAGEASRLAHYNKRSTITSREIQTAVRLLLPGELAK
HAVSEGTKAVTKYTSA
;
D,H
5 'polydeoxyribonucleotide'
;(DA)(DT)(DC)(DG)(DG)(DA)(DT)(DG)(DT)(DA)(DT)(DA)(DT)(DA)(DT)(DC)(DT)(DG)(DA)(DC)
(DA)(DC)(DG)(DT)(DG)(DC)(DC)(DT)(DG)(DG)(DA)(DG)(DA)(DC)(DT)(DA)(DG)(DG)(DG)(DA)
(DG)(DT)(DA)(DA)(DT)(DC)(DC)(DC)(DC)(DT)(DT)(DG)(DG)(DC)(DG)(DG)(DT)(DT)(DA)(DA)
(DA)(DA)(DC)(DG)(DC)(DG)(DG)(DG)(DG)(DG)(DA)(DC)(DA)(DG)(DC)(DG)(DC)(DG)(DT)(DA)
(DC)(DG)(DT)(DG)(DC)(DG)(DT)(DT)(DT)(DA)(DA)(DG)(DC)(DG)(DG)(DT)(DG)(DC)(DT)(DA)
(DG)(DA)(DG)(DC)(DT)(DG)(DT)(DC)(DT)(DA)(DC)(DG)(DA)(DC)(DC)(DA)(DA)(DT)(DT)(DG)
(DA)(DG)(DC)(DG)(DG)(DC)(DC)(DT)(DC)(DG)(DG)(DC)(DA)(DC)(DC)(DG)(DG)(DG)(DA)(DT)
(DT)(DC)(DT)(DC)(DG)(DA)(DT)
;
I
6 'polydeoxyribonucleotide'
;(DA)(DT)(DC)(DG)(DA)(DG)(DA)(DA)(DT)(DC)(DC)(DC)(DG)(DG)(DT)(DG)(DC)(DC)(DG)(DA)
(DG)(DG)(DC)(DC)(DG)(DC)(DT)(DC)(DA)(DA)(DT)(DT)(DG)(DG)(DT)(DC)(DG)(DT)(DA)(DG)
(DA)(DC)(DA)(DG)(DC)(DT)(DC)(DT)(DA)(DG)(DC)(DA)(DC)(DC)(DG)(DC)(DT)(DT)(DA)(DA)
(DA)(DC)(DG)(DC)(DA)(DC)(DG)(DT)(DA)(DC)(DG)(DC)(DG)(DC)(DT)(DG)(DT)(DC)(DC)(DC)
(DC)(DC)(DG)(DC)(DG)(DT)(DT)(DT)(DT)(DA)(DA)(DC)(DC)(DG)(DC)(DC)(DA)(DA)(DG)(DG)
(DG)(DG)(DA)(DT)(DT)(DA)(DC)(DT)(DC)(DC)(DC)(DT)(DA)(DG)(DT)(DC)(DT)(DC)(DC)(DA)
(DG)(DG)(DC)(DA)(DC)(DG)(DT)(DG)(DT)(DC)(DA)(DG)(DA)(DT)(DA)(DT)(DA)(DT)(DA)(DC)
(DA)(DT)(DC)(DC)(DG)(DA)(DT)
;
J
7 'polypeptide(L)'
;VTCPEQDKYRTITGMCNNRRSPTLGASNRAFVRWLPAEYEDGFSLPYGWTPGVKRNGFPVALARAVSNEIVRFPTDQLTP
DQERSLMFMQWGQLLDHDLDFTPEPAAR
;
K,M
8 'polypeptide(L)'
;VNCETSCVQQPPCFPLKIPPNDPRIKNQADCIPFFRSCPACPGSNITIRNQINALTSFVDASMVYGSEEPLARNLRNMSN
QLGLLAVNQRFQDNGRALLPFDNLHDDPCLLTNRSARIPCFLAGDTRSSEMPELTSMHTLLLREHNRLATELKSLNPRWD
GERLYQEARKIVGAMVQIITYRDYLPLVLGPTAMRKYLPTYRSYNDSVDPRIANVFTNAFRYGHTLIQPFMFRLDNRYQP
MEPNPRVPLSRVFFASWRVVLEGGIDPILRGLMATPAKLNRQNQIAVDEIRERLFEQVMRIGLDLPALNMQRSRDHGLPG
YNAWRRFCGLPQPETVGQLGTVLRNLKLARKLMEQYGTPNNIDIWMGGVSEPLKRKGRVGPLLACIIGTQFRKLRDGDRF
WWENEGVFSMQQRQALAQISLPRIICDNTGITTVSKNNIFMSNSYPRDFVNCSTLPALNLASWREA
;
L,N
#
loop_
_chem_comp.id
_chem_comp.type
_chem_comp.name
_chem_comp.formula
DA DNA linking 2'-DEOXYADENOSINE-5'-MONOPHOSPHATE 'C10 H14 N5 O6 P'
DC DNA linking 2'-DEOXYCYTIDINE-5'-MONOPHOSPHATE 'C9 H14 N3 O7 P'
DG DNA linking 2'-DEOXYGUANOSINE-5'-MONOPHOSPHATE 'C10 H14 N5 O7 P'
DT DNA linking THYMIDINE-5'-MONOPHOSPHATE 'C10 H15 N2 O8 P'
HEM non-polymer 'PROTOPORPHYRIN IX CONTAINING FE' 'C34 H32 Fe N4 O4'
NAG D-saccharide, beta linking 2-acetamido-2-deoxy-beta-D-glucopyranose 'C8 H15 N O6'
#
# COMPACT_ATOMS: atom_id res chain seq x y z
N PRO A 2 -4.00 52.71 -22.86
CA PRO A 2 -3.13 51.56 -22.63
C PRO A 2 -3.87 50.23 -22.81
N HIS A 3 -3.11 49.16 -23.03
CA HIS A 3 -3.69 47.83 -23.20
C HIS A 3 -3.85 47.16 -21.83
N ARG A 4 -4.87 46.29 -21.75
CA ARG A 4 -5.13 45.55 -20.52
C ARG A 4 -5.92 44.30 -20.85
N TYR A 5 -5.59 43.20 -20.19
CA TYR A 5 -6.27 41.93 -20.37
C TYR A 5 -7.31 41.76 -19.26
N ARG A 6 -8.43 41.13 -19.61
CA ARG A 6 -9.46 40.87 -18.62
C ARG A 6 -8.99 39.81 -17.64
N PRO A 7 -9.48 39.85 -16.39
CA PRO A 7 -9.04 38.87 -15.40
C PRO A 7 -9.39 37.45 -15.83
N GLY A 8 -8.41 36.55 -15.74
CA GLY A 8 -8.56 35.19 -16.14
C GLY A 8 -7.90 34.82 -17.46
N THR A 9 -7.52 35.81 -18.26
CA THR A 9 -6.83 35.52 -19.51
C THR A 9 -5.38 35.12 -19.26
N VAL A 10 -4.65 35.93 -18.50
CA VAL A 10 -3.28 35.59 -18.17
C VAL A 10 -3.22 34.36 -17.27
N ALA A 11 -4.25 34.15 -16.45
CA ALA A 11 -4.30 32.93 -15.64
C ALA A 11 -4.37 31.69 -16.52
N LEU A 12 -5.22 31.71 -17.55
CA LEU A 12 -5.30 30.56 -18.45
C LEU A 12 -4.03 30.41 -19.27
N ARG A 13 -3.40 31.52 -19.66
CA ARG A 13 -2.12 31.44 -20.35
C ARG A 13 -1.07 30.78 -19.47
N GLU A 14 -1.03 31.15 -18.19
CA GLU A 14 -0.08 30.53 -17.27
C GLU A 14 -0.40 29.05 -17.07
N ILE A 15 -1.68 28.69 -17.01
CA ILE A 15 -2.05 27.29 -16.88
C ILE A 15 -1.55 26.50 -18.08
N ARG A 16 -1.72 27.04 -19.28
CA ARG A 16 -1.23 26.35 -20.47
C ARG A 16 0.29 26.30 -20.51
N ARG A 17 0.97 27.32 -20.00
CA ARG A 17 2.42 27.36 -20.06
C ARG A 17 3.05 26.39 -19.07
N TYR A 18 2.52 26.31 -17.86
CA TYR A 18 3.13 25.49 -16.82
C TYR A 18 2.70 24.03 -16.86
N GLN A 19 1.70 23.69 -17.68
CA GLN A 19 1.35 22.30 -17.90
C GLN A 19 2.08 21.70 -19.08
N LYS A 20 2.86 22.51 -19.81
CA LYS A 20 3.66 22.05 -20.93
C LYS A 20 5.13 21.87 -20.57
N SER A 21 5.62 22.62 -19.60
CA SER A 21 7.01 22.50 -19.16
C SER A 21 7.16 21.35 -18.17
N THR A 22 8.42 21.02 -17.86
CA THR A 22 8.75 19.97 -16.92
C THR A 22 9.71 20.44 -15.83
N GLU A 23 10.02 21.72 -15.77
CA GLU A 23 11.01 22.24 -14.83
C GLU A 23 10.48 22.17 -13.40
N LEU A 24 11.30 22.63 -12.46
CA LEU A 24 10.92 22.73 -11.07
C LEU A 24 10.48 24.17 -10.77
N LEU A 25 9.37 24.31 -10.05
CA LEU A 25 8.71 25.60 -9.87
C LEU A 25 9.07 26.28 -8.56
N ILE A 26 9.93 25.69 -7.75
CA ILE A 26 10.39 26.27 -6.50
C ILE A 26 11.87 26.59 -6.63
N ARG A 27 12.29 27.74 -6.12
CA ARG A 27 13.70 28.09 -6.12
C ARG A 27 14.49 27.07 -5.31
N LYS A 28 15.67 26.71 -5.81
CA LYS A 28 16.41 25.58 -5.23
C LYS A 28 17.05 25.93 -3.90
N LEU A 29 17.65 27.12 -3.79
CA LEU A 29 18.32 27.48 -2.53
C LEU A 29 17.36 27.63 -1.36
N PRO A 30 16.22 28.33 -1.48
CA PRO A 30 15.28 28.34 -0.35
C PRO A 30 14.79 26.97 0.05
N PHE A 31 14.53 26.09 -0.91
CA PHE A 31 14.07 24.75 -0.58
C PHE A 31 15.16 23.97 0.13
N GLN A 32 16.41 24.10 -0.31
CA GLN A 32 17.51 23.42 0.35
C GLN A 32 17.65 23.90 1.79
N ARG A 33 17.55 25.21 2.00
CA ARG A 33 17.64 25.74 3.36
C ARG A 33 16.50 25.20 4.23
N LEU A 34 15.29 25.15 3.69
CA LEU A 34 14.16 24.61 4.45
C LEU A 34 14.37 23.15 4.80
N VAL A 35 14.87 22.35 3.86
CA VAL A 35 15.11 20.94 4.12
C VAL A 35 16.16 20.77 5.21
N ARG A 36 17.23 21.56 5.15
CA ARG A 36 18.27 21.46 6.19
C ARG A 36 17.72 21.87 7.56
N GLU A 37 16.91 22.93 7.61
CA GLU A 37 16.36 23.36 8.89
C GLU A 37 15.41 22.30 9.45
N ILE A 38 14.63 21.65 8.59
CA ILE A 38 13.75 20.59 9.06
C ILE A 38 14.56 19.42 9.61
N ALA A 39 15.59 19.01 8.87
CA ALA A 39 16.40 17.87 9.31
C ALA A 39 17.24 18.20 10.54
N GLN A 40 17.41 19.48 10.86
CA GLN A 40 18.16 19.85 12.05
C GLN A 40 17.57 19.26 13.32
N ASP A 41 16.25 19.13 13.39
CA ASP A 41 15.61 18.62 14.62
C ASP A 41 15.97 17.16 14.86
N PHE A 42 16.00 16.35 13.81
CA PHE A 42 16.17 14.91 14.00
C PHE A 42 17.61 14.56 14.36
N LYS A 43 18.58 15.18 13.69
CA LYS A 43 19.98 14.90 13.96
C LYS A 43 20.80 16.14 13.68
N THR A 44 21.92 16.27 14.37
CA THR A 44 22.79 17.43 14.27
C THR A 44 23.98 17.13 13.37
N ASP A 45 24.43 18.16 12.66
CA ASP A 45 25.58 18.08 11.75
C ASP A 45 25.34 17.00 10.69
N LEU A 46 24.23 17.13 10.00
CA LEU A 46 23.87 16.23 8.92
C LEU A 46 24.31 16.81 7.59
N ARG A 47 24.87 15.97 6.74
CA ARG A 47 25.25 16.35 5.39
C ARG A 47 24.29 15.73 4.39
N PHE A 48 24.04 16.45 3.30
CA PHE A 48 23.09 16.03 2.28
C PHE A 48 23.81 15.94 0.95
N GLN A 49 23.59 14.85 0.22
CA GLN A 49 23.98 14.81 -1.18
C GLN A 49 23.10 15.77 -1.98
N SER A 50 23.62 16.19 -3.13
CA SER A 50 22.79 17.01 -4.02
C SER A 50 21.60 16.22 -4.52
N SER A 51 21.80 14.94 -4.81
CA SER A 51 20.71 14.10 -5.30
C SER A 51 19.62 13.93 -4.26
N ALA A 52 19.96 13.90 -2.97
CA ALA A 52 18.95 13.77 -1.93
C ALA A 52 18.02 14.98 -1.93
N VAL A 53 18.58 16.18 -2.01
CA VAL A 53 17.77 17.38 -2.04
C VAL A 53 16.96 17.44 -3.32
N MET A 54 17.55 17.04 -4.44
CA MET A 54 16.81 17.05 -5.71
C MET A 54 15.62 16.09 -5.65
N ALA A 55 15.82 14.91 -5.09
CA ALA A 55 14.73 13.95 -4.95
C ALA A 55 13.64 14.49 -4.03
N LEU A 56 14.01 15.11 -2.92
CA LEU A 56 13.02 15.68 -2.03
C LEU A 56 12.21 16.76 -2.73
N GLN A 57 12.87 17.61 -3.52
CA GLN A 57 12.15 18.66 -4.23
C GLN A 57 11.19 18.08 -5.26
N GLU A 58 11.63 17.07 -6.01
CA GLU A 58 10.75 16.46 -7.01
C GLU A 58 9.53 15.84 -6.35
N ALA A 59 9.73 15.10 -5.26
CA ALA A 59 8.61 14.47 -4.57
C ALA A 59 7.65 15.50 -4.02
N SER A 60 8.18 16.58 -3.41
CA SER A 60 7.33 17.61 -2.84
C SER A 60 6.50 18.30 -3.91
N GLU A 61 7.13 18.63 -5.04
CA GLU A 61 6.39 19.30 -6.10
C GLU A 61 5.29 18.41 -6.68
N ALA A 62 5.59 17.13 -6.89
CA ALA A 62 4.57 16.22 -7.39
C ALA A 62 3.41 16.11 -6.42
N TYR A 63 3.71 16.00 -5.12
CA TYR A 63 2.65 15.90 -4.11
C TYR A 63 1.77 17.15 -4.13
N LEU A 64 2.39 18.33 -4.19
CA LEU A 64 1.62 19.56 -4.15
C LEU A 64 0.76 19.72 -5.40
N VAL A 65 1.28 19.35 -6.57
CA VAL A 65 0.50 19.48 -7.79
C VAL A 65 -0.72 18.54 -7.76
N ALA A 66 -0.52 17.30 -7.31
CA ALA A 66 -1.66 16.38 -7.20
C ALA A 66 -2.69 16.89 -6.20
N LEU A 67 -2.23 17.42 -5.07
CA LEU A 67 -3.15 17.97 -4.09
C LEU A 67 -3.93 19.14 -4.66
N PHE A 68 -3.29 19.97 -5.47
CA PHE A 68 -4.00 21.10 -6.06
C PHE A 68 -5.01 20.66 -7.11
N GLU A 69 -4.73 19.57 -7.82
CA GLU A 69 -5.75 19.01 -8.72
C GLU A 69 -6.99 18.57 -7.94
N ASP A 70 -6.78 17.83 -6.86
CA ASP A 70 -7.92 17.40 -6.03
C ASP A 70 -8.66 18.60 -5.44
N THR A 71 -7.91 19.62 -5.02
CA THR A 71 -8.52 20.82 -4.46
C THR A 71 -9.37 21.54 -5.50
N ASN A 72 -8.89 21.61 -6.74
CA ASN A 72 -9.67 22.23 -7.81
C ASN A 72 -10.97 21.46 -8.04
N LEU A 73 -10.92 20.13 -8.01
CA LEU A 73 -12.15 19.36 -8.14
C LEU A 73 -13.12 19.68 -7.01
N CYS A 74 -12.61 19.77 -5.78
CA CYS A 74 -13.47 20.09 -4.63
C CYS A 74 -14.09 21.47 -4.77
N ALA A 75 -13.32 22.44 -5.28
CA ALA A 75 -13.86 23.78 -5.45
C ALA A 75 -14.95 23.81 -6.52
N ILE A 76 -14.73 23.12 -7.64
CA ILE A 76 -15.72 23.09 -8.71
C ILE A 76 -16.98 22.38 -8.25
N HIS A 77 -16.86 21.43 -7.31
CA HIS A 77 -18.04 20.73 -6.81
C HIS A 77 -19.02 21.69 -6.16
N ALA A 78 -18.52 22.66 -5.40
CA ALA A 78 -19.36 23.61 -4.69
C ALA A 78 -19.76 24.81 -5.53
N LYS A 79 -19.67 24.71 -6.85
CA LYS A 79 -20.03 25.77 -7.78
C LYS A 79 -19.22 27.04 -7.52
N ARG A 80 -17.90 26.88 -7.59
CA ARG A 80 -16.96 27.97 -7.37
C ARG A 80 -15.86 27.90 -8.41
N VAL A 81 -15.08 28.97 -8.49
CA VAL A 81 -13.90 29.01 -9.34
C VAL A 81 -12.69 29.28 -8.46
N THR A 82 -12.91 29.98 -7.36
CA THR A 82 -11.85 30.28 -6.41
C THR A 82 -11.53 29.05 -5.58
N ILE A 83 -10.30 29.00 -5.09
CA ILE A 83 -9.78 27.85 -4.36
C ILE A 83 -9.59 28.29 -2.91
N MET A 84 -10.32 27.66 -2.01
CA MET A 84 -10.34 28.05 -0.61
C MET A 84 -9.71 26.97 0.26
N PRO A 85 -9.26 27.32 1.47
CA PRO A 85 -8.64 26.31 2.35
C PRO A 85 -9.56 25.15 2.70
N LYS A 86 -10.88 25.36 2.74
CA LYS A 86 -11.78 24.26 3.04
C LYS A 86 -11.72 23.18 1.96
N ASP A 87 -11.46 23.57 0.72
CA ASP A 87 -11.28 22.58 -0.33
C ASP A 87 -10.03 21.74 -0.09
N ILE A 88 -8.93 22.37 0.32
CA ILE A 88 -7.71 21.61 0.66
C ILE A 88 -8.00 20.66 1.80
N GLN A 89 -8.69 21.13 2.83
CA GLN A 89 -8.99 20.28 3.97
C GLN A 89 -9.86 19.10 3.57
N LEU A 90 -10.88 19.33 2.74
CA LEU A 90 -11.74 18.23 2.30
C LEU A 90 -10.97 17.21 1.47
N ALA A 91 -10.13 17.69 0.55
CA ALA A 91 -9.34 16.77 -0.26
C ALA A 91 -8.41 15.93 0.60
N ARG A 92 -7.77 16.55 1.59
CA ARG A 92 -6.86 15.79 2.45
C ARG A 92 -7.60 14.84 3.37
N ARG A 93 -8.84 15.19 3.76
CA ARG A 93 -9.63 14.27 4.57
C ARG A 93 -10.03 13.05 3.75
N ILE A 94 -10.56 13.27 2.54
CA ILE A 94 -11.03 12.15 1.72
C ILE A 94 -9.86 11.27 1.30
N ARG A 95 -8.72 11.88 0.99
CA ARG A 95 -7.54 11.09 0.65
C ARG A 95 -7.09 10.19 1.80
N GLY A 96 -7.43 10.53 3.03
CA GLY A 96 -7.02 9.77 4.17
C GLY A 96 -5.84 10.32 4.95
N GLU A 97 -5.47 11.58 4.72
CA GLU A 97 -4.29 12.14 5.36
C GLU A 97 -4.63 12.78 6.70
N ARG A 98 -5.49 13.79 6.69
CA ARG A 98 -5.90 14.47 7.91
C ARG A 98 -7.15 13.87 8.54
N ALA A 99 -7.62 12.75 8.01
CA ALA A 99 -8.78 12.06 8.58
C ALA A 99 -8.48 11.57 9.99
N ARG B 8 15.48 29.99 12.46
CA ARG B 8 15.48 30.09 11.00
C ARG B 8 14.06 29.90 10.45
N ASP B 9 13.50 30.97 9.90
CA ASP B 9 12.16 30.93 9.31
C ASP B 9 12.27 30.79 7.79
N ASN B 10 12.68 29.59 7.37
CA ASN B 10 12.88 29.31 5.96
C ASN B 10 11.63 28.82 5.25
N ILE B 11 10.54 28.56 5.99
CA ILE B 11 9.29 28.17 5.33
C ILE B 11 8.76 29.33 4.51
N GLN B 12 9.11 30.56 4.85
CA GLN B 12 8.74 31.71 4.04
C GLN B 12 9.57 31.81 2.76
N GLY B 13 10.60 30.97 2.62
CA GLY B 13 11.33 30.92 1.37
C GLY B 13 10.54 30.29 0.24
N ILE B 14 9.48 29.56 0.56
CA ILE B 14 8.51 29.09 -0.42
C ILE B 14 7.52 30.25 -0.61
N THR B 15 7.75 31.05 -1.63
CA THR B 15 7.07 32.33 -1.76
C THR B 15 5.66 32.13 -2.31
N LYS B 16 4.90 33.23 -2.30
CA LYS B 16 3.56 33.20 -2.88
C LYS B 16 3.57 32.94 -4.38
N PRO B 17 4.42 33.59 -5.19
CA PRO B 17 4.46 33.23 -6.62
C PRO B 17 4.82 31.78 -6.90
N ALA B 18 5.66 31.16 -6.07
CA ALA B 18 5.97 29.74 -6.27
C ALA B 18 4.75 28.88 -6.06
N ILE B 19 3.96 29.17 -5.03
CA ILE B 19 2.72 28.44 -4.78
C ILE B 19 1.74 28.70 -5.92
N ARG B 20 1.71 29.92 -6.44
CA ARG B 20 0.84 30.21 -7.59
C ARG B 20 1.25 29.39 -8.80
N ARG B 21 2.55 29.25 -9.04
CA ARG B 21 3.01 28.42 -10.16
C ARG B 21 2.62 26.96 -9.96
N LEU B 22 2.80 26.44 -8.75
CA LEU B 22 2.41 25.07 -8.48
C LEU B 22 0.92 24.86 -8.64
N ALA B 23 0.11 25.88 -8.34
CA ALA B 23 -1.33 25.78 -8.55
C ALA B 23 -1.69 25.87 -10.03
N ARG B 24 -0.95 26.69 -10.78
CA ARG B 24 -1.20 26.80 -12.21
C ARG B 24 -0.90 25.50 -12.93
N ARG B 25 0.17 24.80 -12.53
CA ARG B 25 0.42 23.49 -13.12
C ARG B 25 -0.69 22.51 -12.79
N GLY B 26 -1.34 22.67 -11.65
CA GLY B 26 -2.45 21.83 -11.26
C GLY B 26 -3.79 22.21 -11.86
N GLY B 27 -3.84 23.24 -12.68
CA GLY B 27 -5.06 23.61 -13.37
C GLY B 27 -5.95 24.61 -12.66
N VAL B 28 -5.43 25.29 -11.65
CA VAL B 28 -6.23 26.21 -10.84
C VAL B 28 -6.23 27.58 -11.50
N LYS B 29 -7.41 28.17 -11.66
CA LYS B 29 -7.57 29.43 -12.37
C LYS B 29 -7.59 30.63 -11.42
N ARG B 30 -8.39 30.57 -10.37
CA ARG B 30 -8.49 31.63 -9.38
C ARG B 30 -8.08 31.07 -8.03
N ILE B 31 -7.39 31.90 -7.25
CA ILE B 31 -6.75 31.48 -6.00
C ILE B 31 -7.14 32.45 -4.90
N SER B 32 -7.70 31.93 -3.82
CA SER B 32 -7.97 32.76 -2.66
C SER B 32 -6.67 33.10 -1.95
N GLY B 33 -6.67 34.21 -1.23
CA GLY B 33 -5.47 34.70 -0.60
C GLY B 33 -5.08 34.01 0.69
N LEU B 34 -5.86 33.04 1.15
CA LEU B 34 -5.61 32.35 2.40
C LEU B 34 -5.01 30.96 2.22
N ILE B 35 -4.75 30.53 0.99
CA ILE B 35 -4.25 29.17 0.79
C ILE B 35 -2.74 29.09 0.86
N TYR B 36 -2.04 30.22 0.96
CA TYR B 36 -0.58 30.16 0.99
C TYR B 36 -0.07 29.62 2.33
N GLU B 37 -0.64 30.09 3.44
CA GLU B 37 -0.28 29.54 4.74
C GLU B 37 -0.67 28.07 4.84
N GLU B 38 -1.85 27.72 4.31
CA GLU B 38 -2.27 26.32 4.33
C GLU B 38 -1.32 25.43 3.53
N THR B 39 -0.91 25.91 2.35
CA THR B 39 0.03 25.13 1.53
C THR B 39 1.37 25.00 2.23
N ARG B 40 1.83 26.05 2.90
CA ARG B 40 3.09 25.96 3.63
C ARG B 40 3.00 24.93 4.75
N GLY B 41 1.87 24.90 5.47
CA GLY B 41 1.71 23.89 6.50
C GLY B 41 1.69 22.48 5.95
N VAL B 42 0.98 22.27 4.83
CA VAL B 42 0.91 20.96 4.22
C VAL B 42 2.30 20.49 3.78
N LEU B 43 3.04 21.38 3.13
CA LEU B 43 4.39 21.04 2.68
C LEU B 43 5.30 20.73 3.85
N LYS B 44 5.19 21.49 4.94
CA LYS B 44 6.01 21.23 6.11
C LYS B 44 5.72 19.85 6.70
N VAL B 45 4.45 19.47 6.77
CA VAL B 45 4.10 18.16 7.33
C VAL B 45 4.67 17.04 6.45
N PHE B 46 4.48 17.16 5.14
CA PHE B 46 4.99 16.13 4.22
C PHE B 46 6.49 15.99 4.34
N LEU B 47 7.21 17.12 4.32
CA LEU B 47 8.65 17.09 4.41
C LEU B 47 9.13 16.52 5.73
N GLU B 48 8.44 16.85 6.82
CA GLU B 48 8.83 16.31 8.12
C GLU B 48 8.75 14.79 8.11
N ASN B 49 7.65 14.24 7.61
CA ASN B 49 7.51 12.79 7.56
C ASN B 49 8.63 12.14 6.74
N VAL B 50 8.82 12.62 5.51
CA VAL B 50 9.78 11.98 4.62
C VAL B 50 11.20 12.11 5.18
N ILE B 51 11.56 13.29 5.69
CA ILE B 51 12.91 13.50 6.18
C ILE B 51 13.15 12.70 7.45
N ARG B 52 12.14 12.55 8.31
CA ARG B 52 12.32 11.70 9.48
C ARG B 52 12.63 10.27 9.09
N ASP B 53 11.89 9.74 8.11
CA ASP B 53 12.16 8.37 7.67
C ASP B 53 13.56 8.25 7.03
N ALA B 54 13.93 9.24 6.22
CA ALA B 54 15.24 9.20 5.58
C ALA B 54 16.37 9.26 6.60
N VAL B 55 16.23 10.09 7.63
CA VAL B 55 17.26 10.17 8.66
C VAL B 55 17.32 8.89 9.48
N THR B 56 16.19 8.23 9.71
CA THR B 56 16.23 6.92 10.37
C THR B 56 17.02 5.91 9.53
N TYR B 57 16.76 5.89 8.23
CA TYR B 57 17.50 4.99 7.34
C TYR B 57 18.99 5.31 7.36
N THR B 58 19.33 6.60 7.40
CA THR B 58 20.74 7.00 7.45
C THR B 58 21.41 6.57 8.74
N GLU B 59 20.72 6.80 9.87
CA GLU B 59 21.29 6.46 11.18
C GLU B 59 21.49 4.96 11.32
N HIS B 60 20.61 4.15 10.73
CA HIS B 60 20.80 2.71 10.82
C HIS B 60 22.11 2.26 10.18
N ALA B 61 22.54 2.94 9.12
CA ALA B 61 23.75 2.57 8.42
C ALA B 61 25.00 3.17 9.04
N LYS B 62 24.87 3.88 10.16
CA LYS B 62 26.00 4.49 10.85
C LYS B 62 26.72 5.50 9.97
N ARG B 63 25.96 6.25 9.20
CA ARG B 63 26.48 7.29 8.31
C ARG B 63 26.08 8.66 8.84
N LYS B 64 26.76 9.68 8.31
CA LYS B 64 26.43 11.06 8.63
C LYS B 64 25.97 11.84 7.41
N THR B 65 25.84 11.19 6.25
CA THR B 65 25.40 11.83 5.02
C THR B 65 24.09 11.18 4.58
N VAL B 66 23.08 11.99 4.29
CA VAL B 66 21.81 11.49 3.79
C VAL B 66 21.92 11.33 2.29
N THR B 67 21.91 10.08 1.82
CA THR B 67 22.06 9.79 0.41
C THR B 67 20.71 9.80 -0.29
N ALA B 68 20.75 9.78 -1.62
CA ALA B 68 19.52 9.77 -2.39
C ALA B 68 18.75 8.47 -2.22
N MET B 69 19.47 7.36 -1.94
CA MET B 69 18.80 6.09 -1.73
C MET B 69 17.96 6.11 -0.46
N ASP B 70 18.42 6.82 0.57
CA ASP B 70 17.63 6.93 1.79
C ASP B 70 16.32 7.64 1.52
N VAL B 71 16.36 8.72 0.74
CA VAL B 71 15.14 9.44 0.38
C VAL B 71 14.23 8.57 -0.47
N VAL B 72 14.81 7.81 -1.40
CA VAL B 72 14.01 6.95 -2.27
C VAL B 72 13.31 5.88 -1.44
N TYR B 73 14.02 5.26 -0.50
CA TYR B 73 13.41 4.25 0.36
C TYR B 73 12.34 4.86 1.26
N ALA B 74 12.60 6.05 1.81
CA ALA B 74 11.63 6.70 2.68
C ALA B 74 10.36 7.02 1.92
N LEU B 75 10.48 7.46 0.68
CA LEU B 75 9.30 7.71 -0.15
C LEU B 75 8.59 6.41 -0.49
N LYS B 76 9.34 5.36 -0.85
CA LYS B 76 8.73 4.11 -1.27
C LYS B 76 7.95 3.46 -0.14
N ARG B 77 8.45 3.57 1.09
CA ARG B 77 7.73 2.96 2.21
C ARG B 77 6.49 3.74 2.61
N GLN B 78 6.25 4.91 2.02
CA GLN B 78 5.01 5.65 2.19
C GLN B 78 4.09 5.51 0.99
N GLY B 79 4.38 4.60 0.08
CA GLY B 79 3.60 4.47 -1.14
C GLY B 79 3.72 5.65 -2.08
N ARG B 80 4.94 6.16 -2.27
CA ARG B 80 5.19 7.29 -3.14
C ARG B 80 6.43 7.04 -3.99
N THR B 81 6.49 5.86 -4.62
CA THR B 81 7.67 5.46 -5.37
C THR B 81 8.10 6.52 -6.36
N LEU B 82 9.40 6.80 -6.39
CA LEU B 82 9.97 7.83 -7.25
C LEU B 82 11.01 7.20 -8.17
N TYR B 83 10.84 7.41 -9.47
CA TYR B 83 11.72 6.85 -10.48
C TYR B 83 12.69 7.91 -10.96
N GLY B 84 13.98 7.57 -10.99
CA GLY B 84 14.95 8.45 -11.60
C GLY B 84 16.19 8.71 -10.79
N PHE B 85 16.22 8.22 -9.54
CA PHE B 85 17.36 8.47 -8.65
C PHE B 85 17.96 7.19 -8.12
N GLY B 86 17.74 6.06 -8.78
CA GLY B 86 18.28 4.79 -8.33
C GLY B 86 17.35 4.05 -7.40
N ARG C 2 22.64 -33.36 31.57
CA ARG C 2 21.74 -32.34 31.03
C ARG C 2 20.90 -31.72 32.14
N ALA C 3 20.87 -30.39 32.18
CA ALA C 3 20.10 -29.67 33.17
C ALA C 3 18.63 -29.61 32.77
N LYS C 4 17.78 -29.22 33.72
CA LYS C 4 16.37 -29.06 33.42
C LYS C 4 16.17 -27.96 32.39
N ALA C 5 15.44 -28.28 31.33
CA ALA C 5 15.21 -27.32 30.26
C ALA C 5 14.31 -26.20 30.73
N LYS C 6 14.73 -24.97 30.48
CA LYS C 6 13.93 -23.78 30.77
C LYS C 6 13.77 -22.99 29.49
N THR C 7 12.55 -22.51 29.23
CA THR C 7 12.27 -21.83 27.98
C THR C 7 13.01 -20.52 27.90
N ARG C 8 13.30 -20.08 26.67
CA ARG C 8 13.97 -18.80 26.48
C ARG C 8 13.09 -17.64 26.90
N SER C 9 11.78 -17.74 26.70
CA SER C 9 10.87 -16.67 27.09
C SER C 9 10.79 -16.50 28.59
N SER C 10 11.13 -17.55 29.36
CA SER C 10 11.16 -17.40 30.81
C SER C 10 12.41 -16.66 31.26
N ARG C 11 13.53 -16.86 30.57
CA ARG C 11 14.75 -16.12 30.90
C ARG C 11 14.58 -14.63 30.62
N ALA C 12 13.91 -14.29 29.52
CA ALA C 12 13.61 -12.90 29.20
C ALA C 12 12.43 -12.34 29.97
N GLY C 13 11.74 -13.17 30.76
CA GLY C 13 10.59 -12.72 31.52
C GLY C 13 9.40 -12.34 30.66
N LEU C 14 9.10 -13.11 29.64
CA LEU C 14 8.00 -12.83 28.73
C LEU C 14 6.94 -13.91 28.81
N GLN C 15 5.81 -13.65 28.16
CA GLN C 15 4.75 -14.64 27.99
C GLN C 15 4.67 -15.17 26.57
N PHE C 16 5.01 -14.37 25.57
CA PHE C 16 5.03 -14.81 24.19
C PHE C 16 6.23 -15.71 23.93
N PRO C 17 6.13 -16.65 22.99
CA PRO C 17 7.17 -17.69 22.84
C PRO C 17 8.34 -17.19 22.01
N VAL C 18 9.52 -17.17 22.64
CA VAL C 18 10.73 -16.78 21.91
C VAL C 18 11.13 -17.87 20.93
N GLY C 19 10.99 -19.13 21.32
CA GLY C 19 11.40 -20.22 20.43
C GLY C 19 10.55 -20.31 19.17
N ARG C 20 9.24 -20.17 19.31
CA ARG C 20 8.36 -20.20 18.14
C ARG C 20 8.63 -19.01 17.23
N VAL C 21 8.86 -17.83 17.80
CA VAL C 21 9.17 -16.65 16.99
C VAL C 21 10.49 -16.85 16.26
N HIS C 22 11.47 -17.45 16.92
CA HIS C 22 12.74 -17.75 16.25
C HIS C 22 12.54 -18.72 15.10
N ARG C 23 11.73 -19.76 15.31
CA ARG C 23 11.47 -20.69 14.22
C ARG C 23 10.76 -20.02 13.06
N LEU C 24 9.80 -19.14 13.36
CA LEU C 24 9.09 -18.44 12.29
C LEU C 24 10.00 -17.49 11.54
N LEU C 25 10.95 -16.87 12.23
CA LEU C 25 11.92 -16.02 11.54
C LEU C 25 12.86 -16.84 10.67
N ARG C 26 13.27 -18.01 11.15
CA ARG C 26 14.17 -18.85 10.37
C ARG C 26 13.49 -19.45 9.16
N LYS C 27 12.26 -19.93 9.32
CA LYS C 27 11.52 -20.61 8.26
C LYS C 27 10.79 -19.64 7.33
N GLY C 28 10.74 -18.36 7.64
CA GLY C 28 9.93 -17.42 6.90
C GLY C 28 10.59 -16.77 5.71
N ASN C 29 11.84 -17.13 5.41
CA ASN C 29 12.57 -16.59 4.26
C ASN C 29 12.72 -15.08 4.36
N TYR C 30 13.28 -14.62 5.49
CA TYR C 30 13.52 -13.20 5.72
C TYR C 30 14.98 -12.83 5.51
N ALA C 31 15.89 -13.61 6.07
CA ALA C 31 17.31 -13.40 5.87
C ALA C 31 18.03 -14.73 6.05
N GLU C 32 19.28 -14.78 5.59
CA GLU C 32 20.03 -16.02 5.63
C GLU C 32 20.30 -16.47 7.06
N ARG C 33 20.64 -15.52 7.94
CA ARG C 33 20.91 -15.82 9.33
C ARG C 33 20.08 -14.93 10.22
N VAL C 34 19.78 -15.42 11.42
CA VAL C 34 18.98 -14.69 12.39
C VAL C 34 19.73 -14.67 13.71
N GLY C 35 19.92 -13.48 14.27
CA GLY C 35 20.69 -13.34 15.50
C GLY C 35 19.98 -13.96 16.70
N ALA C 36 20.73 -14.04 17.79
CA ALA C 36 20.19 -14.63 19.01
C ALA C 36 19.23 -13.71 19.73
N GLY C 37 19.41 -12.40 19.60
CA GLY C 37 18.57 -11.44 20.30
C GLY C 37 17.39 -10.91 19.53
N ALA C 38 17.30 -11.19 18.23
CA ALA C 38 16.15 -10.75 17.45
C ALA C 38 14.83 -11.39 17.91
N PRO C 39 14.75 -12.71 18.15
CA PRO C 39 13.48 -13.26 18.63
C PRO C 39 13.01 -12.67 19.95
N VAL C 40 13.93 -12.37 20.86
CA VAL C 40 13.55 -11.78 22.14
C VAL C 40 12.96 -10.40 21.94
N TYR C 41 13.58 -9.59 21.09
CA TYR C 41 13.07 -8.26 20.80
C TYR C 41 11.68 -8.33 20.16
N LEU C 42 11.51 -9.21 19.17
CA LEU C 42 10.21 -9.32 18.52
C LEU C 42 9.14 -9.80 19.49
N ALA C 43 9.45 -10.79 20.32
CA ALA C 43 8.47 -11.28 21.28
C ALA C 43 8.08 -10.20 22.27
N ALA C 44 9.07 -9.41 22.73
CA ALA C 44 8.76 -8.33 23.66
C ALA C 44 7.86 -7.29 23.02
N VAL C 45 8.14 -6.91 21.77
CA VAL C 45 7.32 -5.91 21.10
C VAL C 45 5.90 -6.42 20.88
N LEU C 46 5.76 -7.67 20.44
CA LEU C 46 4.44 -8.24 20.21
C LEU C 46 3.65 -8.32 21.50
N GLU C 47 4.29 -8.74 22.59
CA GLU C 47 3.60 -8.82 23.87
C GLU C 47 3.18 -7.44 24.35
N TYR C 48 4.01 -6.42 24.14
CA TYR C 48 3.64 -5.06 24.51
C TYR C 48 2.40 -4.60 23.76
N LEU C 49 2.39 -4.80 22.44
CA LEU C 49 1.24 -4.34 21.65
C LEU C 49 -0.03 -5.09 22.03
N THR C 50 0.08 -6.40 22.24
CA THR C 50 -1.08 -7.18 22.65
C THR C 50 -1.61 -6.71 24.00
N ALA C 51 -0.72 -6.46 24.95
CA ALA C 51 -1.16 -6.00 26.27
C ALA C 51 -1.85 -4.65 26.18
N GLU C 52 -1.30 -3.73 25.36
CA GLU C 52 -1.92 -2.42 25.22
C GLU C 52 -3.33 -2.53 24.66
N ILE C 53 -3.50 -3.24 23.55
CA ILE C 53 -4.82 -3.31 22.92
C ILE C 53 -5.79 -4.08 23.80
N LEU C 54 -5.33 -5.11 24.50
CA LEU C 54 -6.21 -5.87 25.38
C LEU C 54 -6.64 -5.04 26.57
N GLU C 55 -5.75 -4.22 27.12
CA GLU C 55 -6.12 -3.34 28.22
C GLU C 55 -7.20 -2.36 27.79
N LEU C 56 -7.02 -1.74 26.62
CA LEU C 56 -8.02 -0.80 26.14
C LEU C 56 -9.37 -1.49 25.89
N ALA C 57 -9.34 -2.69 25.29
CA ALA C 57 -10.58 -3.41 25.03
C ALA C 57 -11.27 -3.83 26.32
N GLY C 58 -10.50 -4.25 27.33
CA GLY C 58 -11.11 -4.61 28.60
C GLY C 58 -11.74 -3.42 29.29
N ASN C 59 -11.09 -2.25 29.22
CA ASN C 59 -11.70 -1.04 29.75
C ASN C 59 -13.01 -0.72 29.02
N ALA C 60 -13.01 -0.86 27.70
CA ALA C 60 -14.23 -0.59 26.93
C ALA C 60 -15.34 -1.56 27.31
N ALA C 61 -15.01 -2.83 27.52
CA ALA C 61 -16.01 -3.81 27.94
C ALA C 61 -16.54 -3.47 29.33
N ARG C 62 -15.66 -3.06 30.25
CA ARG C 62 -16.10 -2.71 31.60
C ARG C 62 -17.03 -1.50 31.58
N ASP C 63 -16.73 -0.51 30.74
CA ASP C 63 -17.61 0.65 30.60
C ASP C 63 -18.99 0.26 30.10
N ASN C 64 -19.11 -0.87 29.42
CA ASN C 64 -20.38 -1.37 28.92
C ASN C 64 -21.07 -2.33 29.88
N LYS C 65 -20.52 -2.52 31.08
CA LYS C 65 -21.06 -3.44 32.08
C LYS C 65 -21.13 -4.87 31.54
N LYS C 66 -20.06 -5.28 30.87
CA LYS C 66 -19.91 -6.64 30.37
C LYS C 66 -18.73 -7.30 31.05
N THR C 67 -18.57 -8.60 30.78
CA THR C 67 -17.49 -9.38 31.37
C THR C 67 -16.57 -9.96 30.30
N ARG C 68 -17.09 -10.19 29.10
CA ARG C 68 -16.35 -10.88 28.04
C ARG C 68 -16.09 -9.91 26.91
N ILE C 69 -14.91 -9.97 26.33
CA ILE C 69 -14.53 -9.08 25.24
C ILE C 69 -15.08 -9.63 23.93
N ILE C 70 -15.73 -8.77 23.16
CA ILE C 70 -16.28 -9.13 21.86
C ILE C 70 -15.64 -8.20 20.82
N PRO C 71 -15.79 -8.47 19.52
CA PRO C 71 -15.12 -7.60 18.53
C PRO C 71 -15.53 -6.14 18.61
N ARG C 72 -16.74 -5.85 19.09
CA ARG C 72 -17.16 -4.47 19.24
C ARG C 72 -16.24 -3.71 20.18
N HIS C 73 -15.83 -4.35 21.27
CA HIS C 73 -14.94 -3.70 22.23
C HIS C 73 -13.56 -3.48 21.64
N LEU C 74 -13.07 -4.42 20.85
CA LEU C 74 -11.78 -4.21 20.17
C LEU C 74 -11.85 -3.05 19.21
N GLN C 75 -12.95 -2.94 18.45
CA GLN C 75 -13.09 -1.81 17.54
C GLN C 75 -13.17 -0.49 18.30
N LEU C 76 -13.93 -0.45 19.39
CA LEU C 76 -14.03 0.76 20.19
C LEU C 76 -12.69 1.15 20.78
N ALA C 77 -11.90 0.17 21.21
CA ALA C 77 -10.57 0.45 21.74
C ALA C 77 -9.66 1.00 20.67
N VAL C 78 -9.67 0.41 19.49
CA VAL C 78 -8.73 0.82 18.44
C VAL C 78 -9.10 2.19 17.90
N ARG C 79 -10.38 2.43 17.63
CA ARG C 79 -10.78 3.65 16.95
C ARG C 79 -10.74 4.87 17.85
N ASN C 80 -10.73 4.70 19.16
CA ASN C 80 -10.70 5.80 20.11
C ASN C 80 -9.29 6.20 20.51
N ASP C 81 -8.27 5.62 19.89
CA ASP C 81 -6.87 5.86 20.24
C ASP C 81 -6.14 6.29 18.98
N GLU C 82 -5.46 7.44 19.04
CA GLU C 82 -4.87 8.00 17.83
C GLU C 82 -3.75 7.12 17.28
N GLU C 83 -2.85 6.66 18.15
CA GLU C 83 -1.72 5.85 17.68
C GLU C 83 -2.20 4.51 17.14
N LEU C 84 -3.11 3.85 17.86
CA LEU C 84 -3.62 2.56 17.40
C LEU C 84 -4.45 2.72 16.14
N ASN C 85 -5.19 3.82 16.02
CA ASN C 85 -5.94 4.07 14.79
C ASN C 85 -5.01 4.33 13.61
N LYS C 86 -3.88 4.97 13.86
CA LYS C 86 -2.90 5.17 12.79
C LYS C 86 -2.23 3.85 12.41
N LEU C 87 -2.00 2.97 13.38
CA LEU C 87 -1.39 1.69 13.08
C LEU C 87 -2.33 0.78 12.30
N LEU C 88 -3.63 0.88 12.55
CA LEU C 88 -4.64 0.02 11.93
C LEU C 88 -5.59 0.83 11.05
N GLY C 89 -5.04 1.76 10.27
CA GLY C 89 -5.89 2.62 9.45
C GLY C 89 -6.58 1.86 8.33
N ARG C 90 -5.88 0.91 7.72
CA ARG C 90 -6.40 0.17 6.57
C ARG C 90 -6.80 -1.24 6.95
N VAL C 91 -7.37 -1.42 8.14
CA VAL C 91 -7.72 -2.73 8.68
C VAL C 91 -9.20 -2.72 9.03
N THR C 92 -9.90 -3.79 8.65
CA THR C 92 -11.30 -3.99 8.98
C THR C 92 -11.41 -5.06 10.05
N ILE C 93 -12.19 -4.78 11.10
CA ILE C 93 -12.43 -5.72 12.19
C ILE C 93 -13.85 -6.25 12.03
N ALA C 94 -13.98 -7.58 11.93
CA ALA C 94 -15.27 -8.18 11.68
C ALA C 94 -16.21 -7.99 12.87
N GLN C 95 -17.47 -7.65 12.58
CA GLN C 95 -18.47 -7.37 13.61
C GLN C 95 -18.02 -6.28 14.57
N GLY C 96 -17.39 -5.24 14.03
CA GLY C 96 -16.92 -4.15 14.85
C GLY C 96 -17.85 -2.96 14.88
N GLY C 97 -18.60 -2.76 13.81
CA GLY C 97 -19.46 -1.59 13.73
C GLY C 97 -18.66 -0.34 13.38
N VAL C 98 -19.23 0.80 13.74
CA VAL C 98 -18.61 2.09 13.49
C VAL C 98 -18.66 2.93 14.75
N LEU C 99 -17.82 3.96 14.77
CA LEU C 99 -17.82 4.89 15.89
C LEU C 99 -19.00 5.86 15.76
N PRO C 100 -19.80 6.02 16.81
CA PRO C 100 -20.99 6.87 16.70
C PRO C 100 -20.66 8.35 16.59
N ASN C 101 -20.89 8.94 15.42
CA ASN C 101 -20.79 10.38 15.28
C ASN C 101 -21.81 10.86 14.25
N ILE C 102 -22.25 12.09 14.43
CA ILE C 102 -23.19 12.74 13.52
C ILE C 102 -22.70 14.15 13.26
N GLN C 103 -22.73 14.58 12.00
CA GLN C 103 -22.28 15.92 11.65
C GLN C 103 -23.20 16.97 12.29
N SER C 104 -22.59 18.06 12.73
CA SER C 104 -23.34 19.12 13.41
C SER C 104 -24.37 19.78 12.50
N VAL C 105 -24.17 19.72 11.19
CA VAL C 105 -25.08 20.39 10.26
C VAL C 105 -26.45 19.72 10.29
N LEU C 106 -26.50 18.40 10.46
CA LEU C 106 -27.74 17.66 10.34
C LEU C 106 -28.62 17.74 11.59
N LEU C 107 -28.06 18.10 12.73
CA LEU C 107 -28.86 18.18 13.94
C LEU C 107 -29.85 19.33 13.86
N PRO C 108 -31.03 19.18 14.45
CA PRO C 108 -32.03 20.26 14.43
C PRO C 108 -31.52 21.49 15.18
N LYS C 109 -31.86 22.67 14.66
CA LYS C 109 -31.44 23.92 15.26
C LYS C 109 -32.64 24.80 15.60
N LYS D 3 -5.64 -35.74 13.77
CA LYS D 3 -5.89 -34.45 13.15
C LYS D 3 -4.64 -33.57 13.23
N THR D 4 -4.37 -32.85 12.13
CA THR D 4 -3.17 -32.01 12.07
C THR D 4 -3.29 -30.85 13.06
N ARG D 5 -2.20 -30.60 13.78
CA ARG D 5 -2.19 -29.53 14.78
C ARG D 5 -2.16 -28.17 14.10
N LYS D 6 -2.97 -27.24 14.62
CA LYS D 6 -3.04 -25.88 14.10
C LYS D 6 -2.49 -24.93 15.15
N GLU D 7 -1.30 -24.38 14.90
CA GLU D 7 -0.67 -23.49 15.84
C GLU D 7 -1.30 -22.11 15.79
N SER D 8 -1.35 -21.45 16.95
CA SER D 8 -1.95 -20.13 17.05
C SER D 8 -1.43 -19.43 18.29
N TYR D 9 -1.59 -18.11 18.30
CA TYR D 9 -1.21 -17.28 19.45
C TYR D 9 -2.36 -17.13 20.43
N ALA D 10 -2.95 -18.24 20.87
CA ALA D 10 -4.13 -18.15 21.71
C ALA D 10 -3.79 -18.21 23.19
N ILE D 11 -2.97 -19.17 23.60
CA ILE D 11 -2.65 -19.31 25.01
C ILE D 11 -1.86 -18.11 25.51
N TYR D 12 -0.99 -17.56 24.65
CA TYR D 12 -0.19 -16.41 25.06
C TYR D 12 -1.04 -15.16 25.18
N VAL D 13 -1.97 -14.96 24.25
CA VAL D 13 -2.89 -13.84 24.35
C VAL D 13 -3.76 -13.97 25.60
N TYR D 14 -4.18 -15.19 25.91
CA TYR D 14 -4.97 -15.41 27.13
C TYR D 14 -4.14 -15.13 28.38
N LYS D 15 -2.87 -15.52 28.39
CA LYS D 15 -2.02 -15.23 29.53
C LYS D 15 -1.84 -13.72 29.73
N VAL D 16 -1.61 -12.99 28.64
CA VAL D 16 -1.48 -11.54 28.74
C VAL D 16 -2.78 -10.92 29.25
N LEU D 17 -3.92 -11.41 28.74
CA LEU D 17 -5.20 -10.88 29.18
C LEU D 17 -5.42 -11.13 30.67
N LYS D 18 -5.03 -12.31 31.15
CA LYS D 18 -5.14 -12.59 32.57
C LYS D 18 -4.19 -11.71 33.38
N GLN D 19 -3.06 -11.32 32.80
CA GLN D 19 -2.17 -10.38 33.46
C GLN D 19 -2.81 -9.00 33.59
N VAL D 20 -3.49 -8.55 32.53
CA VAL D 20 -4.01 -7.19 32.53
C VAL D 20 -5.36 -7.12 33.24
N HIS D 21 -6.31 -7.97 32.85
CA HIS D 21 -7.65 -8.00 33.44
C HIS D 21 -7.89 -9.40 33.97
N PRO D 22 -7.58 -9.66 35.24
CA PRO D 22 -7.66 -11.04 35.76
C PRO D 22 -9.06 -11.62 35.77
N ASP D 23 -10.11 -10.81 35.76
CA ASP D 23 -11.47 -11.32 35.84
C ASP D 23 -12.27 -11.10 34.56
N THR D 24 -11.61 -10.80 33.45
CA THR D 24 -12.27 -10.56 32.18
C THR D 24 -11.94 -11.69 31.21
N GLY D 25 -12.96 -12.25 30.57
CA GLY D 25 -12.77 -13.28 29.58
C GLY D 25 -12.75 -12.72 28.17
N ILE D 26 -12.73 -13.64 27.20
CA ILE D 26 -12.69 -13.26 25.79
C ILE D 26 -13.38 -14.35 24.99
N SER D 27 -14.07 -13.93 23.93
CA SER D 27 -14.85 -14.83 23.09
C SER D 27 -13.94 -15.48 22.04
N SER D 28 -14.56 -16.14 21.06
CA SER D 28 -13.80 -16.81 20.01
C SER D 28 -13.51 -15.88 18.84
N LYS D 29 -14.47 -15.04 18.47
CA LYS D 29 -14.23 -14.07 17.40
C LYS D 29 -13.16 -13.07 17.81
N ALA D 30 -13.18 -12.63 19.06
CA ALA D 30 -12.16 -11.71 19.54
C ALA D 30 -10.78 -12.37 19.56
N MET D 31 -10.71 -13.64 19.92
CA MET D 31 -9.44 -14.35 19.85
C MET D 31 -8.95 -14.49 18.42
N SER D 32 -9.86 -14.74 17.47
CA SER D 32 -9.46 -14.78 16.07
C SER D 32 -8.90 -13.43 15.63
N ILE D 33 -9.55 -12.34 16.05
CA ILE D 33 -9.08 -11.01 15.68
C ILE D 33 -7.70 -10.74 16.27
N MET D 34 -7.49 -11.10 17.53
CA MET D 34 -6.19 -10.88 18.15
C MET D 34 -5.11 -11.74 17.49
N ASN D 35 -5.44 -12.97 17.11
CA ASN D 35 -4.49 -13.80 16.38
C ASN D 35 -4.09 -13.17 15.06
N SER D 36 -5.07 -12.66 14.31
CA SER D 36 -4.77 -11.99 13.05
C SER D 36 -3.92 -10.76 13.28
N PHE D 37 -4.20 -10.00 14.36
CA PHE D 37 -3.42 -8.81 14.66
C PHE D 37 -1.97 -9.16 14.94
N VAL D 38 -1.74 -10.20 15.76
CA VAL D 38 -0.37 -10.60 16.08
C VAL D 38 0.36 -11.04 14.82
N ASN D 39 -0.28 -11.84 13.98
CA ASN D 39 0.36 -12.28 12.75
C ASN D 39 0.69 -11.11 11.84
N ASP D 40 -0.24 -10.16 11.71
CA ASP D 40 -0.02 -9.01 10.84
C ASP D 40 1.16 -8.18 11.31
N VAL D 41 1.23 -7.89 12.61
CA VAL D 41 2.32 -7.07 13.12
C VAL D 41 3.66 -7.81 13.00
N PHE D 42 3.67 -9.10 13.29
CA PHE D 42 4.88 -9.90 13.12
C PHE D 42 5.38 -9.82 11.68
N GLU D 43 4.49 -10.02 10.71
CA GLU D 43 4.91 -10.00 9.32
C GLU D 43 5.40 -8.63 8.90
N ARG D 44 4.73 -7.56 9.34
CA ARG D 44 5.17 -6.22 8.99
C ARG D 44 6.58 -5.94 9.51
N ILE D 45 6.81 -6.21 10.80
CA ILE D 45 8.11 -5.91 11.39
C ILE D 45 9.20 -6.77 10.77
N ALA D 46 8.92 -8.06 10.54
CA ALA D 46 9.92 -8.94 9.98
C ALA D 46 10.25 -8.55 8.54
N GLY D 47 9.25 -8.16 7.75
CA GLY D 47 9.52 -7.71 6.39
C GLY D 47 10.36 -6.45 6.35
N GLU D 48 10.04 -5.48 7.22
CA GLU D 48 10.85 -4.27 7.27
C GLU D 48 12.28 -4.57 7.69
N ALA D 49 12.47 -5.46 8.67
CA ALA D 49 13.81 -5.81 9.10
C ALA D 49 14.58 -6.51 7.99
N SER D 50 13.92 -7.39 7.24
CA SER D 50 14.58 -8.04 6.12
C SER D 50 15.01 -7.04 5.05
N ARG D 51 14.14 -6.07 4.75
CA ARG D 51 14.50 -5.03 3.80
C ARG D 51 15.70 -4.22 4.30
N LEU D 52 15.72 -3.90 5.59
CA LEU D 52 16.84 -3.15 6.15
C LEU D 52 18.14 -3.94 6.04
N ALA D 53 18.08 -5.24 6.31
CA ALA D 53 19.28 -6.07 6.16
C ALA D 53 19.74 -6.10 4.71
N HIS D 54 18.81 -6.20 3.76
CA HIS D 54 19.20 -6.26 2.35
C HIS D 54 19.77 -4.94 1.86
N TYR D 55 19.27 -3.82 2.36
CA TYR D 55 19.76 -2.52 1.90
C TYR D 55 21.23 -2.33 2.21
N ASN D 56 21.65 -2.73 3.41
CA ASN D 56 23.02 -2.52 3.87
C ASN D 56 23.93 -3.69 3.55
N LYS D 57 23.51 -4.59 2.65
CA LYS D 57 24.33 -5.71 2.21
C LYS D 57 24.78 -6.59 3.37
N ARG D 58 23.87 -6.80 4.32
CA ARG D 58 24.09 -7.72 5.42
C ARG D 58 23.24 -8.96 5.20
N SER D 59 23.62 -10.05 5.85
CA SER D 59 22.92 -11.33 5.72
C SER D 59 22.40 -11.83 7.05
N THR D 60 22.28 -10.97 8.04
CA THR D 60 21.83 -11.34 9.36
C THR D 60 20.77 -10.36 9.84
N ILE D 61 19.69 -10.88 10.41
CA ILE D 61 18.69 -10.07 11.08
C ILE D 61 19.05 -10.05 12.56
N THR D 62 19.45 -8.88 13.05
CA THR D 62 19.85 -8.70 14.43
C THR D 62 18.78 -7.89 15.17
N SER D 63 19.06 -7.57 16.43
CA SER D 63 18.12 -6.75 17.20
C SER D 63 18.17 -5.29 16.78
N ARG D 64 19.24 -4.85 16.11
CA ARG D 64 19.28 -3.50 15.59
C ARG D 64 18.33 -3.34 14.41
N GLU D 65 18.26 -4.34 13.54
CA GLU D 65 17.30 -4.30 12.45
C GLU D 65 15.87 -4.30 12.97
N ILE D 66 15.59 -5.10 14.00
CA ILE D 66 14.25 -5.12 14.58
C ILE D 66 13.94 -3.79 15.24
N GLN D 67 14.92 -3.19 15.91
CA GLN D 67 14.71 -1.89 16.55
C GLN D 67 14.41 -0.82 15.52
N THR D 68 15.15 -0.79 14.41
CA THR D 68 14.89 0.21 13.39
C THR D 68 13.57 -0.03 12.70
N ALA D 69 13.18 -1.30 12.50
CA ALA D 69 11.88 -1.58 11.91
C ALA D 69 10.75 -1.13 12.82
N VAL D 70 10.90 -1.33 14.13
CA VAL D 70 9.89 -0.85 15.08
C VAL D 70 9.83 0.67 15.05
N ARG D 71 10.98 1.33 14.95
CA ARG D 71 11.01 2.78 14.86
C ARG D 71 10.29 3.28 13.61
N LEU D 72 10.48 2.59 12.49
CA LEU D 72 9.88 3.03 11.23
C LEU D 72 8.38 2.77 11.20
N LEU D 73 7.94 1.61 11.69
CA LEU D 73 6.56 1.19 11.52
C LEU D 73 5.62 1.76 12.57
N LEU D 74 5.94 1.60 13.84
CA LEU D 74 5.02 2.00 14.89
C LEU D 74 4.96 3.53 15.00
N PRO D 75 3.76 4.11 15.16
CA PRO D 75 3.63 5.56 15.08
C PRO D 75 3.79 6.27 16.42
N GLY D 76 4.68 7.27 16.46
CA GLY D 76 4.77 8.16 17.60
C GLY D 76 5.12 7.46 18.89
N GLU D 77 4.39 7.83 19.95
CA GLU D 77 4.76 7.40 21.31
C GLU D 77 4.81 5.90 21.41
N LEU D 78 3.86 5.20 20.79
CA LEU D 78 3.86 3.74 20.72
C LEU D 78 5.27 3.22 20.46
N ALA D 79 5.87 3.68 19.37
CA ALA D 79 7.20 3.20 19.00
C ALA D 79 8.17 3.31 20.16
N LYS D 80 8.23 4.49 20.77
CA LYS D 80 9.16 4.69 21.87
C LYS D 80 8.97 3.64 22.93
N HIS D 81 7.73 3.46 23.40
CA HIS D 81 7.49 2.49 24.45
C HIS D 81 7.89 1.11 23.99
N ALA D 82 7.51 0.74 22.76
CA ALA D 82 7.86 -0.57 22.25
C ALA D 82 9.36 -0.77 22.31
N VAL D 83 10.12 0.22 21.85
CA VAL D 83 11.57 0.10 21.85
C VAL D 83 12.06 -0.21 23.26
N SER D 84 11.58 0.57 24.23
CA SER D 84 11.99 0.33 25.61
C SER D 84 11.75 -1.12 26.00
N GLU D 85 10.52 -1.60 25.78
CA GLU D 85 10.18 -2.96 26.15
C GLU D 85 11.16 -3.93 25.52
N GLY D 86 11.40 -3.76 24.22
CA GLY D 86 12.30 -4.68 23.54
C GLY D 86 13.67 -4.71 24.19
N THR D 87 14.23 -3.53 24.43
CA THR D 87 15.55 -3.48 25.06
C THR D 87 15.49 -4.14 26.42
N LYS D 88 14.44 -3.84 27.19
CA LYS D 88 14.30 -4.36 28.53
C LYS D 88 14.36 -5.88 28.53
N ALA D 89 13.91 -6.50 27.44
CA ALA D 89 13.96 -7.96 27.36
C ALA D 89 15.38 -8.43 27.09
N VAL D 90 16.01 -7.88 26.05
CA VAL D 90 17.26 -8.46 25.57
C VAL D 90 18.31 -8.41 26.66
N THR D 91 18.44 -7.26 27.33
CA THR D 91 19.37 -7.14 28.45
C THR D 91 19.13 -8.25 29.47
N LYS D 92 17.87 -8.44 29.88
CA LYS D 92 17.56 -9.50 30.82
C LYS D 92 17.97 -10.85 30.26
N TYR D 93 17.63 -11.11 29.00
CA TYR D 93 17.99 -12.38 28.38
C TYR D 93 19.50 -12.58 28.38
N THR D 94 20.26 -11.50 28.28
CA THR D 94 21.71 -11.64 28.29
C THR D 94 22.23 -11.95 29.69
N SER D 95 21.58 -11.41 30.72
CA SER D 95 22.07 -11.60 32.08
C SER D 95 21.99 -13.06 32.50
N ALA D 96 20.87 -13.71 32.16
CA ALA D 96 20.68 -15.11 32.53
C ALA D 96 21.55 -16.02 31.66
N HIS E 3 -51.13 11.75 14.88
CA HIS E 3 -49.74 11.93 15.27
C HIS E 3 -48.81 11.60 14.12
N ARG E 4 -47.75 12.40 13.96
CA ARG E 4 -46.80 12.21 12.87
C ARG E 4 -45.54 13.01 13.18
N TYR E 5 -44.39 12.35 13.06
CA TYR E 5 -43.11 13.02 13.31
C TYR E 5 -42.71 13.86 12.10
N ARG E 6 -42.00 14.94 12.38
CA ARG E 6 -41.52 15.81 11.32
C ARG E 6 -40.44 15.10 10.50
N PRO E 7 -40.31 15.43 9.22
CA PRO E 7 -39.27 14.80 8.41
C PRO E 7 -37.87 15.07 8.97
N GLY E 8 -37.05 14.03 8.98
CA GLY E 8 -35.71 14.11 9.51
C GLY E 8 -35.56 13.65 10.95
N THR E 9 -36.66 13.38 11.65
CA THR E 9 -36.58 12.93 13.03
C THR E 9 -36.35 11.43 13.10
N VAL E 10 -37.18 10.65 12.40
CA VAL E 10 -36.97 9.21 12.34
C VAL E 10 -35.66 8.90 11.64
N ALA E 11 -35.21 9.74 10.72
CA ALA E 11 -33.92 9.54 10.09
C ALA E 11 -32.78 9.63 11.11
N LEU E 12 -32.83 10.63 12.00
CA LEU E 12 -31.83 10.74 13.04
C LEU E 12 -31.93 9.57 14.02
N ARG E 13 -33.15 9.14 14.34
CA ARG E 13 -33.30 7.99 15.22
C ARG E 13 -32.68 6.74 14.60
N GLU E 14 -32.89 6.53 13.31
CA GLU E 14 -32.27 5.40 12.62
C GLU E 14 -30.76 5.53 12.58
N ILE E 15 -30.25 6.74 12.38
CA ILE E 15 -28.80 6.95 12.40
C ILE E 15 -28.23 6.53 13.75
N ARG E 16 -28.88 6.94 14.83
CA ARG E 16 -28.42 6.57 16.17
C ARG E 16 -28.58 5.07 16.41
N ARG E 17 -29.61 4.45 15.84
CA ARG E 17 -29.83 3.02 16.08
C ARG E 17 -28.81 2.17 15.36
N TYR E 18 -28.52 2.47 14.10
CA TYR E 18 -27.63 1.62 13.31
C TYR E 18 -26.16 1.93 13.51
N GLN E 19 -25.83 2.97 14.27
CA GLN E 19 -24.44 3.23 14.64
C GLN E 19 -24.07 2.60 15.97
N LYS E 20 -25.03 1.98 16.66
CA LYS E 20 -24.76 1.25 17.89
C LYS E 20 -24.67 -0.24 17.70
N SER E 21 -25.37 -0.78 16.70
CA SER E 21 -25.35 -2.21 16.43
C SER E 21 -24.10 -2.57 15.63
N THR E 22 -23.83 -3.88 15.57
CA THR E 22 -22.70 -4.41 14.81
C THR E 22 -23.12 -5.43 13.76
N GLU E 23 -24.42 -5.72 13.65
CA GLU E 23 -24.89 -6.76 12.75
C GLU E 23 -24.70 -6.35 11.29
N LEU E 24 -25.07 -7.26 10.39
CA LEU E 24 -24.99 -7.01 8.96
C LEU E 24 -26.33 -6.49 8.45
N LEU E 25 -26.28 -5.46 7.61
CA LEU E 25 -27.47 -4.76 7.18
C LEU E 25 -28.00 -5.22 5.84
N ILE E 26 -27.39 -6.23 5.23
CA ILE E 26 -27.85 -6.81 3.98
C ILE E 26 -28.30 -8.23 4.25
N ARG E 27 -29.43 -8.63 3.67
CA ARG E 27 -29.92 -10.00 3.83
C ARG E 27 -28.91 -10.98 3.24
N LYS E 28 -28.74 -12.11 3.92
CA LYS E 28 -27.65 -13.02 3.58
C LYS E 28 -27.91 -13.79 2.29
N LEU E 29 -29.13 -14.26 2.10
CA LEU E 29 -29.43 -15.05 0.90
C LEU E 29 -29.28 -14.26 -0.39
N PRO E 30 -29.85 -13.06 -0.53
CA PRO E 30 -29.61 -12.28 -1.75
C PRO E 30 -28.14 -11.99 -2.02
N PHE E 31 -27.37 -11.71 -0.96
CA PHE E 31 -25.94 -11.45 -1.14
C PHE E 31 -25.21 -12.69 -1.59
N GLN E 32 -25.57 -13.85 -1.03
CA GLN E 32 -24.95 -15.10 -1.47
C GLN E 32 -25.26 -15.38 -2.93
N ARG E 33 -26.50 -15.16 -3.35
CA ARG E 33 -26.86 -15.35 -4.74
C ARG E 33 -26.07 -14.40 -5.64
N LEU E 34 -25.93 -13.14 -5.23
CA LEU E 34 -25.16 -12.19 -6.02
C LEU E 34 -23.71 -12.60 -6.14
N VAL E 35 -23.11 -13.08 -5.05
CA VAL E 35 -21.72 -13.52 -5.08
C VAL E 35 -21.55 -14.70 -6.03
N ARG E 36 -22.47 -15.67 -5.96
CA ARG E 36 -22.39 -16.82 -6.85
C ARG E 36 -22.55 -16.42 -8.31
N GLU E 37 -23.50 -15.51 -8.59
CA GLU E 37 -23.68 -15.06 -9.96
C GLU E 37 -22.43 -14.35 -10.48
N ILE E 38 -21.80 -13.52 -9.64
CA ILE E 38 -20.59 -12.83 -10.07
C ILE E 38 -19.47 -13.83 -10.33
N ALA E 39 -19.31 -14.80 -9.44
CA ALA E 39 -18.23 -15.78 -9.61
C ALA E 39 -18.50 -16.73 -10.78
N GLN E 40 -19.73 -16.82 -11.25
CA GLN E 40 -20.02 -17.67 -12.42
C GLN E 40 -19.25 -17.23 -13.65
N ASP E 41 -18.90 -15.94 -13.75
CA ASP E 41 -18.25 -15.43 -14.94
C ASP E 41 -16.75 -15.68 -14.97
N PHE E 42 -16.17 -16.24 -13.91
CA PHE E 42 -14.74 -16.55 -13.87
C PHE E 42 -14.47 -18.04 -13.96
N LYS E 43 -15.22 -18.86 -13.23
CA LYS E 43 -15.08 -20.30 -13.29
C LYS E 43 -16.46 -20.93 -13.15
N THR E 44 -16.62 -22.08 -13.79
CA THR E 44 -17.91 -22.77 -13.82
C THR E 44 -17.91 -23.90 -12.80
N ASP E 45 -19.05 -24.05 -12.10
CA ASP E 45 -19.21 -25.07 -11.06
C ASP E 45 -18.22 -24.85 -9.92
N LEU E 46 -18.35 -23.68 -9.30
CA LEU E 46 -17.52 -23.28 -8.18
C LEU E 46 -18.28 -23.47 -6.88
N ARG E 47 -17.56 -23.84 -5.82
CA ARG E 47 -18.13 -24.00 -4.50
C ARG E 47 -17.56 -22.93 -3.57
N PHE E 48 -18.33 -22.58 -2.54
CA PHE E 48 -17.96 -21.53 -1.61
C PHE E 48 -18.11 -22.05 -0.19
N GLN E 49 -17.09 -21.87 0.63
CA GLN E 49 -17.28 -22.04 2.06
C GLN E 49 -18.20 -20.96 2.59
N SER E 50 -18.92 -21.26 3.67
CA SER E 50 -19.78 -20.26 4.28
C SER E 50 -18.96 -19.09 4.79
N SER E 51 -17.77 -19.38 5.33
CA SER E 51 -16.90 -18.31 5.80
C SER E 51 -16.47 -17.38 4.67
N ALA E 52 -16.31 -17.91 3.46
CA ALA E 52 -15.94 -17.06 2.33
C ALA E 52 -17.02 -16.03 2.04
N VAL E 53 -18.27 -16.47 2.00
CA VAL E 53 -19.36 -15.54 1.73
C VAL E 53 -19.51 -14.55 2.88
N MET E 54 -19.34 -15.01 4.12
CA MET E 54 -19.44 -14.09 5.26
C MET E 54 -18.33 -13.04 5.21
N ALA E 55 -17.11 -13.45 4.86
CA ALA E 55 -16.01 -12.49 4.75
C ALA E 55 -16.27 -11.48 3.66
N LEU E 56 -16.78 -11.94 2.51
CA LEU E 56 -17.10 -11.02 1.43
C LEU E 56 -18.17 -10.03 1.87
N GLN E 57 -19.17 -10.49 2.61
CA GLN E 57 -20.22 -9.58 3.07
C GLN E 57 -19.65 -8.54 4.03
N GLU E 58 -18.81 -8.96 4.97
CA GLU E 58 -18.23 -8.01 5.92
C GLU E 58 -17.40 -6.95 5.19
N ALA E 59 -16.55 -7.39 4.26
CA ALA E 59 -15.72 -6.45 3.51
C ALA E 59 -16.59 -5.47 2.71
N SER E 60 -17.61 -5.98 2.03
CA SER E 60 -18.45 -5.11 1.21
C SER E 60 -19.20 -4.09 2.05
N GLU E 61 -19.74 -4.52 3.19
CA GLU E 61 -20.48 -3.59 4.04
C GLU E 61 -19.56 -2.52 4.62
N ALA E 62 -18.36 -2.90 5.05
CA ALA E 62 -17.42 -1.90 5.55
C ALA E 62 -17.06 -0.89 4.46
N TYR E 63 -16.81 -1.39 3.25
CA TYR E 63 -16.46 -0.50 2.13
C TYR E 63 -17.59 0.49 1.86
N LEU E 64 -18.83 0.00 1.82
CA LEU E 64 -19.95 0.87 1.49
C LEU E 64 -20.19 1.89 2.59
N VAL E 65 -20.03 1.50 3.85
CA VAL E 65 -20.23 2.46 4.93
C VAL E 65 -19.18 3.57 4.87
N ALA E 66 -17.91 3.21 4.64
CA ALA E 66 -16.89 4.25 4.53
C ALA E 66 -17.14 5.16 3.33
N LEU E 67 -17.55 4.59 2.21
CA LEU E 67 -17.87 5.40 1.04
C LEU E 67 -19.01 6.37 1.33
N PHE E 68 -20.01 5.92 2.09
CA PHE E 68 -21.12 6.81 2.41
C PHE E 68 -20.70 7.92 3.37
N GLU E 69 -19.76 7.65 4.28
CA GLU E 69 -19.22 8.72 5.11
C GLU E 69 -18.54 9.79 4.26
N ASP E 70 -17.69 9.36 3.32
CA ASP E 70 -17.04 10.33 2.44
C ASP E 70 -18.06 11.08 1.58
N THR E 71 -19.09 10.38 1.11
CA THR E 71 -20.14 11.02 0.33
C THR E 71 -20.88 12.07 1.14
N ASN E 72 -21.15 11.78 2.41
CA ASN E 72 -21.80 12.77 3.27
C ASN E 72 -20.94 14.00 3.45
N LEU E 73 -19.63 13.81 3.61
CA LEU E 73 -18.73 14.96 3.70
C LEU E 73 -18.78 15.79 2.43
N CYS E 74 -18.74 15.14 1.27
CA CYS E 74 -18.81 15.86 0.00
C CYS E 74 -20.11 16.63 -0.14
N ALA E 75 -21.23 16.02 0.27
CA ALA E 75 -22.51 16.70 0.18
C ALA E 75 -22.58 17.91 1.09
N ILE E 76 -22.07 17.79 2.32
CA ILE E 76 -22.05 18.92 3.24
C ILE E 76 -21.17 20.03 2.72
N HIS E 77 -20.09 19.69 2.01
CA HIS E 77 -19.21 20.71 1.45
C HIS E 77 -19.97 21.66 0.53
N ALA E 78 -20.90 21.14 -0.26
CA ALA E 78 -21.65 21.92 -1.22
C ALA E 78 -22.87 22.61 -0.62
N LYS E 79 -22.95 22.67 0.72
CA LYS E 79 -24.07 23.28 1.44
C LYS E 79 -25.38 22.59 1.10
N ARG E 80 -25.41 21.28 1.36
CA ARG E 80 -26.57 20.45 1.10
C ARG E 80 -26.72 19.45 2.23
N VAL E 81 -27.90 18.85 2.31
CA VAL E 81 -28.17 17.80 3.28
C VAL E 81 -28.38 16.44 2.62
N THR E 82 -28.87 16.40 1.38
CA THR E 82 -29.05 15.15 0.67
C THR E 82 -27.77 14.79 -0.08
N ILE E 83 -27.55 13.49 -0.24
CA ILE E 83 -26.42 12.97 -0.99
C ILE E 83 -26.90 12.62 -2.40
N MET E 84 -26.18 13.09 -3.40
CA MET E 84 -26.52 12.85 -4.79
C MET E 84 -25.44 11.98 -5.43
N PRO E 85 -25.68 11.40 -6.61
CA PRO E 85 -24.62 10.59 -7.25
C PRO E 85 -23.35 11.36 -7.53
N LYS E 86 -23.43 12.68 -7.73
CA LYS E 86 -22.23 13.47 -7.96
C LYS E 86 -21.30 13.45 -6.75
N ASP E 87 -21.85 13.39 -5.55
CA ASP E 87 -21.01 13.28 -4.35
C ASP E 87 -20.29 11.95 -4.31
N ILE E 88 -20.96 10.86 -4.66
CA ILE E 88 -20.31 9.55 -4.72
C ILE E 88 -19.19 9.57 -5.74
N GLN E 89 -19.45 10.16 -6.92
CA GLN E 89 -18.43 10.21 -7.95
C GLN E 89 -17.23 11.04 -7.52
N LEU E 90 -17.48 12.17 -6.85
CA LEU E 90 -16.36 12.98 -6.37
C LEU E 90 -15.54 12.26 -5.31
N ALA E 91 -16.21 11.59 -4.37
CA ALA E 91 -15.48 10.87 -3.35
C ALA E 91 -14.64 9.77 -3.95
N ARG E 92 -15.20 9.02 -4.91
CA ARG E 92 -14.45 7.94 -5.53
C ARG E 92 -13.28 8.48 -6.35
N ARG E 93 -13.49 9.59 -7.06
CA ARG E 93 -12.42 10.15 -7.88
C ARG E 93 -11.27 10.68 -7.01
N ILE E 94 -11.59 11.32 -5.88
CA ILE E 94 -10.54 11.81 -5.00
C ILE E 94 -9.82 10.64 -4.33
N ARG E 95 -10.56 9.61 -3.93
CA ARG E 95 -9.93 8.45 -3.32
C ARG E 95 -8.98 7.74 -4.27
N GLY E 96 -9.12 7.95 -5.57
CA GLY E 96 -8.29 7.29 -6.55
C GLY E 96 -8.93 6.12 -7.26
N GLU E 97 -10.17 5.78 -6.92
CA GLU E 97 -10.84 4.65 -7.55
C GLU E 97 -11.34 4.96 -8.94
N ARG E 98 -11.49 6.24 -9.30
CA ARG E 98 -11.93 6.62 -10.63
C ARG E 98 -11.44 8.01 -10.99
N ARG F 8 -31.70 -14.14 -13.14
CA ARG F 8 -30.29 -13.96 -12.80
C ARG F 8 -29.96 -12.49 -12.56
N ASP F 9 -30.99 -11.70 -12.28
CA ASP F 9 -30.80 -10.29 -11.91
C ASP F 9 -30.81 -10.17 -10.39
N ASN F 10 -29.79 -10.78 -9.78
CA ASN F 10 -29.67 -10.78 -8.33
C ASN F 10 -29.02 -9.53 -7.78
N ILE F 11 -28.56 -8.61 -8.64
CA ILE F 11 -28.09 -7.32 -8.14
C ILE F 11 -29.22 -6.53 -7.54
N GLN F 12 -30.46 -6.85 -7.88
CA GLN F 12 -31.63 -6.23 -7.26
C GLN F 12 -31.95 -6.86 -5.91
N GLY F 13 -31.24 -7.90 -5.50
CA GLY F 13 -31.38 -8.41 -4.15
C GLY F 13 -30.85 -7.47 -3.09
N ILE F 14 -30.01 -6.52 -3.49
CA ILE F 14 -29.58 -5.44 -2.61
C ILE F 14 -30.66 -4.37 -2.67
N THR F 15 -31.66 -4.48 -1.81
CA THR F 15 -32.86 -3.67 -1.93
C THR F 15 -32.58 -2.23 -1.51
N LYS F 16 -33.56 -1.37 -1.81
CA LYS F 16 -33.48 0.01 -1.37
C LYS F 16 -33.41 0.18 0.13
N PRO F 17 -34.20 -0.53 0.95
CA PRO F 17 -34.03 -0.42 2.40
C PRO F 17 -32.66 -0.82 2.90
N ALA F 18 -32.00 -1.79 2.27
CA ALA F 18 -30.66 -2.18 2.70
C ALA F 18 -29.65 -1.07 2.45
N ILE F 19 -29.72 -0.46 1.27
CA ILE F 19 -28.84 0.67 0.96
C ILE F 19 -29.12 1.83 1.90
N ARG F 20 -30.39 2.04 2.23
CA ARG F 20 -30.74 3.10 3.16
C ARG F 20 -30.18 2.84 4.56
N ARG F 21 -30.20 1.57 5.00
CA ARG F 21 -29.60 1.23 6.29
C ARG F 21 -28.09 1.44 6.26
N LEU F 22 -27.44 1.05 5.17
CA LEU F 22 -26.00 1.26 5.06
C LEU F 22 -25.65 2.74 5.08
N ALA F 23 -26.51 3.56 4.48
CA ALA F 23 -26.29 5.01 4.53
C ALA F 23 -26.54 5.57 5.92
N ARG F 24 -27.53 5.03 6.63
CA ARG F 24 -27.79 5.47 8.00
C ARG F 24 -26.61 5.17 8.91
N ARG F 25 -25.99 4.00 8.76
CA ARG F 25 -24.81 3.70 9.55
C ARG F 25 -23.65 4.65 9.24
N GLY F 26 -23.60 5.17 8.02
CA GLY F 26 -22.59 6.13 7.65
C GLY F 26 -22.89 7.56 8.02
N GLY F 27 -24.01 7.82 8.67
CA GLY F 27 -24.34 9.15 9.14
C GLY F 27 -25.12 10.02 8.17
N VAL F 28 -25.73 9.43 7.16
CA VAL F 28 -26.44 10.18 6.13
C VAL F 28 -27.89 10.38 6.57
N LYS F 29 -28.38 11.61 6.46
CA LYS F 29 -29.72 11.97 6.90
C LYS F 29 -30.76 11.96 5.78
N ARG F 30 -30.43 12.52 4.63
CA ARG F 30 -31.34 12.56 3.49
C ARG F 30 -30.66 11.94 2.28
N ILE F 31 -31.39 11.13 1.53
CA ILE F 31 -30.85 10.36 0.42
C ILE F 31 -31.65 10.68 -0.83
N SER F 32 -30.94 11.03 -1.90
CA SER F 32 -31.59 11.27 -3.18
C SER F 32 -32.09 9.95 -3.78
N GLY F 33 -32.95 10.07 -4.78
CA GLY F 33 -33.58 8.89 -5.35
C GLY F 33 -32.73 8.09 -6.30
N LEU F 34 -31.68 8.69 -6.86
CA LEU F 34 -30.81 8.01 -7.80
C LEU F 34 -29.58 7.43 -7.15
N ILE F 35 -29.49 7.46 -5.83
CA ILE F 35 -28.34 6.92 -5.12
C ILE F 35 -28.28 5.41 -5.24
N TYR F 36 -29.43 4.75 -5.38
CA TYR F 36 -29.48 3.30 -5.26
C TYR F 36 -28.81 2.60 -6.45
N GLU F 37 -29.07 3.06 -7.67
CA GLU F 37 -28.43 2.45 -8.83
C GLU F 37 -26.92 2.67 -8.79
N GLU F 38 -26.48 3.87 -8.40
CA GLU F 38 -25.05 4.14 -8.27
C GLU F 38 -24.40 3.23 -7.24
N THR F 39 -25.07 3.04 -6.10
CA THR F 39 -24.54 2.16 -5.07
C THR F 39 -24.46 0.73 -5.55
N ARG F 40 -25.47 0.27 -6.30
CA ARG F 40 -25.42 -1.08 -6.83
C ARG F 40 -24.26 -1.26 -7.80
N GLY F 41 -24.02 -0.27 -8.66
CA GLY F 41 -22.88 -0.36 -9.55
C GLY F 41 -21.55 -0.39 -8.82
N VAL F 42 -21.41 0.46 -7.79
CA VAL F 42 -20.18 0.50 -7.01
C VAL F 42 -19.93 -0.84 -6.33
N LEU F 43 -20.98 -1.40 -5.72
CA LEU F 43 -20.83 -2.69 -5.05
C LEU F 43 -20.48 -3.79 -6.03
N LYS F 44 -21.09 -3.78 -7.22
CA LYS F 44 -20.76 -4.81 -8.20
C LYS F 44 -19.31 -4.70 -8.65
N VAL F 45 -18.80 -3.48 -8.83
CA VAL F 45 -17.40 -3.33 -9.22
C VAL F 45 -16.47 -3.88 -8.14
N PHE F 46 -16.73 -3.51 -6.88
CA PHE F 46 -15.89 -3.97 -5.79
C PHE F 46 -15.91 -5.50 -5.69
N LEU F 47 -17.10 -6.08 -5.74
CA LEU F 47 -17.23 -7.53 -5.65
C LEU F 47 -16.54 -8.23 -6.80
N GLU F 48 -16.65 -7.68 -8.01
CA GLU F 48 -16.00 -8.29 -9.16
C GLU F 48 -14.49 -8.35 -8.96
N ASN F 49 -13.89 -7.24 -8.54
CA ASN F 49 -12.44 -7.23 -8.33
C ASN F 49 -12.03 -8.27 -7.28
N VAL F 50 -12.68 -8.24 -6.12
CA VAL F 50 -12.27 -9.12 -5.03
C VAL F 50 -12.48 -10.59 -5.40
N ILE F 51 -13.62 -10.91 -6.02
CA ILE F 51 -13.90 -12.30 -6.35
C ILE F 51 -12.99 -12.80 -7.46
N ARG F 52 -12.62 -11.94 -8.41
CA ARG F 52 -11.68 -12.35 -9.43
C ARG F 52 -10.34 -12.73 -8.80
N ASP F 53 -9.85 -11.90 -7.87
CA ASP F 53 -8.58 -12.23 -7.21
C ASP F 53 -8.70 -13.52 -6.40
N ALA F 54 -9.82 -13.70 -5.69
CA ALA F 54 -10.01 -14.89 -4.88
C ALA F 54 -10.05 -16.15 -5.74
N VAL F 55 -10.72 -16.08 -6.90
CA VAL F 55 -10.79 -17.23 -7.79
C VAL F 55 -9.42 -17.53 -8.39
N THR F 56 -8.62 -16.51 -8.67
CA THR F 56 -7.25 -16.76 -9.12
C THR F 56 -6.46 -17.51 -8.06
N TYR F 57 -6.56 -17.07 -6.80
CA TYR F 57 -5.88 -17.75 -5.71
C TYR F 57 -6.36 -19.19 -5.58
N THR F 58 -7.66 -19.42 -5.72
CA THR F 58 -8.21 -20.77 -5.62
C THR F 58 -7.70 -21.66 -6.76
N GLU F 59 -7.67 -21.13 -7.98
CA GLU F 59 -7.25 -21.91 -9.13
C GLU F 59 -5.78 -22.28 -9.04
N HIS F 60 -4.94 -21.38 -8.52
CA HIS F 60 -3.52 -21.72 -8.38
C HIS F 60 -3.33 -22.94 -7.48
N ALA F 61 -4.18 -23.11 -6.48
CA ALA F 61 -4.07 -24.23 -5.56
C ALA F 61 -4.69 -25.50 -6.09
N LYS F 62 -5.24 -25.47 -7.31
CA LYS F 62 -5.87 -26.63 -7.93
C LYS F 62 -7.03 -27.15 -7.09
N ARG F 63 -7.79 -26.23 -6.52
CA ARG F 63 -8.98 -26.54 -5.73
C ARG F 63 -10.23 -26.14 -6.50
N LYS F 64 -11.38 -26.55 -5.99
CA LYS F 64 -12.66 -26.18 -6.57
C LYS F 64 -13.54 -25.37 -5.64
N THR F 65 -13.27 -25.32 -4.35
CA THR F 65 -13.99 -24.49 -3.42
C THR F 65 -13.19 -23.23 -3.12
N VAL F 66 -13.88 -22.10 -2.99
CA VAL F 66 -13.25 -20.84 -2.64
C VAL F 66 -13.26 -20.73 -1.11
N THR F 67 -12.10 -20.94 -0.50
CA THR F 67 -12.01 -20.91 0.95
C THR F 67 -11.98 -19.47 1.46
N ALA F 68 -12.14 -19.32 2.77
CA ALA F 68 -12.11 -17.99 3.37
C ALA F 68 -10.73 -17.36 3.28
N MET F 69 -9.67 -18.18 3.30
CA MET F 69 -8.33 -17.65 3.22
C MET F 69 -8.05 -17.02 1.86
N ASP F 70 -8.63 -17.59 0.79
CA ASP F 70 -8.50 -16.98 -0.51
C ASP F 70 -9.10 -15.58 -0.53
N VAL F 71 -10.27 -15.43 0.09
CA VAL F 71 -10.91 -14.11 0.17
C VAL F 71 -10.05 -13.16 0.99
N VAL F 72 -9.49 -13.65 2.10
CA VAL F 72 -8.68 -12.78 2.95
C VAL F 72 -7.43 -12.31 2.21
N TYR F 73 -6.77 -13.21 1.49
CA TYR F 73 -5.60 -12.82 0.71
C TYR F 73 -5.97 -11.86 -0.41
N ALA F 74 -7.10 -12.11 -1.08
CA ALA F 74 -7.54 -11.21 -2.14
C ALA F 74 -7.81 -9.82 -1.61
N LEU F 75 -8.43 -9.72 -0.43
CA LEU F 75 -8.65 -8.41 0.18
C LEU F 75 -7.33 -7.75 0.57
N LYS F 76 -6.42 -8.50 1.18
CA LYS F 76 -5.14 -7.93 1.60
C LYS F 76 -4.34 -7.44 0.40
N ARG F 77 -4.54 -8.05 -0.76
CA ARG F 77 -3.86 -7.58 -1.97
C ARG F 77 -4.29 -6.15 -2.32
N GLN F 78 -5.58 -5.85 -2.21
CA GLN F 78 -6.09 -4.53 -2.53
C GLN F 78 -5.80 -3.50 -1.45
N GLY F 79 -5.24 -3.92 -0.32
CA GLY F 79 -5.03 -3.01 0.78
C GLY F 79 -6.24 -2.86 1.68
N ARG F 80 -6.95 -3.95 1.94
CA ARG F 80 -8.18 -3.96 2.73
C ARG F 80 -8.15 -5.10 3.73
N THR F 81 -7.05 -5.20 4.48
CA THR F 81 -6.87 -6.27 5.45
C THR F 81 -8.11 -6.47 6.30
N LEU F 82 -8.48 -7.73 6.52
CA LEU F 82 -9.69 -8.09 7.25
C LEU F 82 -9.32 -9.02 8.39
N TYR F 83 -9.72 -8.65 9.60
CA TYR F 83 -9.43 -9.42 10.80
C TYR F 83 -10.67 -10.18 11.24
N GLY F 84 -10.48 -11.45 11.60
CA GLY F 84 -11.54 -12.28 12.16
C GLY F 84 -11.78 -13.56 11.41
N PHE F 85 -11.52 -13.58 10.11
CA PHE F 85 -11.68 -14.75 9.27
C PHE F 85 -10.32 -15.28 8.90
N GLY F 86 -10.04 -16.54 9.26
CA GLY F 86 -8.73 -17.06 8.98
C GLY F 86 -7.68 -16.43 9.89
N GLY F 87 -6.43 -16.62 9.50
CA GLY F 87 -5.31 -16.16 10.30
C GLY F 87 -4.38 -15.20 9.59
N ARG G 2 34.86 -29.48 -24.14
CA ARG G 2 33.48 -29.07 -24.00
C ARG G 2 33.01 -28.25 -25.19
N ALA G 3 31.70 -28.13 -25.36
CA ALA G 3 31.15 -27.30 -26.41
C ALA G 3 31.19 -25.83 -26.00
N LYS G 4 31.06 -24.96 -27.00
CA LYS G 4 31.08 -23.53 -26.74
C LYS G 4 29.87 -23.12 -25.91
N ALA G 5 30.09 -22.21 -24.98
CA ALA G 5 29.02 -21.78 -24.09
C ALA G 5 27.94 -21.04 -24.86
N LYS G 6 26.68 -21.31 -24.53
CA LYS G 6 25.54 -20.61 -25.08
C LYS G 6 24.73 -20.05 -23.92
N THR G 7 24.51 -18.74 -23.92
CA THR G 7 23.73 -18.12 -22.87
C THR G 7 22.29 -18.61 -22.91
N ARG G 8 21.66 -18.66 -21.74
CA ARG G 8 20.26 -19.08 -21.67
C ARG G 8 19.35 -18.07 -22.34
N SER G 9 19.75 -16.80 -22.39
CA SER G 9 18.93 -15.80 -23.06
C SER G 9 18.83 -16.09 -24.55
N SER G 10 19.95 -16.44 -25.17
CA SER G 10 19.92 -16.77 -26.60
C SER G 10 19.19 -18.08 -26.84
N ARG G 11 19.32 -19.03 -25.90
CA ARG G 11 18.62 -20.30 -26.02
C ARG G 11 17.11 -20.12 -25.94
N ALA G 12 16.65 -19.19 -25.10
CA ALA G 12 15.24 -18.88 -24.98
C ALA G 12 14.78 -17.78 -25.94
N GLY G 13 15.70 -17.17 -26.69
CA GLY G 13 15.34 -16.14 -27.64
C GLY G 13 15.02 -14.79 -27.05
N LEU G 14 15.66 -14.42 -25.94
CA LEU G 14 15.40 -13.16 -25.27
C LEU G 14 16.61 -12.24 -25.35
N GLN G 15 16.37 -10.98 -25.01
CA GLN G 15 17.44 -10.00 -24.87
C GLN G 15 17.82 -9.75 -23.42
N PHE G 16 16.90 -9.92 -22.48
CA PHE G 16 17.18 -9.75 -21.07
C PHE G 16 17.93 -10.96 -20.53
N PRO G 17 18.73 -10.79 -19.47
CA PRO G 17 19.60 -11.87 -19.01
C PRO G 17 18.83 -12.86 -18.15
N VAL G 18 18.91 -14.14 -18.51
CA VAL G 18 18.27 -15.18 -17.72
C VAL G 18 19.17 -15.62 -16.56
N GLY G 19 20.48 -15.65 -16.77
CA GLY G 19 21.38 -16.02 -15.69
C GLY G 19 21.39 -15.00 -14.56
N ARG G 20 21.41 -13.71 -14.91
CA ARG G 20 21.37 -12.68 -13.88
C ARG G 20 20.05 -12.69 -13.12
N VAL G 21 18.93 -12.90 -13.83
CA VAL G 21 17.64 -12.98 -13.16
C VAL G 21 17.59 -14.19 -12.24
N HIS G 22 18.15 -15.32 -12.67
CA HIS G 22 18.21 -16.50 -11.82
C HIS G 22 19.03 -16.22 -10.57
N ARG G 23 20.17 -15.54 -10.71
CA ARG G 23 21.00 -15.23 -9.56
C ARG G 23 20.28 -14.28 -8.61
N LEU G 24 19.58 -13.29 -9.14
CA LEU G 24 18.85 -12.35 -8.29
C LEU G 24 17.71 -13.04 -7.55
N LEU G 25 17.05 -14.00 -8.21
CA LEU G 25 16.01 -14.77 -7.54
C LEU G 25 16.60 -15.66 -6.45
N ARG G 26 17.77 -16.25 -6.70
CA ARG G 26 18.35 -17.17 -5.74
C ARG G 26 18.90 -16.43 -4.53
N LYS G 27 19.50 -15.27 -4.72
CA LYS G 27 20.10 -14.52 -3.63
C LYS G 27 19.18 -13.46 -3.05
N GLY G 28 17.95 -13.36 -3.53
CA GLY G 28 17.02 -12.35 -3.07
C GLY G 28 16.14 -12.75 -1.91
N ASN G 29 16.29 -13.96 -1.38
CA ASN G 29 15.52 -14.45 -0.24
C ASN G 29 14.03 -14.46 -0.54
N TYR G 30 13.66 -15.22 -1.57
CA TYR G 30 12.28 -15.40 -1.97
C TYR G 30 11.74 -16.79 -1.67
N ALA G 31 12.54 -17.82 -1.89
CA ALA G 31 12.15 -19.18 -1.57
C ALA G 31 13.42 -20.00 -1.39
N GLU G 32 13.25 -21.21 -0.82
CA GLU G 32 14.40 -22.07 -0.59
C GLU G 32 14.98 -22.58 -1.90
N ARG G 33 14.14 -22.83 -2.90
CA ARG G 33 14.57 -23.31 -4.20
C ARG G 33 13.92 -22.49 -5.30
N VAL G 34 14.57 -22.46 -6.46
CA VAL G 34 14.09 -21.74 -7.62
C VAL G 34 14.11 -22.68 -8.82
N GLY G 35 13.00 -22.76 -9.53
CA GLY G 35 12.89 -23.67 -10.65
C GLY G 35 13.75 -23.26 -11.82
N ALA G 36 13.83 -24.16 -12.81
CA ALA G 36 14.65 -23.92 -13.98
C ALA G 36 14.01 -22.95 -14.97
N GLY G 37 12.68 -22.93 -15.04
CA GLY G 37 11.96 -22.09 -15.96
C GLY G 37 11.43 -20.80 -15.40
N ALA G 38 11.56 -20.56 -14.11
CA ALA G 38 11.11 -19.29 -13.54
C ALA G 38 11.91 -18.11 -14.06
N PRO G 39 13.25 -18.13 -14.11
CA PRO G 39 13.97 -16.99 -14.68
C PRO G 39 13.63 -16.72 -16.13
N VAL G 40 13.37 -17.74 -16.93
CA VAL G 40 13.01 -17.52 -18.33
C VAL G 40 11.68 -16.79 -18.43
N TYR G 41 10.69 -17.24 -17.66
CA TYR G 41 9.38 -16.59 -17.64
C TYR G 41 9.50 -15.13 -17.19
N LEU G 42 10.25 -14.91 -16.10
CA LEU G 42 10.38 -13.55 -15.57
C LEU G 42 11.11 -12.63 -16.55
N ALA G 43 12.17 -13.12 -17.19
CA ALA G 43 12.88 -12.32 -18.16
C ALA G 43 12.00 -11.98 -19.35
N ALA G 44 11.20 -12.95 -19.82
CA ALA G 44 10.30 -12.67 -20.94
C ALA G 44 9.27 -11.60 -20.57
N VAL G 45 8.73 -11.68 -19.35
CA VAL G 45 7.74 -10.68 -18.93
C VAL G 45 8.36 -9.30 -18.84
N LEU G 46 9.57 -9.21 -18.24
CA LEU G 46 10.23 -7.92 -18.11
C LEU G 46 10.55 -7.34 -19.48
N GLU G 47 11.00 -8.17 -20.42
CA GLU G 47 11.28 -7.68 -21.76
C GLU G 47 10.02 -7.20 -22.45
N TYR G 48 8.90 -7.90 -22.26
CA TYR G 48 7.65 -7.45 -22.86
C TYR G 48 7.26 -6.08 -22.34
N LEU G 49 7.30 -5.89 -21.02
CA LEU G 49 6.89 -4.61 -20.46
C LEU G 49 7.82 -3.48 -20.91
N THR G 50 9.13 -3.76 -20.93
CA THR G 50 10.09 -2.75 -21.40
C THR G 50 9.82 -2.37 -22.85
N ALA G 51 9.54 -3.36 -23.70
CA ALA G 51 9.28 -3.07 -25.10
C ALA G 51 8.01 -2.24 -25.26
N GLU G 52 6.97 -2.53 -24.49
CA GLU G 52 5.76 -1.72 -24.54
C GLU G 52 6.04 -0.27 -24.18
N ILE G 53 6.71 -0.05 -23.05
CA ILE G 53 6.99 1.31 -22.61
C ILE G 53 7.84 2.05 -23.63
N LEU G 54 8.86 1.37 -24.18
CA LEU G 54 9.76 2.04 -25.12
C LEU G 54 9.08 2.32 -26.44
N GLU G 55 8.18 1.44 -26.89
CA GLU G 55 7.40 1.73 -28.09
C GLU G 55 6.60 3.01 -27.92
N LEU G 56 5.85 3.10 -26.82
CA LEU G 56 5.02 4.28 -26.63
C LEU G 56 5.87 5.54 -26.46
N ALA G 57 6.97 5.44 -25.71
CA ALA G 57 7.84 6.60 -25.50
C ALA G 57 8.48 7.07 -26.78
N GLY G 58 8.91 6.15 -27.64
CA GLY G 58 9.48 6.54 -28.91
C GLY G 58 8.47 7.18 -29.83
N ASN G 59 7.23 6.70 -29.81
CA ASN G 59 6.19 7.35 -30.59
C ASN G 59 5.95 8.77 -30.08
N ALA G 60 5.92 8.96 -28.76
CA ALA G 60 5.75 10.29 -28.20
C ALA G 60 6.91 11.21 -28.58
N ALA G 61 8.13 10.68 -28.57
CA ALA G 61 9.29 11.48 -28.97
C ALA G 61 9.21 11.87 -30.44
N ARG G 62 8.78 10.93 -31.29
CA ARG G 62 8.68 11.23 -32.72
C ARG G 62 7.62 12.28 -33.00
N ASP G 63 6.48 12.21 -32.30
CA ASP G 63 5.46 13.23 -32.47
C ASP G 63 5.92 14.60 -32.02
N ASN G 64 6.99 14.67 -31.24
CA ASN G 64 7.56 15.93 -30.78
C ASN G 64 8.75 16.39 -31.63
N LYS G 65 9.03 15.69 -32.73
CA LYS G 65 10.15 16.02 -33.61
C LYS G 65 11.48 15.99 -32.86
N LYS G 66 11.66 14.94 -32.06
CA LYS G 66 12.90 14.74 -31.32
C LYS G 66 13.39 13.31 -31.54
N THR G 67 14.71 13.14 -31.47
CA THR G 67 15.32 11.84 -31.70
C THR G 67 15.50 11.06 -30.40
N ARG G 68 15.94 11.73 -29.34
CA ARG G 68 16.20 11.08 -28.07
C ARG G 68 14.95 11.07 -27.19
N ILE G 69 14.90 10.09 -26.30
CA ILE G 69 13.79 9.93 -25.36
C ILE G 69 14.20 10.56 -24.04
N ILE G 70 13.38 11.49 -23.55
CA ILE G 70 13.64 12.17 -22.29
C ILE G 70 12.53 11.78 -21.32
N PRO G 71 12.64 12.06 -20.02
CA PRO G 71 11.60 11.61 -19.08
C PRO G 71 10.21 12.15 -19.40
N ARG G 72 10.12 13.30 -20.07
CA ARG G 72 8.81 13.82 -20.46
C ARG G 72 8.09 12.85 -21.37
N HIS G 73 8.81 12.23 -22.30
CA HIS G 73 8.20 11.28 -23.22
C HIS G 73 7.76 10.01 -22.50
N LEU G 74 8.54 9.54 -21.53
CA LEU G 74 8.11 8.40 -20.73
C LEU G 74 6.84 8.71 -19.95
N GLN G 75 6.76 9.92 -19.38
CA GLN G 75 5.55 10.31 -18.66
C GLN G 75 4.35 10.39 -19.60
N LEU G 76 4.54 10.98 -20.78
CA LEU G 76 3.45 11.05 -21.74
C LEU G 76 2.99 9.67 -22.19
N ALA G 77 3.94 8.76 -22.40
CA ALA G 77 3.59 7.40 -22.78
C ALA G 77 2.81 6.69 -21.70
N VAL G 78 3.25 6.81 -20.44
CA VAL G 78 2.60 6.09 -19.35
C VAL G 78 1.22 6.65 -19.06
N ARG G 79 1.11 7.98 -19.00
CA ARG G 79 -0.13 8.58 -18.52
C ARG G 79 -1.25 8.51 -19.56
N ASN G 80 -0.90 8.44 -20.83
CA ASN G 80 -1.90 8.39 -21.90
C ASN G 80 -2.37 6.98 -22.20
N ASP G 81 -1.87 5.98 -21.48
CA ASP G 81 -2.25 4.59 -21.68
C ASP G 81 -2.95 4.09 -20.43
N GLU G 82 -4.13 3.47 -20.61
CA GLU G 82 -4.95 3.11 -19.47
C GLU G 82 -4.30 2.02 -18.62
N GLU G 83 -3.85 0.94 -19.26
CA GLU G 83 -3.27 -0.18 -18.53
C GLU G 83 -1.97 0.23 -17.84
N LEU G 84 -1.10 0.94 -18.55
CA LEU G 84 0.16 1.36 -17.97
C LEU G 84 -0.06 2.39 -16.87
N ASN G 85 -1.05 3.27 -17.03
CA ASN G 85 -1.37 4.22 -15.98
C ASN G 85 -1.87 3.51 -14.73
N LYS G 86 -2.67 2.46 -14.90
CA LYS G 86 -3.13 1.71 -13.73
C LYS G 86 -1.99 0.93 -13.09
N LEU G 87 -1.03 0.44 -13.89
CA LEU G 87 0.10 -0.27 -13.32
C LEU G 87 0.99 0.68 -12.52
N LEU G 88 1.36 1.80 -13.11
CA LEU G 88 2.16 2.83 -12.44
C LEU G 88 1.28 3.95 -11.91
N GLY G 89 0.39 3.59 -10.99
CA GLY G 89 -0.58 4.54 -10.49
C GLY G 89 -0.08 5.37 -9.33
N ARG G 90 0.82 4.80 -8.53
CA ARG G 90 1.39 5.47 -7.37
C ARG G 90 2.89 5.68 -7.55
N VAL G 91 3.30 6.08 -8.75
CA VAL G 91 4.70 6.20 -9.11
C VAL G 91 4.93 7.59 -9.67
N THR G 92 6.00 8.23 -9.23
CA THR G 92 6.40 9.55 -9.72
C THR G 92 7.61 9.40 -10.64
N ILE G 93 7.52 9.99 -11.83
CA ILE G 93 8.62 9.98 -12.79
C ILE G 93 9.29 11.34 -12.74
N ALA G 94 10.58 11.36 -12.44
CA ALA G 94 11.30 12.60 -12.26
C ALA G 94 11.39 13.38 -13.56
N GLN G 95 11.16 14.70 -13.48
CA GLN G 95 11.19 15.59 -14.64
C GLN G 95 10.18 15.17 -15.70
N GLY G 96 9.03 14.70 -15.28
CA GLY G 96 8.03 14.24 -16.22
C GLY G 96 6.93 15.24 -16.50
N GLY G 97 6.69 16.16 -15.58
CA GLY G 97 5.61 17.11 -15.75
C GLY G 97 4.25 16.49 -15.50
N VAL G 98 3.24 17.09 -16.11
CA VAL G 98 1.86 16.63 -16.01
C VAL G 98 1.24 16.59 -17.40
N LEU G 99 0.03 16.07 -17.46
CA LEU G 99 -0.75 15.96 -18.68
C LEU G 99 -1.60 17.20 -18.88
N PRO G 100 -1.53 17.86 -20.04
CA PRO G 100 -2.35 19.06 -20.27
C PRO G 100 -3.82 18.77 -20.15
N ASN G 101 -4.47 19.41 -19.18
CA ASN G 101 -5.88 19.17 -18.90
C ASN G 101 -6.43 20.35 -18.10
N ILE G 102 -7.38 21.07 -18.68
CA ILE G 102 -8.04 22.20 -18.04
C ILE G 102 -9.54 21.91 -17.98
N GLN G 103 -10.14 22.15 -16.82
CA GLN G 103 -11.56 21.89 -16.66
C GLN G 103 -12.39 22.79 -17.57
N SER G 104 -13.48 22.24 -18.10
CA SER G 104 -14.27 22.95 -19.10
C SER G 104 -15.01 24.14 -18.50
N VAL G 105 -15.32 24.11 -17.21
CA VAL G 105 -16.01 25.22 -16.58
C VAL G 105 -15.10 26.45 -16.51
N LEU G 106 -13.79 26.24 -16.41
CA LEU G 106 -12.88 27.37 -16.31
C LEU G 106 -12.70 28.10 -17.65
N LEU G 107 -12.88 27.39 -18.76
CA LEU G 107 -12.71 28.02 -20.06
C LEU G 107 -13.75 29.11 -20.28
N PRO G 108 -13.40 30.18 -21.02
CA PRO G 108 -14.34 31.26 -21.30
C PRO G 108 -15.44 30.85 -22.26
N LYS H 3 38.28 0.31 -8.88
CA LYS H 3 36.98 0.81 -8.45
C LYS H 3 36.08 -0.31 -7.96
N THR H 4 34.84 -0.32 -8.44
CA THR H 4 33.88 -1.35 -8.12
C THR H 4 32.93 -1.50 -9.30
N ARG H 5 32.11 -2.54 -9.27
CA ARG H 5 31.22 -2.88 -10.36
C ARG H 5 29.78 -2.63 -9.96
N LYS H 6 29.04 -1.94 -10.82
CA LYS H 6 27.64 -1.59 -10.58
C LYS H 6 26.80 -2.11 -11.74
N GLU H 7 26.15 -3.25 -11.54
CA GLU H 7 25.33 -3.84 -12.59
C GLU H 7 24.00 -3.10 -12.70
N SER H 8 23.47 -3.07 -13.92
CA SER H 8 22.20 -2.42 -14.20
C SER H 8 21.64 -2.98 -15.50
N TYR H 9 20.35 -2.72 -15.71
CA TYR H 9 19.66 -3.14 -16.94
C TYR H 9 19.76 -2.09 -18.03
N ALA H 10 20.96 -1.64 -18.34
CA ALA H 10 21.11 -0.58 -19.33
C ALA H 10 21.34 -1.11 -20.74
N ILE H 11 22.26 -2.06 -20.89
CA ILE H 11 22.54 -2.59 -22.21
C ILE H 11 21.36 -3.37 -22.75
N TYR H 12 20.63 -4.07 -21.89
CA TYR H 12 19.46 -4.82 -22.34
C TYR H 12 18.32 -3.89 -22.74
N VAL H 13 18.12 -2.81 -21.99
CA VAL H 13 17.11 -1.83 -22.38
C VAL H 13 17.50 -1.17 -23.70
N TYR H 14 18.78 -0.91 -23.90
CA TYR H 14 19.22 -0.34 -25.17
C TYR H 14 19.04 -1.32 -26.32
N LYS H 15 19.26 -2.62 -26.07
CA LYS H 15 19.03 -3.62 -27.10
C LYS H 15 17.56 -3.68 -27.48
N VAL H 16 16.66 -3.65 -26.49
CA VAL H 16 15.23 -3.66 -26.79
C VAL H 16 14.84 -2.40 -27.56
N LEU H 17 15.39 -1.25 -27.16
CA LEU H 17 15.09 0.00 -27.86
C LEU H 17 15.55 -0.05 -29.31
N LYS H 18 16.73 -0.62 -29.55
CA LYS H 18 17.20 -0.77 -30.93
C LYS H 18 16.34 -1.75 -31.71
N GLN H 19 15.77 -2.74 -31.02
CA GLN H 19 14.83 -3.65 -31.68
C GLN H 19 13.55 -2.93 -32.08
N VAL H 20 13.10 -1.99 -31.25
CA VAL H 20 11.81 -1.33 -31.46
C VAL H 20 11.95 -0.08 -32.31
N HIS H 21 12.88 0.81 -31.96
CA HIS H 21 13.10 2.07 -32.68
C HIS H 21 14.57 2.14 -33.04
N PRO H 22 14.96 1.58 -34.19
CA PRO H 22 16.39 1.52 -34.53
C PRO H 22 17.07 2.87 -34.69
N ASP H 23 16.32 3.93 -34.93
CA ASP H 23 16.90 5.26 -35.18
C ASP H 23 16.73 6.22 -34.01
N THR H 24 16.23 5.75 -32.88
CA THR H 24 15.92 6.60 -31.74
C THR H 24 16.86 6.26 -30.58
N GLY H 25 17.43 7.29 -29.96
CA GLY H 25 18.28 7.12 -28.80
C GLY H 25 17.53 7.39 -27.50
N ILE H 26 18.30 7.42 -26.42
CA ILE H 26 17.73 7.62 -25.09
C ILE H 26 18.76 8.32 -24.22
N SER H 27 18.29 9.24 -23.39
CA SER H 27 19.17 10.05 -22.54
C SER H 27 19.57 9.25 -21.30
N SER H 28 20.20 9.93 -20.34
CA SER H 28 20.67 9.28 -19.13
C SER H 28 19.60 9.23 -18.05
N LYS H 29 18.84 10.32 -17.89
CA LYS H 29 17.74 10.33 -16.92
C LYS H 29 16.66 9.33 -17.31
N ALA H 30 16.35 9.24 -18.61
CA ALA H 30 15.37 8.26 -19.07
C ALA H 30 15.86 6.84 -18.84
N MET H 31 17.15 6.60 -19.03
CA MET H 31 17.69 5.27 -18.75
C MET H 31 17.64 4.95 -17.27
N SER H 32 17.90 5.94 -16.41
CA SER H 32 17.75 5.71 -14.97
C SER H 32 16.31 5.36 -14.62
N ILE H 33 15.36 6.06 -15.24
CA ILE H 33 13.95 5.78 -14.99
C ILE H 33 13.59 4.37 -15.44
N MET H 34 14.09 3.96 -16.61
CA MET H 34 13.79 2.61 -17.10
C MET H 34 14.41 1.54 -16.22
N ASN H 35 15.63 1.78 -15.73
CA ASN H 35 16.26 0.83 -14.82
C ASN H 35 15.46 0.70 -13.52
N SER H 36 15.01 1.83 -12.98
CA SER H 36 14.17 1.79 -11.79
C SER H 36 12.87 1.04 -12.05
N PHE H 37 12.28 1.25 -13.21
CA PHE H 37 11.02 0.58 -13.56
C PHE H 37 11.22 -0.93 -13.62
N VAL H 38 12.28 -1.38 -14.26
CA VAL H 38 12.54 -2.82 -14.36
C VAL H 38 12.77 -3.42 -12.99
N ASN H 39 13.57 -2.75 -12.15
CA ASN H 39 13.81 -3.27 -10.81
C ASN H 39 12.53 -3.34 -10.00
N ASP H 40 11.68 -2.31 -10.09
CA ASP H 40 10.44 -2.28 -9.33
C ASP H 40 9.51 -3.41 -9.74
N VAL H 41 9.36 -3.64 -11.04
CA VAL H 41 8.47 -4.69 -11.52
C VAL H 41 9.02 -6.07 -11.15
N PHE H 42 10.34 -6.27 -11.27
CA PHE H 42 10.94 -7.52 -10.84
C PHE H 42 10.64 -7.79 -9.38
N GLU H 43 10.83 -6.78 -8.53
CA GLU H 43 10.59 -6.95 -7.10
C GLU H 43 9.13 -7.29 -6.82
N ARG H 44 8.20 -6.60 -7.49
CA ARG H 44 6.78 -6.87 -7.27
C ARG H 44 6.42 -8.31 -7.64
N ILE H 45 6.80 -8.73 -8.84
CA ILE H 45 6.43 -10.06 -9.30
C ILE H 45 7.08 -11.14 -8.44
N ALA H 46 8.36 -10.97 -8.10
CA ALA H 46 9.05 -11.97 -7.30
C ALA H 46 8.46 -12.05 -5.90
N GLY H 47 8.11 -10.92 -5.29
CA GLY H 47 7.50 -10.96 -3.98
C GLY H 47 6.13 -11.64 -3.99
N GLU H 48 5.32 -11.35 -5.00
CA GLU H 48 4.01 -12.00 -5.08
C GLU H 48 4.17 -13.50 -5.30
N ALA H 49 5.13 -13.92 -6.13
CA ALA H 49 5.38 -15.33 -6.34
C ALA H 49 5.83 -16.02 -5.06
N SER H 50 6.70 -15.35 -4.29
CA SER H 50 7.13 -15.91 -3.02
C SER H 50 5.96 -16.09 -2.06
N ARG H 51 5.06 -15.10 -2.00
CA ARG H 51 3.86 -15.23 -1.17
C ARG H 51 3.00 -16.40 -1.62
N LEU H 52 2.81 -16.55 -2.93
CA LEU H 52 2.01 -17.67 -3.44
C LEU H 52 2.62 -19.01 -3.06
N ALA H 53 3.93 -19.14 -3.20
CA ALA H 53 4.60 -20.38 -2.82
C ALA H 53 4.45 -20.65 -1.32
N HIS H 54 4.54 -19.60 -0.50
CA HIS H 54 4.41 -19.78 0.93
C HIS H 54 2.99 -20.18 1.35
N TYR H 55 1.97 -19.66 0.65
CA TYR H 55 0.60 -19.97 1.01
C TYR H 55 0.29 -21.45 0.85
N ASN H 56 0.78 -22.06 -0.23
CA ASN H 56 0.50 -23.45 -0.54
C ASN H 56 1.51 -24.41 0.08
N LYS H 57 2.42 -23.91 0.91
CA LYS H 57 3.42 -24.72 1.59
C LYS H 57 4.33 -25.43 0.57
N ARG H 58 4.89 -24.65 -0.35
CA ARG H 58 5.85 -25.12 -1.32
C ARG H 58 7.19 -24.45 -1.08
N SER H 59 8.27 -25.17 -1.31
CA SER H 59 9.61 -24.65 -1.13
C SER H 59 10.24 -24.16 -2.43
N THR H 60 9.51 -24.18 -3.54
CA THR H 60 10.08 -23.88 -4.85
C THR H 60 9.24 -22.81 -5.53
N ILE H 61 9.92 -21.88 -6.18
CA ILE H 61 9.29 -20.94 -7.10
C ILE H 61 9.42 -21.51 -8.50
N THR H 62 8.28 -21.73 -9.16
CA THR H 62 8.23 -22.34 -10.48
C THR H 62 7.61 -21.36 -11.47
N SER H 63 7.39 -21.83 -12.69
CA SER H 63 6.73 -20.98 -13.69
C SER H 63 5.25 -20.79 -13.38
N ARG H 64 4.64 -21.74 -12.66
CA ARG H 64 3.25 -21.57 -12.26
C ARG H 64 3.08 -20.40 -11.30
N GLU H 65 3.99 -20.28 -10.34
CA GLU H 65 3.95 -19.15 -9.41
C GLU H 65 4.15 -17.84 -10.12
N ILE H 66 5.08 -17.79 -11.07
CA ILE H 66 5.33 -16.56 -11.83
C ILE H 66 4.12 -16.20 -12.68
N GLN H 67 3.48 -17.20 -13.29
CA GLN H 67 2.31 -16.94 -14.10
C GLN H 67 1.15 -16.40 -13.26
N THR H 68 0.92 -17.00 -12.09
CA THR H 68 -0.13 -16.49 -11.22
C THR H 68 0.18 -15.09 -10.72
N ALA H 69 1.45 -14.82 -10.39
CA ALA H 69 1.83 -13.48 -9.96
C ALA H 69 1.60 -12.46 -11.06
N VAL H 70 1.94 -12.82 -12.30
CA VAL H 70 1.71 -11.91 -13.42
C VAL H 70 0.22 -11.65 -13.61
N ARG H 71 -0.60 -12.70 -13.49
CA ARG H 71 -2.04 -12.51 -13.64
C ARG H 71 -2.63 -11.70 -12.51
N LEU H 72 -2.07 -11.79 -11.31
CA LEU H 72 -2.58 -11.02 -10.18
C LEU H 72 -2.16 -9.55 -10.25
N LEU H 73 -0.95 -9.28 -10.72
CA LEU H 73 -0.40 -7.92 -10.65
C LEU H 73 -0.73 -7.09 -11.90
N LEU H 74 -0.38 -7.59 -13.07
CA LEU H 74 -0.52 -6.81 -14.28
C LEU H 74 -2.00 -6.59 -14.60
N PRO H 75 -2.42 -5.37 -14.96
CA PRO H 75 -3.84 -5.07 -15.11
C PRO H 75 -4.35 -5.27 -16.53
N GLY H 76 -5.51 -5.92 -16.62
CA GLY H 76 -6.22 -6.00 -17.88
C GLY H 76 -5.50 -6.82 -18.92
N GLU H 77 -5.75 -6.46 -20.19
CA GLU H 77 -5.23 -7.24 -21.31
C GLU H 77 -3.71 -7.31 -21.29
N LEU H 78 -3.05 -6.30 -20.75
CA LEU H 78 -1.61 -6.34 -20.49
C LEU H 78 -1.21 -7.71 -19.94
N ALA H 79 -1.82 -8.10 -18.83
CA ALA H 79 -1.50 -9.37 -18.20
C ALA H 79 -1.57 -10.51 -19.21
N LYS H 80 -2.68 -10.59 -19.93
CA LYS H 80 -2.86 -11.66 -20.90
C LYS H 80 -1.67 -11.72 -21.85
N HIS H 81 -1.34 -10.58 -22.46
CA HIS H 81 -0.25 -10.58 -23.42
C HIS H 81 1.04 -11.03 -22.76
N ALA H 82 1.33 -10.53 -21.57
CA ALA H 82 2.55 -10.90 -20.88
C ALA H 82 2.62 -12.41 -20.72
N VAL H 83 1.50 -13.01 -20.31
CA VAL H 83 1.49 -14.46 -20.11
C VAL H 83 1.95 -15.16 -21.37
N SER H 84 1.37 -14.78 -22.51
CA SER H 84 1.74 -15.41 -23.77
C SER H 84 3.24 -15.35 -23.96
N GLU H 85 3.82 -14.15 -23.85
CA GLU H 85 5.25 -14.00 -24.06
C GLU H 85 6.00 -14.95 -23.16
N GLY H 86 5.70 -14.92 -21.86
CA GLY H 86 6.41 -15.78 -20.94
C GLY H 86 6.32 -17.23 -21.35
N THR H 87 5.10 -17.68 -21.65
CA THR H 87 4.92 -19.08 -21.99
C THR H 87 5.80 -19.45 -23.17
N LYS H 88 5.81 -18.60 -24.20
CA LYS H 88 6.57 -18.94 -25.40
C LYS H 88 8.04 -19.13 -25.05
N ALA H 89 8.58 -18.26 -24.20
CA ALA H 89 9.97 -18.40 -23.81
C ALA H 89 10.21 -19.78 -23.20
N VAL H 90 9.39 -20.15 -22.22
CA VAL H 90 9.60 -21.42 -21.53
C VAL H 90 9.41 -22.60 -22.45
N THR H 91 8.73 -22.42 -23.58
CA THR H 91 8.69 -23.48 -24.57
C THR H 91 9.98 -23.52 -25.36
N LYS H 92 10.39 -22.37 -25.91
CA LYS H 92 11.59 -22.33 -26.75
C LYS H 92 12.82 -22.72 -25.96
N TYR H 93 12.85 -22.42 -24.66
CA TYR H 93 13.95 -22.85 -23.82
C TYR H 93 13.96 -24.35 -23.60
N THR H 94 12.78 -24.95 -23.45
CA THR H 94 12.72 -26.38 -23.16
C THR H 94 13.09 -27.22 -24.37
N SER H 95 12.65 -26.81 -25.56
CA SER H 95 13.01 -27.54 -26.77
C SER H 95 14.51 -27.50 -27.01
N ALA H 96 15.14 -26.35 -26.79
CA ALA H 96 16.58 -26.22 -26.98
C ALA H 96 17.32 -26.32 -25.65
N ASP K 7 14.10 37.75 31.29
CA ASP K 7 13.47 36.44 31.28
C ASP K 7 14.41 35.38 30.72
N LYS K 8 15.71 35.58 30.92
CA LYS K 8 16.68 34.58 30.47
C LYS K 8 16.73 33.39 31.43
N TYR K 9 16.38 33.61 32.70
CA TYR K 9 16.42 32.56 33.71
C TYR K 9 15.14 32.56 34.53
N ARG K 10 14.96 31.50 35.30
CA ARG K 10 13.81 31.39 36.18
C ARG K 10 13.91 32.37 37.34
N THR K 11 12.76 32.82 37.81
CA THR K 11 12.72 33.52 39.08
C THR K 11 12.68 32.51 40.22
N ILE K 12 13.29 32.89 41.35
CA ILE K 12 13.36 31.99 42.49
C ILE K 12 11.96 31.68 43.00
N THR K 13 11.10 32.69 43.07
CA THR K 13 9.73 32.49 43.53
C THR K 13 8.82 31.93 42.45
N GLY K 14 9.30 31.81 41.21
CA GLY K 14 8.45 31.36 40.13
C GLY K 14 7.42 32.37 39.69
N MET K 15 7.65 33.66 39.99
CA MET K 15 6.70 34.70 39.65
C MET K 15 6.76 35.03 38.17
N CYS K 16 5.62 35.46 37.64
CA CYS K 16 5.49 35.93 36.25
C CYS K 16 5.89 34.85 35.24
N ASN K 17 5.64 33.58 35.57
CA ASN K 17 5.87 32.51 34.60
C ASN K 17 4.76 32.47 33.56
N ASN K 18 3.52 32.72 33.97
CA ASN K 18 2.38 32.76 33.07
C ASN K 18 1.99 34.21 32.81
N ARG K 19 1.88 34.58 31.53
CA ARG K 19 1.57 35.97 31.20
C ARG K 19 0.15 36.34 31.60
N ARG K 20 -0.81 35.44 31.37
CA ARG K 20 -2.19 35.73 31.73
C ARG K 20 -2.34 35.99 33.23
N SER K 21 -1.80 35.08 34.05
CA SER K 21 -1.84 35.21 35.50
C SER K 21 -0.42 35.05 36.03
N PRO K 22 0.30 36.15 36.21
CA PRO K 22 1.69 36.05 36.70
C PRO K 22 1.82 35.37 38.05
N THR K 23 0.85 35.54 38.95
CA THR K 23 0.92 34.95 40.27
C THR K 23 0.54 33.47 40.26
N LEU K 24 -0.04 32.97 39.17
CA LEU K 24 -0.43 31.57 39.09
C LEU K 24 0.79 30.70 38.85
N GLY K 25 0.96 29.68 39.69
CA GLY K 25 2.11 28.81 39.64
C GLY K 25 3.27 29.21 40.51
N ALA K 26 3.19 30.37 41.18
CA ALA K 26 4.27 30.83 42.04
C ALA K 26 4.19 30.12 43.39
N SER K 27 4.99 30.59 44.35
CA SER K 27 5.03 29.98 45.68
C SER K 27 4.20 30.79 46.67
N ASN K 28 3.90 30.16 47.81
CA ASN K 28 3.12 30.77 48.89
C ASN K 28 1.75 31.24 48.40
N ARG K 29 1.06 30.34 47.69
CA ARG K 29 -0.32 30.56 47.28
C ARG K 29 -1.16 29.35 47.64
N ALA K 30 -2.47 29.49 47.45
CA ALA K 30 -3.40 28.41 47.77
C ALA K 30 -3.29 27.28 46.75
N PHE K 31 -3.63 26.08 47.20
CA PHE K 31 -3.69 24.93 46.31
C PHE K 31 -4.88 25.05 45.37
N VAL K 32 -4.85 24.25 44.31
CA VAL K 32 -5.98 24.16 43.38
C VAL K 32 -6.85 22.99 43.79
N ARG K 33 -8.15 23.24 43.91
CA ARG K 33 -9.11 22.21 44.29
C ARG K 33 -9.77 21.65 43.03
N TRP K 34 -9.40 20.43 42.66
CA TRP K 34 -10.03 19.77 41.52
C TRP K 34 -11.47 19.38 41.82
N LEU K 35 -11.82 19.24 43.10
CA LEU K 35 -13.18 18.98 43.55
C LEU K 35 -13.49 19.88 44.74
N PRO K 36 -14.74 20.28 44.91
CA PRO K 36 -15.09 21.11 46.07
C PRO K 36 -14.82 20.39 47.37
N ALA K 37 -14.30 21.13 48.34
CA ALA K 37 -13.95 20.54 49.63
C ALA K 37 -15.20 20.19 50.43
N GLU K 38 -15.10 19.11 51.21
CA GLU K 38 -16.18 18.69 52.10
C GLU K 38 -15.70 18.80 53.54
N TYR K 39 -16.50 19.46 54.37
CA TYR K 39 -16.21 19.61 55.79
C TYR K 39 -17.45 19.25 56.59
N GLU K 40 -17.25 18.83 57.84
CA GLU K 40 -18.36 18.39 58.66
C GLU K 40 -19.32 19.52 59.01
N ASP K 41 -18.86 20.77 58.96
CA ASP K 41 -19.74 21.92 59.12
C ASP K 41 -20.09 22.58 57.80
N GLY K 42 -19.32 22.32 56.74
CA GLY K 42 -19.53 22.90 55.44
C GLY K 42 -18.51 23.96 55.06
N PHE K 43 -17.81 24.55 56.03
CA PHE K 43 -16.85 25.61 55.73
C PHE K 43 -15.43 25.24 56.11
N SER K 44 -15.16 24.95 57.38
CA SER K 44 -13.78 24.70 57.81
C SER K 44 -13.63 23.61 58.85
N LEU K 45 -14.69 22.92 59.24
CA LEU K 45 -14.61 21.96 60.36
C LEU K 45 -14.28 20.58 59.82
N PRO K 46 -13.15 19.99 60.21
CA PRO K 46 -12.79 18.66 59.70
C PRO K 46 -13.72 17.59 60.24
N TYR K 47 -13.87 16.52 59.47
CA TYR K 47 -14.68 15.39 59.91
C TYR K 47 -14.03 14.71 61.10
N GLY K 48 -14.84 14.35 62.09
CA GLY K 48 -14.34 13.82 63.33
C GLY K 48 -14.02 14.85 64.39
N TRP K 49 -14.27 16.13 64.12
CA TRP K 49 -14.02 17.17 65.11
C TRP K 49 -15.01 17.07 66.27
N THR K 50 -16.30 16.96 65.96
CA THR K 50 -17.34 16.88 66.97
C THR K 50 -17.84 15.45 67.10
N PRO K 51 -17.71 14.82 68.26
CA PRO K 51 -18.15 13.43 68.41
C PRO K 51 -19.64 13.30 68.18
N GLY K 52 -20.03 12.15 67.59
CA GLY K 52 -21.42 11.86 67.33
C GLY K 52 -21.96 12.38 66.03
N VAL K 53 -21.15 13.06 65.23
CA VAL K 53 -21.59 13.58 63.93
C VAL K 53 -21.36 12.51 62.88
N LYS K 54 -22.44 12.00 62.29
CA LYS K 54 -22.35 10.96 61.29
C LYS K 54 -22.09 11.56 59.91
N ARG K 55 -21.24 10.90 59.14
CA ARG K 55 -20.93 11.31 57.78
C ARG K 55 -21.72 10.45 56.81
N ASN K 56 -22.64 11.08 56.07
CA ASN K 56 -23.50 10.37 55.12
C ASN K 56 -24.22 9.20 55.77
N GLY K 57 -24.70 9.44 56.99
CA GLY K 57 -25.39 8.40 57.73
C GLY K 57 -24.51 7.35 58.36
N PHE K 58 -23.18 7.54 58.35
CA PHE K 58 -22.27 6.57 58.92
C PHE K 58 -21.31 7.28 59.87
N PRO K 59 -20.89 6.60 60.95
CA PRO K 59 -19.92 7.20 61.86
C PRO K 59 -18.56 7.36 61.19
N VAL K 60 -17.80 8.35 61.65
CA VAL K 60 -16.47 8.60 61.13
C VAL K 60 -15.49 7.70 61.87
N ALA K 61 -14.74 6.90 61.12
CA ALA K 61 -13.80 5.97 61.72
C ALA K 61 -12.58 6.68 62.29
N LEU K 62 -12.02 6.11 63.34
CA LEU K 62 -10.75 6.61 63.87
C LEU K 62 -9.63 6.17 62.95
N ALA K 63 -8.82 7.15 62.50
CA ALA K 63 -7.75 6.84 61.56
C ALA K 63 -6.73 5.87 62.17
N ARG K 64 -6.41 6.04 63.45
CA ARG K 64 -5.51 5.11 64.11
C ARG K 64 -6.11 3.70 64.13
N ALA K 65 -7.42 3.60 64.34
CA ALA K 65 -8.07 2.29 64.32
C ALA K 65 -7.98 1.66 62.93
N VAL K 66 -8.19 2.46 61.88
CA VAL K 66 -8.10 1.94 60.52
C VAL K 66 -6.69 1.44 60.24
N SER K 67 -5.69 2.21 60.67
CA SER K 67 -4.30 1.79 60.51
C SER K 67 -4.03 0.50 61.28
N ASN K 68 -4.65 0.37 62.45
CA ASN K 68 -4.45 -0.83 63.26
C ASN K 68 -5.02 -2.08 62.60
N GLU K 69 -6.23 -2.01 62.07
CA GLU K 69 -6.87 -3.19 61.51
C GLU K 69 -6.42 -3.51 60.09
N ILE K 70 -6.20 -2.50 59.25
CA ILE K 70 -6.01 -2.72 57.82
C ILE K 70 -4.54 -2.68 57.43
N VAL K 71 -3.81 -1.64 57.84
CA VAL K 71 -2.40 -1.52 57.45
C VAL K 71 -1.53 -2.55 58.16
N ARG K 72 -1.78 -2.77 59.45
CA ARG K 72 -0.89 -3.58 60.26
C ARG K 72 -0.76 -4.99 59.70
N PHE K 73 0.49 -5.46 59.59
CA PHE K 73 0.80 -6.80 59.13
C PHE K 73 2.10 -7.23 59.76
N PRO K 74 2.25 -8.49 60.14
CA PRO K 74 3.53 -8.93 60.72
C PRO K 74 4.68 -8.74 59.74
N THR K 75 5.78 -8.22 60.26
CA THR K 75 6.91 -7.82 59.43
C THR K 75 7.66 -9.00 58.83
N ASP K 76 7.65 -10.16 59.49
CA ASP K 76 8.52 -11.27 59.12
C ASP K 76 8.19 -11.89 57.76
N GLN K 77 7.05 -11.54 57.15
CA GLN K 77 6.73 -11.99 55.79
C GLN K 77 6.80 -10.83 54.80
N LEU K 78 7.80 -9.97 54.95
CA LEU K 78 8.01 -8.89 53.99
C LEU K 78 8.50 -9.45 52.67
N THR K 79 7.91 -8.99 51.58
CA THR K 79 8.27 -9.44 50.24
C THR K 79 9.04 -8.34 49.51
N PRO K 80 10.32 -8.54 49.20
CA PRO K 80 11.07 -7.52 48.48
C PRO K 80 10.62 -7.38 47.03
N ASP K 81 10.87 -6.21 46.47
CA ASP K 81 10.56 -5.96 45.06
C ASP K 81 11.68 -6.54 44.20
N GLN K 82 11.29 -7.34 43.21
CA GLN K 82 12.25 -7.98 42.33
C GLN K 82 12.63 -7.13 41.14
N GLU K 83 12.07 -5.93 41.00
CA GLU K 83 12.37 -5.09 39.85
C GLU K 83 12.59 -3.62 40.21
N ARG K 84 12.71 -3.27 41.48
CA ARG K 84 12.96 -1.89 41.88
C ARG K 84 14.04 -1.84 42.94
N SER K 85 14.72 -0.70 43.01
CA SER K 85 15.74 -0.46 44.01
C SER K 85 15.29 0.68 44.92
N LEU K 86 16.05 0.93 45.99
CA LEU K 86 15.69 1.98 46.91
C LEU K 86 15.86 3.37 46.29
N MET K 87 16.59 3.47 45.18
CA MET K 87 16.64 4.73 44.45
C MET K 87 15.26 5.14 43.96
N PHE K 88 14.39 4.18 43.70
CA PHE K 88 12.99 4.48 43.37
C PHE K 88 12.35 5.32 44.47
N MET K 89 12.42 4.82 45.71
CA MET K 89 11.82 5.55 46.83
C MET K 89 12.53 6.88 47.06
N GLN K 90 13.86 6.89 46.97
CA GLN K 90 14.59 8.13 47.23
C GLN K 90 14.27 9.22 46.21
N TRP K 91 14.24 8.86 44.93
CA TRP K 91 13.91 9.86 43.92
C TRP K 91 12.47 10.31 44.04
N GLY K 92 11.56 9.40 44.41
CA GLY K 92 10.19 9.83 44.65
C GLY K 92 10.10 10.86 45.76
N GLN K 93 10.80 10.61 46.87
CA GLN K 93 10.78 11.56 47.98
C GLN K 93 11.40 12.89 47.59
N LEU K 94 12.54 12.85 46.88
CA LEU K 94 13.21 14.08 46.48
C LEU K 94 12.32 14.90 45.54
N LEU K 95 11.69 14.24 44.57
CA LEU K 95 10.79 14.95 43.66
C LEU K 95 9.60 15.54 44.41
N ASP K 96 9.07 14.81 45.38
CA ASP K 96 7.97 15.36 46.18
C ASP K 96 8.42 16.59 46.95
N HIS K 97 9.61 16.53 47.56
CA HIS K 97 10.14 17.70 48.25
C HIS K 97 10.41 18.85 47.30
N ASP K 98 10.60 18.56 46.01
CA ASP K 98 10.59 19.63 45.02
C ASP K 98 9.20 20.23 44.88
N LEU K 99 8.18 19.38 44.71
CA LEU K 99 6.89 19.88 44.23
C LEU K 99 6.16 20.69 45.30
N ASP K 100 5.85 20.08 46.44
CA ASP K 100 4.92 20.67 47.39
C ASP K 100 5.44 20.60 48.81
N PHE K 101 4.96 21.52 49.64
CA PHE K 101 5.23 21.52 51.08
C PHE K 101 4.16 22.35 51.75
N THR K 102 3.35 21.72 52.62
CA THR K 102 2.25 22.42 53.26
C THR K 102 2.66 22.81 54.67
N PRO K 103 2.92 24.09 54.95
CA PRO K 103 3.32 24.49 56.29
C PRO K 103 2.16 24.47 57.27
N GLU K 104 2.50 24.32 58.54
CA GLU K 104 1.53 24.36 59.63
C GLU K 104 2.05 25.26 60.72
N PRO K 105 1.15 25.87 61.52
CA PRO K 105 1.60 26.76 62.60
C PRO K 105 2.45 26.02 63.61
N ALA K 106 3.45 26.71 64.13
CA ALA K 106 4.36 26.13 65.11
C ALA K 106 3.73 26.06 66.49
N GLN L 9 -8.45 19.12 72.51
CA GLN L 9 -8.76 19.36 71.11
C GLN L 9 -9.15 20.82 70.88
N GLN L 10 -8.14 21.68 70.79
CA GLN L 10 -8.33 23.10 70.51
C GLN L 10 -7.43 23.51 69.36
N PRO L 11 -7.83 24.50 68.55
CA PRO L 11 -7.01 24.88 67.41
C PRO L 11 -5.69 25.46 67.86
N PRO L 12 -4.62 25.25 67.10
CA PRO L 12 -4.54 24.51 65.84
C PRO L 12 -4.12 23.06 66.04
N CYS L 13 -4.71 22.35 67.00
CA CYS L 13 -4.38 20.96 67.27
C CYS L 13 -5.54 20.06 66.87
N PHE L 14 -5.23 18.98 66.15
CA PHE L 14 -6.22 18.00 65.73
C PHE L 14 -5.69 16.61 66.07
N PRO L 15 -5.59 16.28 67.35
CA PRO L 15 -4.93 15.05 67.76
C PRO L 15 -5.71 13.81 67.32
N LEU L 16 -4.98 12.70 67.24
CA LEU L 16 -5.55 11.42 66.84
C LEU L 16 -5.94 10.64 68.09
N LYS L 17 -7.24 10.43 68.27
CA LYS L 17 -7.72 9.68 69.43
C LYS L 17 -7.33 8.22 69.32
N ILE L 18 -6.98 7.62 70.44
CA ILE L 18 -6.52 6.23 70.49
C ILE L 18 -7.74 5.33 70.67
N PRO L 19 -7.95 4.35 69.79
CA PRO L 19 -9.09 3.46 69.94
C PRO L 19 -8.86 2.46 71.06
N PRO L 20 -9.87 1.68 71.44
CA PRO L 20 -9.65 0.63 72.44
C PRO L 20 -8.68 -0.42 71.94
N ASN L 21 -8.29 -1.31 72.86
CA ASN L 21 -7.43 -2.47 72.64
C ASN L 21 -6.26 -2.17 71.69
N ASP L 22 -5.71 -0.96 71.78
CA ASP L 22 -4.58 -0.58 70.93
C ASP L 22 -3.35 -1.36 71.36
N PRO L 23 -2.70 -2.09 70.45
CA PRO L 23 -1.55 -2.92 70.85
C PRO L 23 -0.38 -2.13 71.42
N ARG L 24 -0.19 -0.88 71.01
CA ARG L 24 0.96 -0.10 71.44
C ARG L 24 0.62 0.94 72.51
N ILE L 25 -0.45 1.70 72.32
CA ILE L 25 -0.82 2.77 73.23
C ILE L 25 -1.94 2.26 74.12
N LYS L 26 -1.58 1.83 75.34
CA LYS L 26 -2.57 1.32 76.27
C LYS L 26 -3.37 2.45 76.90
N ASN L 27 -2.74 3.58 77.19
CA ASN L 27 -3.42 4.71 77.82
C ASN L 27 -4.30 5.40 76.80
N GLN L 28 -5.62 5.25 76.96
CA GLN L 28 -6.56 5.84 76.01
C GLN L 28 -6.53 7.37 76.08
N ALA L 29 -6.10 7.94 77.20
CA ALA L 29 -6.06 9.39 77.32
C ALA L 29 -4.98 9.99 76.43
N ASP L 30 -3.94 9.23 76.10
CA ASP L 30 -2.88 9.72 75.25
C ASP L 30 -3.37 9.88 73.81
N CYS L 31 -2.82 10.87 73.12
CA CYS L 31 -3.19 11.15 71.74
C CYS L 31 -1.95 11.47 70.93
N ILE L 32 -1.92 11.00 69.70
CA ILE L 32 -0.80 11.27 68.80
C ILE L 32 -0.80 12.75 68.43
N PRO L 33 0.33 13.46 68.56
CA PRO L 33 0.33 14.89 68.22
C PRO L 33 0.02 15.12 66.74
N PHE L 34 -0.72 16.20 66.47
CA PHE L 34 -1.11 16.54 65.11
C PHE L 34 -1.54 17.99 65.09
N PHE L 35 -1.01 18.75 64.12
CA PHE L 35 -1.32 20.17 63.99
C PHE L 35 -1.98 20.41 62.64
N ARG L 36 -3.07 21.17 62.64
CA ARG L 36 -3.73 21.51 61.39
C ARG L 36 -2.84 22.43 60.56
N SER L 37 -3.14 22.50 59.26
CA SER L 37 -2.32 23.27 58.34
C SER L 37 -2.68 24.76 58.40
N CYS L 38 -1.78 25.58 57.87
CA CYS L 38 -1.99 27.02 57.85
C CYS L 38 -3.08 27.38 56.85
N PRO L 39 -4.11 28.11 57.26
CA PRO L 39 -5.14 28.53 56.31
C PRO L 39 -4.62 29.55 55.31
N ALA L 40 -5.27 29.58 54.15
CA ALA L 40 -4.87 30.53 53.12
C ALA L 40 -5.24 31.96 53.49
N CYS L 41 -6.45 32.16 54.03
CA CYS L 41 -6.94 33.47 54.44
C CYS L 41 -7.42 33.37 55.89
N PRO L 42 -6.50 33.41 56.86
CA PRO L 42 -6.91 33.35 58.25
C PRO L 42 -7.71 34.58 58.66
N GLY L 43 -8.63 34.37 59.60
CA GLY L 43 -9.48 35.44 60.07
C GLY L 43 -10.79 35.60 59.31
N SER L 44 -11.20 34.59 58.55
CA SER L 44 -12.45 34.64 57.82
C SER L 44 -13.29 33.41 58.14
N ASN L 45 -14.60 33.53 57.94
CA ASN L 45 -15.52 32.43 58.20
C ASN L 45 -16.42 32.18 57.00
N ILE L 46 -16.55 33.18 56.11
CA ILE L 46 -17.37 33.02 54.93
C ILE L 46 -16.60 32.37 53.79
N THR L 47 -15.29 32.22 53.93
CA THR L 47 -14.45 31.62 52.90
C THR L 47 -14.09 30.19 53.29
N ILE L 48 -14.07 29.29 52.31
CA ILE L 48 -13.72 27.91 52.56
C ILE L 48 -12.22 27.79 52.78
N ARG L 49 -11.83 26.97 53.76
CA ARG L 49 -10.43 26.83 54.12
C ARG L 49 -9.63 26.22 52.98
N ASN L 50 -8.48 26.83 52.68
CA ASN L 50 -7.55 26.31 51.68
C ASN L 50 -6.15 26.39 52.25
N GLN L 51 -5.27 25.51 51.77
CA GLN L 51 -3.93 25.41 52.30
C GLN L 51 -2.93 26.11 51.39
N ILE L 52 -1.72 26.32 51.90
CA ILE L 52 -0.70 27.12 51.25
C ILE L 52 0.41 26.20 50.75
N ASN L 53 0.86 26.44 49.51
CA ASN L 53 2.01 25.74 48.95
C ASN L 53 3.24 26.62 49.14
N ALA L 54 4.16 26.19 50.01
CA ALA L 54 5.32 27.00 50.33
C ALA L 54 6.42 26.93 49.29
N LEU L 55 6.29 26.08 48.28
CA LEU L 55 7.33 25.89 47.29
C LEU L 55 6.78 26.14 45.89
N THR L 56 7.69 26.37 44.95
CA THR L 56 7.31 26.60 43.56
C THR L 56 6.79 25.33 42.93
N SER L 57 5.61 25.40 42.32
CA SER L 57 4.99 24.24 41.70
C SER L 57 5.58 23.98 40.31
N PHE L 58 6.90 23.82 40.29
CA PHE L 58 7.64 23.52 39.07
C PHE L 58 8.78 22.58 39.40
N VAL L 59 9.20 21.82 38.40
CA VAL L 59 10.37 20.93 38.55
C VAL L 59 11.58 21.78 38.16
N ASP L 60 12.10 22.52 39.13
CA ASP L 60 13.14 23.52 38.88
C ASP L 60 14.32 23.34 39.82
N ALA L 61 14.54 22.13 40.29
CA ALA L 61 15.65 21.83 41.21
C ALA L 61 15.61 22.74 42.43
N SER L 62 14.41 22.93 42.98
CA SER L 62 14.19 23.84 44.09
C SER L 62 14.43 23.20 45.45
N MET L 63 14.87 21.94 45.50
CA MET L 63 15.20 21.32 46.77
C MET L 63 16.53 21.80 47.31
N VAL L 64 17.33 22.43 46.45
CA VAL L 64 18.67 22.87 46.82
C VAL L 64 18.89 24.37 46.61
N TYR L 65 18.14 25.01 45.71
CA TYR L 65 18.30 26.42 45.41
C TYR L 65 17.31 27.31 46.17
N GLY L 66 16.45 26.72 46.99
CA GLY L 66 15.50 27.50 47.77
C GLY L 66 14.37 28.08 46.95
N SER L 67 13.24 28.37 47.61
CA SER L 67 12.10 28.96 46.94
C SER L 67 11.83 30.40 47.35
N GLU L 68 12.53 30.90 48.37
CA GLU L 68 12.40 32.27 48.82
C GLU L 68 13.71 33.01 48.59
N GLU L 69 13.62 34.28 48.21
CA GLU L 69 14.80 35.04 47.82
C GLU L 69 15.83 35.17 48.93
N PRO L 70 15.48 35.52 50.19
CA PRO L 70 16.52 35.57 51.22
C PRO L 70 17.24 34.25 51.41
N LEU L 71 16.51 33.14 51.46
CA LEU L 71 17.14 31.83 51.60
C LEU L 71 17.98 31.50 50.37
N ALA L 72 17.48 31.83 49.19
CA ALA L 72 18.22 31.57 47.96
C ALA L 72 19.55 32.31 47.96
N ARG L 73 19.55 33.57 48.38
CA ARG L 73 20.81 34.31 48.50
C ARG L 73 21.71 33.71 49.57
N ASN L 74 21.12 33.31 50.70
CA ASN L 74 21.91 32.73 51.79
C ASN L 74 22.57 31.42 51.39
N LEU L 75 21.99 30.70 50.41
CA LEU L 75 22.56 29.43 50.01
C LEU L 75 23.80 29.59 49.14
N ARG L 76 23.91 30.67 48.39
CA ARG L 76 25.02 30.84 47.47
C ARG L 76 26.30 31.23 48.19
N ASN L 77 27.40 31.19 47.46
CA ASN L 77 28.71 31.62 47.95
C ASN L 77 28.96 33.06 47.50
N MET L 78 28.91 33.99 48.44
CA MET L 78 29.14 35.40 48.16
C MET L 78 30.57 35.84 48.45
N SER L 79 31.43 34.93 48.92
CA SER L 79 32.82 35.25 49.24
C SER L 79 33.76 34.93 48.09
N ASN L 80 33.26 34.91 46.85
CA ASN L 80 34.08 34.59 45.69
C ASN L 80 33.37 35.09 44.45
N GLN L 81 34.00 34.89 43.29
CA GLN L 81 33.42 35.24 42.00
C GLN L 81 33.22 34.01 41.12
N LEU L 82 33.22 32.82 41.72
CA LEU L 82 33.00 31.59 40.98
C LEU L 82 31.53 31.18 40.93
N GLY L 83 30.65 31.88 41.65
CA GLY L 83 29.24 31.57 41.62
C GLY L 83 28.88 30.20 42.12
N LEU L 84 29.56 29.74 43.17
CA LEU L 84 29.34 28.41 43.70
C LEU L 84 28.19 28.43 44.70
N LEU L 85 28.01 27.32 45.41
CA LEU L 85 27.03 27.22 46.49
C LEU L 85 27.75 26.85 47.77
N ALA L 86 27.35 27.49 48.87
CA ALA L 86 28.05 27.32 50.13
C ALA L 86 27.98 25.87 50.61
N VAL L 87 29.11 25.38 51.13
CA VAL L 87 29.19 24.05 51.70
C VAL L 87 29.63 24.18 53.16
N ASN L 88 29.69 23.04 53.84
CA ASN L 88 30.12 23.01 55.23
C ASN L 88 31.59 23.39 55.33
N GLN L 89 31.90 24.24 56.31
CA GLN L 89 33.26 24.74 56.49
C GLN L 89 34.10 23.91 57.46
N ARG L 90 33.50 22.93 58.13
CA ARG L 90 34.20 22.21 59.19
C ARG L 90 34.34 20.71 58.96
N PHE L 91 33.44 20.10 58.19
CA PHE L 91 33.47 18.67 57.97
C PHE L 91 33.54 18.36 56.48
N GLN L 92 34.32 17.36 56.12
CA GLN L 92 34.48 16.92 54.75
C GLN L 92 34.60 15.40 54.70
N ASP L 93 33.90 14.79 53.75
CA ASP L 93 33.91 13.34 53.56
C ASP L 93 34.97 13.00 52.53
N ASN L 94 36.14 12.57 53.01
CA ASN L 94 37.28 12.22 52.16
C ASN L 94 37.62 13.36 51.21
N GLY L 95 37.65 14.57 51.75
CA GLY L 95 37.98 15.73 50.94
C GLY L 95 36.89 16.19 50.01
N ARG L 96 35.64 15.79 50.25
CA ARG L 96 34.53 16.17 49.41
C ARG L 96 33.52 16.98 50.21
N ALA L 97 32.85 17.90 49.52
CA ALA L 97 32.01 18.90 50.18
C ALA L 97 30.79 18.26 50.83
N LEU L 98 30.29 18.93 51.88
CA LEU L 98 29.10 18.52 52.59
C LEU L 98 28.15 19.71 52.68
N LEU L 99 26.90 19.42 53.06
CA LEU L 99 25.89 20.46 53.10
C LEU L 99 26.21 21.46 54.21
N PRO L 100 25.97 22.75 53.98
CA PRO L 100 26.19 23.74 55.04
C PRO L 100 25.24 23.53 56.21
N PHE L 101 25.71 23.89 57.40
CA PHE L 101 24.94 23.67 58.62
C PHE L 101 23.85 24.72 58.75
N ASP L 102 22.91 24.45 59.68
CA ASP L 102 21.79 25.33 59.94
C ASP L 102 21.67 25.55 61.45
N ASN L 103 21.18 26.73 61.82
CA ASN L 103 20.92 27.07 63.22
C ASN L 103 19.42 27.23 63.43
N LEU L 104 18.91 26.59 64.48
CA LEU L 104 17.48 26.63 64.79
C LEU L 104 17.30 26.68 66.30
N HIS L 105 16.15 27.18 66.72
CA HIS L 105 15.85 27.27 68.15
C HIS L 105 15.78 25.88 68.78
N ASP L 106 15.13 24.93 68.10
CA ASP L 106 14.98 23.55 68.59
C ASP L 106 15.37 22.63 67.44
N ASP L 107 16.58 22.09 67.52
CA ASP L 107 17.12 21.27 66.45
C ASP L 107 16.98 19.80 66.79
N PRO L 108 16.14 19.03 66.08
CA PRO L 108 16.01 17.61 66.39
C PRO L 108 17.27 16.80 66.15
N CYS L 109 18.16 17.26 65.27
CA CYS L 109 19.39 16.53 65.01
C CYS L 109 20.24 16.44 66.26
N LEU L 110 20.34 17.53 67.02
CA LEU L 110 21.05 17.48 68.29
C LEU L 110 20.31 16.60 69.29
N LEU L 111 18.98 16.66 69.30
CA LEU L 111 18.20 15.86 70.24
C LEU L 111 18.38 14.37 70.00
N THR L 112 18.65 13.97 68.76
CA THR L 112 18.85 12.55 68.46
C THR L 112 20.04 11.98 69.22
N ASN L 113 21.15 12.72 69.25
CA ASN L 113 22.35 12.25 69.93
C ASN L 113 23.09 13.47 70.48
N ARG L 114 23.14 13.59 71.80
CA ARG L 114 23.80 14.74 72.41
C ARG L 114 25.32 14.61 72.37
N SER L 115 25.84 13.38 72.47
CA SER L 115 27.29 13.20 72.52
C SER L 115 27.96 13.64 71.23
N ALA L 116 27.38 13.28 70.08
CA ALA L 116 27.99 13.62 68.81
C ALA L 116 27.97 15.13 68.55
N ARG L 117 26.82 15.76 68.82
CA ARG L 117 26.65 17.21 68.67
C ARG L 117 26.93 17.65 67.23
N ILE L 118 26.08 17.21 66.31
CA ILE L 118 26.03 17.73 64.94
C ILE L 118 24.62 18.24 64.69
N PRO L 119 24.44 19.51 64.35
CA PRO L 119 23.10 20.04 64.08
C PRO L 119 22.60 19.62 62.70
N CYS L 120 21.37 20.01 62.39
CA CYS L 120 20.79 19.70 61.10
C CYS L 120 21.46 20.49 59.99
N PHE L 121 21.37 19.97 58.78
CA PHE L 121 21.95 20.64 57.62
C PHE L 121 21.01 21.72 57.11
N LEU L 122 21.51 22.48 56.13
CA LEU L 122 20.74 23.54 55.50
C LEU L 122 20.73 23.32 54.00
N ALA L 123 19.53 23.39 53.41
CA ALA L 123 19.36 23.24 51.97
C ALA L 123 18.12 24.02 51.56
N GLY L 124 17.67 23.79 50.33
CA GLY L 124 16.48 24.47 49.83
C GLY L 124 15.18 24.06 50.50
N ASP L 125 15.19 22.99 51.28
CA ASP L 125 14.02 22.54 52.00
C ASP L 125 14.38 22.23 53.45
N THR L 126 13.41 22.40 54.34
CA THR L 126 13.62 22.18 55.76
C THR L 126 13.55 20.71 56.14
N ARG L 127 13.13 19.83 55.25
CA ARG L 127 13.01 18.40 55.53
C ARG L 127 14.20 17.60 55.03
N SER L 128 15.27 18.26 54.62
CA SER L 128 16.43 17.62 53.99
C SER L 128 17.25 16.78 54.94
N SER L 129 16.84 16.56 56.18
CA SER L 129 17.64 15.80 57.14
C SER L 129 16.81 14.77 57.90
N GLU L 130 15.68 14.34 57.34
CA GLU L 130 14.88 13.32 58.01
C GLU L 130 15.63 12.00 58.09
N MET L 131 16.29 11.60 57.02
CA MET L 131 17.10 10.40 57.00
C MET L 131 18.40 10.69 56.28
N PRO L 132 19.45 9.91 56.53
CA PRO L 132 20.72 10.12 55.82
C PRO L 132 20.63 9.98 54.31
N GLU L 133 19.64 9.23 53.79
CA GLU L 133 19.56 9.04 52.34
C GLU L 133 19.15 10.32 51.62
N LEU L 134 18.16 11.02 52.16
CA LEU L 134 17.77 12.30 51.56
C LEU L 134 18.90 13.32 51.63
N THR L 135 19.62 13.35 52.75
CA THR L 135 20.78 14.22 52.87
C THR L 135 21.86 13.84 51.87
N SER L 136 22.04 12.55 51.63
CA SER L 136 23.01 12.11 50.63
C SER L 136 22.63 12.58 49.24
N MET L 137 21.35 12.48 48.89
CA MET L 137 20.91 12.95 47.59
C MET L 137 21.10 14.46 47.46
N HIS L 138 20.78 15.21 48.53
CA HIS L 138 20.99 16.66 48.51
C HIS L 138 22.46 17.01 48.35
N THR L 139 23.34 16.32 49.07
CA THR L 139 24.77 16.58 48.96
C THR L 139 25.28 16.25 47.57
N LEU L 140 24.78 15.17 46.98
CA LEU L 140 25.17 14.82 45.62
C LEU L 140 24.75 15.90 44.64
N LEU L 141 23.53 16.44 44.78
CA LEU L 141 23.10 17.51 43.89
C LEU L 141 23.95 18.76 44.07
N LEU L 142 24.28 19.10 45.33
CA LEU L 142 25.13 20.26 45.59
C LEU L 142 26.51 20.09 44.97
N ARG L 143 27.10 18.90 45.12
CA ARG L 143 28.40 18.62 44.53
C ARG L 143 28.33 18.72 43.01
N GLU L 144 27.26 18.21 42.41
CA GLU L 144 27.11 18.30 40.96
C GLU L 144 27.04 19.74 40.51
N HIS L 145 26.28 20.58 41.22
CA HIS L 145 26.21 21.99 40.84
C HIS L 145 27.58 22.66 40.96
N ASN L 146 28.30 22.38 42.05
CA ASN L 146 29.62 22.99 42.22
C ASN L 146 30.59 22.55 41.13
N ARG L 147 30.58 21.26 40.79
CA ARG L 147 31.46 20.76 39.74
C ARG L 147 31.09 21.36 38.38
N LEU L 148 29.79 21.50 38.10
CA LEU L 148 29.38 22.13 36.86
C LEU L 148 29.83 23.58 36.80
N ALA L 149 29.73 24.30 37.92
CA ALA L 149 30.18 25.69 37.94
C ALA L 149 31.69 25.78 37.72
N THR L 150 32.45 24.89 38.35
CA THR L 150 33.90 24.89 38.17
C THR L 150 34.27 24.61 36.71
N GLU L 151 33.63 23.60 36.11
CA GLU L 151 33.93 23.27 34.72
C GLU L 151 33.45 24.35 33.76
N LEU L 152 32.39 25.07 34.11
CA LEU L 152 31.96 26.19 33.27
C LEU L 152 32.93 27.36 33.37
N LYS L 153 33.49 27.59 34.57
CA LYS L 153 34.48 28.65 34.72
C LYS L 153 35.75 28.32 33.97
N SER L 154 36.22 27.06 34.05
CA SER L 154 37.37 26.65 33.26
C SER L 154 37.06 26.72 31.77
N LEU L 155 35.85 26.29 31.39
CA LEU L 155 35.40 26.39 29.99
C LEU L 155 35.33 27.83 29.53
N ASN L 156 34.70 28.70 30.31
CA ASN L 156 34.54 30.12 29.99
C ASN L 156 35.07 30.98 31.12
N PRO L 157 36.34 31.42 31.03
CA PRO L 157 36.91 32.21 32.12
C PRO L 157 36.43 33.66 32.19
N ARG L 158 35.92 34.23 31.10
CA ARG L 158 35.49 35.63 31.15
C ARG L 158 34.19 35.77 31.94
N TRP L 159 33.41 34.67 32.04
CA TRP L 159 32.11 34.67 32.72
C TRP L 159 32.23 35.12 34.17
N ASP L 160 31.19 35.82 34.64
CA ASP L 160 31.08 36.30 36.02
C ASP L 160 30.47 35.21 36.90
N GLY L 161 30.57 35.40 38.21
CA GLY L 161 30.02 34.41 39.13
C GLY L 161 28.51 34.25 39.01
N GLU L 162 27.79 35.37 38.83
CA GLU L 162 26.35 35.28 38.66
C GLU L 162 25.97 34.50 37.41
N ARG L 163 26.68 34.74 36.30
CA ARG L 163 26.40 34.00 35.08
C ARG L 163 26.67 32.52 35.26
N LEU L 164 27.78 32.16 35.92
CA LEU L 164 28.06 30.76 36.19
C LEU L 164 26.97 30.13 37.05
N TYR L 165 26.55 30.84 38.09
CA TYR L 165 25.51 30.33 38.98
C TYR L 165 24.21 30.08 38.22
N GLN L 166 23.80 31.06 37.40
CA GLN L 166 22.56 30.90 36.66
C GLN L 166 22.65 29.76 35.65
N GLU L 167 23.79 29.64 34.96
CA GLU L 167 23.93 28.58 33.96
C GLU L 167 23.92 27.21 34.61
N ALA L 168 24.66 27.03 35.72
CA ALA L 168 24.63 25.76 36.42
C ALA L 168 23.26 25.47 37.00
N ARG L 169 22.54 26.52 37.43
CA ARG L 169 21.17 26.34 37.91
C ARG L 169 20.28 25.80 36.80
N LYS L 170 20.39 26.38 35.60
CA LYS L 170 19.60 25.88 34.48
C LYS L 170 19.97 24.44 34.14
N ILE L 171 21.27 24.13 34.17
CA ILE L 171 21.72 22.78 33.85
C ILE L 171 21.15 21.77 34.83
N VAL L 172 21.20 22.10 36.13
CA VAL L 172 20.72 21.16 37.13
C VAL L 172 19.20 21.01 37.06
N GLY L 173 18.49 22.11 36.78
CA GLY L 173 17.05 22.00 36.60
C GLY L 173 16.67 21.10 35.44
N ALA L 174 17.33 21.28 34.30
CA ALA L 174 17.07 20.43 33.14
C ALA L 174 17.47 18.99 33.44
N MET L 175 18.54 18.78 34.19
CA MET L 175 18.96 17.43 34.56
C MET L 175 17.89 16.73 35.39
N VAL L 176 17.36 17.44 36.39
CA VAL L 176 16.31 16.85 37.23
C VAL L 176 15.08 16.55 36.41
N GLN L 177 14.68 17.47 35.54
CA GLN L 177 13.51 17.24 34.70
C GLN L 177 13.70 16.04 33.80
N ILE L 178 14.87 15.92 33.17
CA ILE L 178 15.13 14.82 32.25
C ILE L 178 15.11 13.50 33.00
N ILE L 179 15.85 13.42 34.11
CA ILE L 179 15.91 12.16 34.86
C ILE L 179 14.53 11.75 35.31
N THR L 180 13.78 12.68 35.91
CA THR L 180 12.43 12.36 36.37
C THR L 180 11.56 11.86 35.22
N TYR L 181 11.30 12.73 34.23
CA TYR L 181 10.33 12.40 33.20
C TYR L 181 10.78 11.31 32.26
N ARG L 182 12.05 10.89 32.29
CA ARG L 182 12.50 9.81 31.43
C ARG L 182 12.71 8.49 32.12
N ASP L 183 12.99 8.47 33.43
CA ASP L 183 13.24 7.22 34.12
C ASP L 183 12.24 6.94 35.24
N TYR L 184 11.83 7.94 36.00
CA TYR L 184 11.04 7.68 37.19
C TYR L 184 9.58 7.46 36.85
N LEU L 185 8.96 8.40 36.14
CA LEU L 185 7.53 8.31 35.87
C LEU L 185 7.10 7.06 35.11
N PRO L 186 7.81 6.60 34.07
CA PRO L 186 7.41 5.35 33.43
C PRO L 186 7.42 4.16 34.38
N LEU L 187 8.31 4.13 35.36
CA LEU L 187 8.36 3.03 36.30
C LEU L 187 7.29 3.13 37.37
N VAL L 188 6.67 4.29 37.54
CA VAL L 188 5.55 4.45 38.46
C VAL L 188 4.23 4.15 37.76
N LEU L 189 3.96 4.83 36.65
CA LEU L 189 2.66 4.71 35.99
C LEU L 189 2.54 3.41 35.20
N GLY L 190 3.63 2.95 34.60
CA GLY L 190 3.56 1.84 33.68
C GLY L 190 3.37 2.34 32.27
N PRO L 191 3.56 1.48 31.28
CA PRO L 191 3.49 1.95 29.88
C PRO L 191 2.13 2.51 29.48
N THR L 192 1.04 1.85 29.88
CA THR L 192 -0.27 2.28 29.42
C THR L 192 -0.68 3.62 30.03
N ALA L 193 -0.53 3.75 31.35
CA ALA L 193 -0.90 5.00 32.00
C ALA L 193 0.02 6.14 31.60
N MET L 194 1.32 5.85 31.46
CA MET L 194 2.26 6.88 31.03
C MET L 194 1.92 7.36 29.62
N ARG L 195 1.58 6.44 28.73
CA ARG L 195 1.21 6.84 27.38
C ARG L 195 -0.11 7.59 27.34
N LYS L 196 -1.05 7.23 28.21
CA LYS L 196 -2.34 7.92 28.21
C LYS L 196 -2.24 9.33 28.78
N TYR L 197 -1.56 9.48 29.92
CA TYR L 197 -1.55 10.73 30.66
C TYR L 197 -0.38 11.64 30.33
N LEU L 198 0.68 11.12 29.72
CA LEU L 198 1.85 11.91 29.36
C LEU L 198 2.24 11.64 27.92
N PRO L 199 1.41 12.08 26.96
CA PRO L 199 1.74 11.86 25.55
C PRO L 199 2.93 12.67 25.10
N THR L 200 3.26 12.61 23.81
CA THR L 200 4.43 13.30 23.31
C THR L 200 4.32 14.80 23.52
N TYR L 201 5.41 15.42 23.95
CA TYR L 201 5.42 16.85 24.17
C TYR L 201 5.30 17.59 22.85
N ARG L 202 4.51 18.66 22.84
CA ARG L 202 4.28 19.44 21.63
C ARG L 202 4.90 20.82 21.70
N SER L 203 4.53 21.62 22.69
CA SER L 203 5.01 23.00 22.82
C SER L 203 4.46 23.56 24.13
N TYR L 204 4.96 24.73 24.50
CA TYR L 204 4.46 25.42 25.68
C TYR L 204 3.01 25.82 25.48
N ASN L 205 2.26 25.89 26.57
CA ASN L 205 0.82 26.13 26.51
C ASN L 205 0.44 26.94 27.76
N ASP L 206 0.26 28.24 27.59
CA ASP L 206 0.01 29.12 28.73
C ASP L 206 -1.40 28.98 29.30
N SER L 207 -2.31 28.31 28.60
CA SER L 207 -3.67 28.10 29.09
C SER L 207 -3.77 26.90 30.02
N VAL L 208 -2.65 26.43 30.57
CA VAL L 208 -2.60 25.28 31.44
C VAL L 208 -2.16 25.74 32.83
N ASP L 209 -2.87 25.30 33.86
CA ASP L 209 -2.59 25.71 35.23
C ASP L 209 -1.55 24.77 35.83
N PRO L 210 -0.34 25.24 36.12
CA PRO L 210 0.68 24.38 36.73
C PRO L 210 0.65 24.34 38.25
N ARG L 211 -0.40 24.83 38.89
CA ARG L 211 -0.47 24.80 40.34
C ARG L 211 -0.70 23.38 40.85
N ILE L 212 -0.06 23.05 41.96
CA ILE L 212 -0.21 21.72 42.55
C ILE L 212 -1.60 21.58 43.14
N ALA L 213 -2.29 20.51 42.78
CA ALA L 213 -3.61 20.27 43.33
C ALA L 213 -3.52 19.83 44.78
N ASN L 214 -4.62 19.99 45.51
CA ASN L 214 -4.65 19.61 46.92
C ASN L 214 -4.52 18.10 47.09
N VAL L 215 -5.19 17.34 46.23
CA VAL L 215 -5.20 15.88 46.37
C VAL L 215 -3.82 15.30 46.08
N PHE L 216 -3.02 15.96 45.25
CA PHE L 216 -1.70 15.43 44.90
C PHE L 216 -0.83 15.22 46.11
N THR L 217 -0.85 16.17 47.05
CA THR L 217 -0.06 16.04 48.27
C THR L 217 -0.43 14.80 49.07
N ASN L 218 -1.65 14.28 48.88
CA ASN L 218 -2.03 13.02 49.48
C ASN L 218 -1.95 11.85 48.52
N ALA L 219 -1.96 12.10 47.22
CA ALA L 219 -1.87 11.03 46.23
C ALA L 219 -0.45 10.68 45.86
N PHE L 220 0.53 11.46 46.31
CA PHE L 220 1.93 11.17 46.05
C PHE L 220 2.61 10.52 47.25
N ARG L 221 1.86 10.13 48.26
CA ARG L 221 2.40 9.43 49.41
C ARG L 221 2.39 7.92 49.23
N TYR L 222 2.12 7.45 48.02
CA TYR L 222 2.21 6.02 47.73
C TYR L 222 3.59 5.48 48.08
N GLY L 223 4.62 6.33 48.00
CA GLY L 223 5.96 5.92 48.33
C GLY L 223 6.13 5.49 49.77
N HIS L 224 5.18 5.81 50.63
CA HIS L 224 5.23 5.30 51.99
C HIS L 224 5.09 3.78 52.04
N THR L 225 4.63 3.16 50.96
CA THR L 225 4.48 1.71 50.89
C THR L 225 5.72 1.02 50.35
N LEU L 226 6.72 1.77 49.91
CA LEU L 226 7.96 1.20 49.37
C LEU L 226 9.12 1.27 50.37
N ILE L 227 8.86 1.72 51.60
CA ILE L 227 9.92 1.93 52.57
C ILE L 227 10.33 0.60 53.18
N GLN L 228 11.63 0.29 53.08
CA GLN L 228 12.19 -0.87 53.77
C GLN L 228 12.39 -0.53 55.25
N PRO L 229 12.30 -1.53 56.14
CA PRO L 229 12.43 -1.26 57.58
C PRO L 229 13.86 -1.08 58.06
N PHE L 230 14.86 -1.15 57.18
CA PHE L 230 16.25 -1.03 57.56
C PHE L 230 16.98 -0.09 56.62
N MET L 231 18.06 0.48 57.12
CA MET L 231 19.00 1.26 56.32
C MET L 231 20.25 0.43 56.09
N PHE L 232 20.63 0.28 54.83
CA PHE L 232 21.74 -0.57 54.41
C PHE L 232 22.89 0.28 53.91
N ARG L 233 24.10 -0.07 54.34
CA ARG L 233 25.32 0.59 53.88
C ARG L 233 26.28 -0.47 53.38
N LEU L 234 26.96 -0.18 52.28
CA LEU L 234 27.86 -1.12 51.64
C LEU L 234 29.23 -0.48 51.43
N ASP L 235 30.26 -1.31 51.44
CA ASP L 235 31.63 -0.85 51.28
C ASP L 235 31.98 -0.73 49.80
N ASN L 236 33.26 -0.54 49.50
CA ASN L 236 33.70 -0.38 48.11
C ASN L 236 33.46 -1.65 47.29
N ARG L 237 33.36 -2.81 47.95
CA ARG L 237 33.10 -4.07 47.27
C ARG L 237 31.64 -4.47 47.32
N TYR L 238 30.75 -3.55 47.70
CA TYR L 238 29.32 -3.83 47.84
C TYR L 238 29.07 -4.98 48.80
N GLN L 239 29.86 -5.02 49.87
CA GLN L 239 29.70 -5.96 50.97
C GLN L 239 29.22 -5.21 52.21
N PRO L 240 28.58 -5.92 53.16
CA PRO L 240 28.11 -5.24 54.37
C PRO L 240 29.22 -4.51 55.10
N MET L 241 29.12 -3.18 55.15
CA MET L 241 30.16 -2.35 55.76
C MET L 241 30.06 -2.41 57.28
N GLU L 242 31.18 -2.63 57.93
CA GLU L 242 31.22 -2.60 59.39
C GLU L 242 31.76 -1.27 59.87
N PRO L 243 31.29 -0.77 61.02
CA PRO L 243 30.28 -1.35 61.92
C PRO L 243 28.84 -1.10 61.46
N ASN L 244 27.89 -1.88 61.97
CA ASN L 244 26.47 -1.70 61.73
C ASN L 244 26.14 -1.72 60.25
N PRO L 245 26.24 -2.88 59.58
CA PRO L 245 25.87 -2.93 58.16
C PRO L 245 24.41 -2.58 57.91
N ARG L 246 23.52 -2.99 58.81
CA ARG L 246 22.10 -2.70 58.70
C ARG L 246 21.61 -2.06 59.99
N VAL L 247 20.90 -0.96 59.86
CA VAL L 247 20.47 -0.21 61.04
C VAL L 247 18.95 -0.07 61.02
N PRO L 248 18.26 -0.26 62.15
CA PRO L 248 16.81 -0.05 62.16
C PRO L 248 16.46 1.38 61.77
N LEU L 249 15.34 1.53 61.06
CA LEU L 249 14.94 2.84 60.55
C LEU L 249 14.51 3.78 61.67
N SER L 250 14.14 3.25 62.83
CA SER L 250 13.77 4.12 63.95
C SER L 250 14.95 4.88 64.51
N ARG L 251 16.18 4.41 64.27
CA ARG L 251 17.37 5.05 64.81
C ARG L 251 18.10 5.92 63.80
N VAL L 252 17.56 6.08 62.59
CA VAL L 252 18.17 6.92 61.57
C VAL L 252 17.38 8.18 61.31
N PHE L 253 16.29 8.42 62.04
CA PHE L 253 15.48 9.60 61.83
C PHE L 253 16.18 10.81 62.45
N PHE L 254 16.43 11.82 61.62
CA PHE L 254 17.08 13.06 62.02
C PHE L 254 18.51 12.86 62.49
N ALA L 255 19.06 11.66 62.31
CA ALA L 255 20.41 11.36 62.77
C ALA L 255 21.44 11.85 61.75
N SER L 256 21.57 13.18 61.70
CA SER L 256 22.53 13.78 60.78
C SER L 256 23.96 13.39 61.10
N TRP L 257 24.24 13.08 62.37
CA TRP L 257 25.58 12.66 62.76
C TRP L 257 26.01 11.38 62.06
N ARG L 258 25.06 10.61 61.53
CA ARG L 258 25.38 9.40 60.78
C ARG L 258 25.96 9.71 59.41
N VAL L 259 25.94 10.95 58.97
CA VAL L 259 26.51 11.35 57.69
C VAL L 259 27.93 11.86 57.84
N VAL L 260 28.15 12.76 58.81
CA VAL L 260 29.47 13.35 59.00
C VAL L 260 30.45 12.33 59.58
N LEU L 261 30.00 11.54 60.55
CA LEU L 261 30.91 10.74 61.37
C LEU L 261 30.83 9.24 61.07
N GLU L 262 30.18 8.83 59.98
CA GLU L 262 30.02 7.41 59.67
C GLU L 262 30.35 7.12 58.22
N GLY L 263 31.48 7.64 57.75
CA GLY L 263 31.98 7.31 56.44
C GLY L 263 31.44 8.12 55.28
N GLY L 264 30.57 9.09 55.54
CA GLY L 264 30.07 9.94 54.48
C GLY L 264 28.88 9.34 53.75
N ILE L 265 28.66 9.85 52.53
CA ILE L 265 27.48 9.47 51.76
C ILE L 265 27.73 8.35 50.77
N ASP L 266 28.98 7.93 50.58
CA ASP L 266 29.26 6.83 49.66
C ASP L 266 28.61 5.52 50.08
N PRO L 267 28.74 5.06 51.33
CA PRO L 267 28.04 3.81 51.70
C PRO L 267 26.53 3.91 51.56
N ILE L 268 25.94 5.07 51.83
CA ILE L 268 24.49 5.21 51.74
C ILE L 268 24.04 5.09 50.28
N LEU L 269 24.73 5.77 49.37
CA LEU L 269 24.39 5.65 47.96
C LEU L 269 24.60 4.24 47.45
N ARG L 270 25.70 3.60 47.88
CA ARG L 270 25.95 2.22 47.46
C ARG L 270 24.86 1.28 47.96
N GLY L 271 24.39 1.49 49.19
CA GLY L 271 23.29 0.70 49.69
C GLY L 271 21.99 0.95 48.95
N LEU L 272 21.73 2.21 48.60
CA LEU L 272 20.52 2.53 47.85
C LEU L 272 20.53 1.87 46.48
N MET L 273 21.68 1.88 45.81
CA MET L 273 21.74 1.38 44.44
C MET L 273 21.59 -0.14 44.35
N ALA L 274 21.98 -0.86 45.41
CA ALA L 274 22.07 -2.31 45.35
C ALA L 274 21.18 -2.98 46.40
N THR L 275 20.02 -2.39 46.68
CA THR L 275 19.07 -2.97 47.61
C THR L 275 17.68 -2.94 46.99
N PRO L 276 16.96 -4.06 46.96
CA PRO L 276 15.59 -4.05 46.45
C PRO L 276 14.67 -3.26 47.36
N ALA L 277 13.66 -2.66 46.76
CA ALA L 277 12.65 -1.90 47.50
C ALA L 277 11.66 -2.89 48.11
N LYS L 278 10.58 -2.36 48.69
CA LYS L 278 9.52 -3.17 49.28
C LYS L 278 8.33 -3.19 48.33
N LEU L 279 7.78 -4.37 48.09
CA LEU L 279 6.64 -4.52 47.21
C LEU L 279 5.35 -4.28 47.97
N ASN L 280 4.49 -3.42 47.44
CA ASN L 280 3.20 -3.14 48.04
C ASN L 280 2.24 -4.27 47.69
N ARG L 281 1.80 -5.00 48.71
CA ARG L 281 0.82 -6.06 48.55
C ARG L 281 -0.43 -5.72 49.36
N GLN L 282 -1.57 -6.25 48.92
CA GLN L 282 -2.84 -5.89 49.53
C GLN L 282 -2.92 -6.30 51.00
N ASN L 283 -2.08 -7.23 51.44
CA ASN L 283 -2.01 -7.61 52.84
C ASN L 283 -0.77 -7.09 53.54
N GLN L 284 0.16 -6.47 52.82
CA GLN L 284 1.38 -5.87 53.38
C GLN L 284 1.47 -4.44 52.88
N ILE L 285 0.83 -3.52 53.58
CA ILE L 285 0.77 -2.13 53.11
C ILE L 285 2.03 -1.37 53.50
N ALA L 286 2.27 -1.23 54.80
CA ALA L 286 3.41 -0.47 55.30
C ALA L 286 4.01 -1.18 56.49
N VAL L 287 5.32 -1.01 56.68
CA VAL L 287 6.04 -1.70 57.74
C VAL L 287 5.75 -1.03 59.09
N ASP L 288 6.06 -1.76 60.16
CA ASP L 288 5.80 -1.25 61.51
C ASP L 288 6.81 -0.20 61.94
N GLU L 289 7.96 -0.11 61.28
CA GLU L 289 8.96 0.86 61.70
C GLU L 289 8.45 2.29 61.53
N ILE L 290 7.71 2.55 60.44
CA ILE L 290 7.12 3.86 60.23
C ILE L 290 5.70 3.97 60.76
N ARG L 291 5.13 2.87 61.26
CA ARG L 291 3.77 2.88 61.79
C ARG L 291 3.71 2.97 63.31
N GLU L 292 4.75 2.50 64.00
CA GLU L 292 4.78 2.52 65.45
C GLU L 292 6.05 3.12 66.04
N ARG L 293 7.05 3.43 65.22
CA ARG L 293 8.34 3.92 65.71
C ARG L 293 8.82 5.11 64.91
N LEU L 294 7.91 5.84 64.27
CA LEU L 294 8.30 7.00 63.47
C LEU L 294 8.66 8.15 64.40
N PHE L 295 9.88 8.67 64.24
CA PHE L 295 10.38 9.77 65.07
C PHE L 295 10.30 9.43 66.55
N GLU L 296 10.71 8.21 66.89
CA GLU L 296 10.60 7.75 68.27
C GLU L 296 11.48 8.55 69.21
N GLN L 297 12.72 8.83 68.81
CA GLN L 297 13.65 9.50 69.71
C GLN L 297 13.31 10.96 69.91
N VAL L 298 12.98 11.67 68.83
CA VAL L 298 12.74 13.11 68.94
C VAL L 298 11.43 13.37 69.68
N MET L 299 10.38 12.65 69.33
CA MET L 299 9.06 12.89 69.92
C MET L 299 8.90 12.11 71.21
N ARG L 300 7.90 12.53 72.00
CA ARG L 300 7.60 11.82 73.24
C ARG L 300 7.13 10.40 72.96
N ILE L 301 6.29 10.23 71.95
CA ILE L 301 5.78 8.92 71.55
C ILE L 301 5.97 8.76 70.05
N GLY L 302 6.02 7.51 69.62
CA GLY L 302 6.16 7.23 68.20
C GLY L 302 4.93 7.66 67.42
N LEU L 303 5.15 7.99 66.15
CA LEU L 303 4.10 8.43 65.26
C LEU L 303 3.60 7.27 64.39
N ASP L 304 2.47 7.51 63.73
CA ASP L 304 1.86 6.53 62.83
C ASP L 304 1.69 7.18 61.47
N LEU L 305 2.59 6.88 60.54
CA LEU L 305 2.58 7.54 59.24
C LEU L 305 1.28 7.30 58.46
N PRO L 306 0.76 6.07 58.33
CA PRO L 306 -0.53 5.93 57.64
C PRO L 306 -1.65 6.69 58.32
N ALA L 307 -1.73 6.63 59.65
CA ALA L 307 -2.77 7.35 60.36
C ALA L 307 -2.61 8.85 60.17
N LEU L 308 -1.37 9.32 60.14
CA LEU L 308 -1.13 10.73 59.81
C LEU L 308 -1.62 11.06 58.42
N ASN L 309 -1.46 10.13 57.47
CA ASN L 309 -1.94 10.36 56.11
C ASN L 309 -3.46 10.51 56.08
N MET L 310 -4.19 9.58 56.70
CA MET L 310 -5.64 9.71 56.69
C MET L 310 -6.09 10.95 57.45
N GLN L 311 -5.45 11.26 58.57
CA GLN L 311 -5.85 12.44 59.34
C GLN L 311 -5.61 13.72 58.55
N ARG L 312 -4.49 13.80 57.83
CA ARG L 312 -4.22 14.98 57.01
C ARG L 312 -5.17 15.06 55.83
N SER L 313 -5.59 13.91 55.27
CA SER L 313 -6.60 13.95 54.23
C SER L 313 -7.92 14.48 54.75
N ARG L 314 -8.29 14.09 55.97
CA ARG L 314 -9.48 14.64 56.60
C ARG L 314 -9.33 16.13 56.87
N ASP L 315 -8.16 16.55 57.35
CA ASP L 315 -7.93 17.95 57.69
C ASP L 315 -8.06 18.84 56.46
N HIS L 316 -7.51 18.41 55.33
CA HIS L 316 -7.59 19.19 54.10
C HIS L 316 -8.98 19.20 53.50
N GLY L 317 -9.92 18.43 54.04
CA GLY L 317 -11.27 18.39 53.52
C GLY L 317 -11.37 17.80 52.13
N LEU L 318 -10.56 16.79 51.83
CA LEU L 318 -10.62 16.16 50.53
C LEU L 318 -11.85 15.25 50.44
N PRO L 319 -12.41 15.10 49.25
CA PRO L 319 -13.56 14.20 49.10
C PRO L 319 -13.21 12.74 49.33
N GLY L 320 -14.20 11.86 49.23
CA GLY L 320 -14.00 10.45 49.48
C GLY L 320 -13.46 9.72 48.26
N TYR L 321 -13.35 8.39 48.42
CA TYR L 321 -12.81 7.55 47.37
C TYR L 321 -13.70 7.55 46.13
N ASN L 322 -15.02 7.46 46.31
CA ASN L 322 -15.92 7.38 45.18
C ASN L 322 -15.96 8.67 44.38
N ALA L 323 -15.82 9.82 45.06
CA ALA L 323 -15.79 11.09 44.34
C ALA L 323 -14.62 11.14 43.38
N TRP L 324 -13.45 10.68 43.81
CA TRP L 324 -12.28 10.67 42.93
C TRP L 324 -12.41 9.61 41.86
N ARG L 325 -13.02 8.47 42.18
CA ARG L 325 -13.29 7.46 41.16
C ARG L 325 -14.16 8.03 40.05
N ARG L 326 -15.17 8.81 40.41
CA ARG L 326 -16.02 9.45 39.42
C ARG L 326 -15.27 10.54 38.67
N PHE L 327 -14.42 11.29 39.37
CA PHE L 327 -13.68 12.37 38.74
C PHE L 327 -12.72 11.85 37.69
N CYS L 328 -12.05 10.73 37.96
CA CYS L 328 -11.11 10.15 37.00
C CYS L 328 -11.79 9.35 35.91
N GLY L 329 -13.07 9.00 36.06
CA GLY L 329 -13.80 8.26 35.07
C GLY L 329 -13.91 6.77 35.29
N LEU L 330 -13.53 6.28 36.47
CA LEU L 330 -13.64 4.87 36.77
C LEU L 330 -14.98 4.55 37.40
N PRO L 331 -15.45 3.30 37.30
CA PRO L 331 -16.73 2.94 37.93
C PRO L 331 -16.67 3.10 39.43
N GLN L 332 -17.81 3.51 40.00
CA GLN L 332 -17.91 3.80 41.43
C GLN L 332 -18.63 2.67 42.14
N PRO L 333 -17.97 1.91 43.00
CA PRO L 333 -18.66 0.83 43.71
C PRO L 333 -19.60 1.39 44.77
N GLU L 334 -20.60 0.59 45.11
CA GLU L 334 -21.57 0.98 46.13
C GLU L 334 -21.73 -0.04 47.24
N THR L 335 -21.63 -1.33 46.94
CA THR L 335 -21.86 -2.39 47.89
C THR L 335 -20.57 -3.18 48.14
N VAL L 336 -20.68 -4.23 48.96
CA VAL L 336 -19.51 -5.04 49.28
C VAL L 336 -19.03 -5.79 48.04
N GLY L 337 -19.96 -6.34 47.25
CA GLY L 337 -19.58 -7.10 46.08
C GLY L 337 -18.90 -6.24 45.02
N GLN L 338 -19.42 -5.04 44.79
CA GLN L 338 -18.80 -4.15 43.81
C GLN L 338 -17.41 -3.72 44.27
N LEU L 339 -17.24 -3.45 45.56
CA LEU L 339 -15.93 -3.10 46.08
C LEU L 339 -14.96 -4.25 45.95
N GLY L 340 -15.41 -5.48 46.20
CA GLY L 340 -14.55 -6.63 46.02
C GLY L 340 -14.18 -6.85 44.56
N THR L 341 -15.11 -6.57 43.66
CA THR L 341 -14.80 -6.65 42.23
C THR L 341 -13.76 -5.61 41.83
N VAL L 342 -13.90 -4.38 42.34
CA VAL L 342 -12.97 -3.32 41.99
C VAL L 342 -11.58 -3.61 42.56
N LEU L 343 -11.51 -4.04 43.81
CA LEU L 343 -10.22 -4.29 44.46
C LEU L 343 -9.65 -5.66 44.13
N ARG L 344 -10.43 -6.54 43.49
CA ARG L 344 -10.01 -7.92 43.22
C ARG L 344 -9.61 -8.63 44.50
N ASN L 345 -10.34 -8.36 45.58
CA ASN L 345 -10.10 -8.98 46.87
C ASN L 345 -11.37 -8.88 47.70
N LEU L 346 -11.66 -9.93 48.46
CA LEU L 346 -12.88 -9.98 49.25
C LEU L 346 -12.65 -9.71 50.72
N LYS L 347 -11.55 -10.19 51.30
CA LYS L 347 -11.24 -9.88 52.68
C LYS L 347 -11.02 -8.39 52.88
N LEU L 348 -10.23 -7.78 51.98
CA LEU L 348 -9.93 -6.37 52.13
C LEU L 348 -11.18 -5.51 51.95
N ALA L 349 -12.04 -5.87 51.01
CA ALA L 349 -13.29 -5.14 50.84
C ALA L 349 -14.16 -5.24 52.08
N ARG L 350 -14.22 -6.43 52.68
CA ARG L 350 -15.00 -6.61 53.90
C ARG L 350 -14.44 -5.77 55.04
N LYS L 351 -13.12 -5.73 55.19
CA LYS L 351 -12.52 -4.91 56.24
C LYS L 351 -12.78 -3.43 56.00
N LEU L 352 -12.64 -2.98 54.76
CA LEU L 352 -12.90 -1.57 54.46
C LEU L 352 -14.35 -1.21 54.74
N MET L 353 -15.28 -2.10 54.42
CA MET L 353 -16.69 -1.82 54.67
C MET L 353 -17.00 -1.86 56.16
N GLU L 354 -16.37 -2.76 56.91
CA GLU L 354 -16.62 -2.81 58.34
C GLU L 354 -16.00 -1.65 59.09
N GLN L 355 -14.97 -1.01 58.53
CA GLN L 355 -14.39 0.16 59.16
C GLN L 355 -14.99 1.49 58.70
N TYR L 356 -15.42 1.60 57.45
CA TYR L 356 -15.98 2.85 56.93
C TYR L 356 -17.49 2.80 56.76
N GLY L 357 -18.05 1.68 56.32
CA GLY L 357 -19.47 1.53 56.16
C GLY L 357 -19.99 1.83 54.77
N THR L 358 -19.23 2.55 53.95
CA THR L 358 -19.65 2.85 52.59
C THR L 358 -18.43 3.24 51.78
N PRO L 359 -18.35 2.86 50.50
CA PRO L 359 -17.19 3.26 49.69
C PRO L 359 -17.06 4.76 49.52
N ASN L 360 -18.13 5.51 49.73
CA ASN L 360 -18.06 6.96 49.60
C ASN L 360 -17.18 7.61 50.68
N ASN L 361 -16.92 6.90 51.77
CA ASN L 361 -16.21 7.46 52.91
C ASN L 361 -14.74 7.05 52.98
N ILE L 362 -14.31 6.10 52.17
CA ILE L 362 -12.92 5.63 52.23
C ILE L 362 -11.99 6.76 51.83
N ASP L 363 -10.92 6.93 52.60
CA ASP L 363 -9.97 8.02 52.36
C ASP L 363 -9.23 7.79 51.04
N ILE L 364 -8.75 8.90 50.47
CA ILE L 364 -8.09 8.82 49.17
C ILE L 364 -6.82 8.00 49.24
N TRP L 365 -6.06 8.12 50.33
CA TRP L 365 -4.84 7.31 50.48
C TRP L 365 -5.18 5.83 50.60
N MET L 366 -6.20 5.49 51.40
CA MET L 366 -6.61 4.09 51.56
C MET L 366 -7.06 3.50 50.23
N GLY L 367 -7.93 4.18 49.51
CA GLY L 367 -8.38 3.67 48.23
C GLY L 367 -7.26 3.62 47.21
N GLY L 368 -6.35 4.59 47.25
CA GLY L 368 -5.26 4.60 46.30
C GLY L 368 -4.28 3.45 46.49
N VAL L 369 -3.92 3.15 47.75
CA VAL L 369 -2.94 2.11 48.00
C VAL L 369 -3.56 0.73 48.19
N SER L 370 -4.89 0.64 48.30
CA SER L 370 -5.55 -0.65 48.40
C SER L 370 -5.94 -1.23 47.05
N GLU L 371 -5.78 -0.47 45.98
CA GLU L 371 -6.11 -0.94 44.64
C GLU L 371 -5.01 -1.86 44.11
N PRO L 372 -5.34 -2.77 43.21
CA PRO L 372 -4.31 -3.61 42.58
C PRO L 372 -3.47 -2.79 41.62
N LEU L 373 -2.16 -3.03 41.66
CA LEU L 373 -1.24 -2.23 40.87
C LEU L 373 -1.42 -2.48 39.39
N LYS L 374 -1.07 -1.47 38.60
CA LYS L 374 -1.12 -1.60 37.14
C LYS L 374 -0.07 -2.61 36.68
N ARG L 375 -0.11 -2.92 35.39
CA ARG L 375 0.88 -3.81 34.81
C ARG L 375 2.17 -3.04 34.56
N LYS L 376 3.26 -3.51 35.15
CA LYS L 376 4.55 -2.84 35.10
C LYS L 376 4.50 -1.44 35.72
N GLY L 377 3.59 -1.26 36.69
CA GLY L 377 3.49 -0.02 37.41
C GLY L 377 3.34 -0.28 38.90
N ARG L 378 3.51 0.78 39.68
CA ARG L 378 3.51 0.66 41.14
C ARG L 378 2.35 1.41 41.78
N VAL L 379 1.34 1.81 41.01
CA VAL L 379 0.16 2.47 41.54
C VAL L 379 -1.07 1.90 40.84
N GLY L 380 -2.22 2.06 41.49
CA GLY L 380 -3.48 1.64 40.92
C GLY L 380 -3.99 2.64 39.91
N PRO L 381 -5.13 2.31 39.30
CA PRO L 381 -5.68 3.19 38.26
C PRO L 381 -5.99 4.60 38.73
N LEU L 382 -6.53 4.76 39.95
CA LEU L 382 -6.90 6.09 40.43
C LEU L 382 -5.67 6.94 40.72
N LEU L 383 -4.70 6.38 41.45
CA LEU L 383 -3.47 7.11 41.72
C LEU L 383 -2.73 7.40 40.43
N ALA L 384 -2.73 6.46 39.48
CA ALA L 384 -2.11 6.72 38.19
C ALA L 384 -2.77 7.88 37.49
N CYS L 385 -4.11 7.94 37.52
CA CYS L 385 -4.82 9.04 36.89
C CYS L 385 -4.42 10.37 37.50
N ILE L 386 -4.45 10.46 38.83
CA ILE L 386 -4.15 11.72 39.51
C ILE L 386 -2.71 12.15 39.23
N ILE L 387 -1.77 11.21 39.37
CA ILE L 387 -0.36 11.55 39.25
C ILE L 387 -0.01 11.92 37.80
N GLY L 388 -0.54 11.17 36.84
CA GLY L 388 -0.30 11.51 35.45
C GLY L 388 -0.88 12.86 35.07
N THR L 389 -2.08 13.16 35.55
CA THR L 389 -2.67 14.47 35.28
C THR L 389 -1.81 15.58 35.87
N GLN L 390 -1.36 15.41 37.11
CA GLN L 390 -0.56 16.45 37.74
C GLN L 390 0.75 16.68 37.00
N PHE L 391 1.43 15.60 36.61
CA PHE L 391 2.72 15.79 35.97
C PHE L 391 2.57 16.29 34.53
N ARG L 392 1.50 15.92 33.84
CA ARG L 392 1.22 16.51 32.55
C ARG L 392 0.99 18.00 32.66
N LYS L 393 0.23 18.43 33.67
CA LYS L 393 0.03 19.85 33.89
C LYS L 393 1.34 20.56 34.21
N LEU L 394 2.19 19.94 35.03
CA LEU L 394 3.46 20.55 35.37
C LEU L 394 4.35 20.70 34.14
N ARG L 395 4.37 19.71 33.26
CA ARG L 395 5.23 19.78 32.09
C ARG L 395 4.69 20.78 31.06
N ASP L 396 3.38 20.74 30.79
CA ASP L 396 2.82 21.57 29.73
C ASP L 396 2.66 23.03 30.12
N GLY L 397 2.64 23.34 31.41
CA GLY L 397 2.50 24.70 31.89
C GLY L 397 3.78 25.41 32.23
N ASP L 398 4.92 24.71 32.17
CA ASP L 398 6.21 25.29 32.51
C ASP L 398 6.82 25.93 31.27
N ARG L 399 7.05 27.25 31.33
CA ARG L 399 7.61 27.96 30.20
C ARG L 399 9.12 27.75 30.06
N PHE L 400 9.79 27.29 31.11
CA PHE L 400 11.22 27.02 31.06
C PHE L 400 11.51 25.52 30.92
N TRP L 401 10.59 24.78 30.31
CA TRP L 401 10.79 23.35 30.09
C TRP L 401 12.02 23.12 29.23
N TRP L 402 12.81 22.11 29.60
CA TRP L 402 14.09 21.88 28.94
C TRP L 402 13.92 21.59 27.46
N GLU L 403 12.78 21.05 27.06
CA GLU L 403 12.49 20.77 25.66
C GLU L 403 11.85 21.94 24.93
N ASN L 404 11.51 23.02 25.64
CA ASN L 404 10.91 24.17 25.01
C ASN L 404 11.91 24.87 24.11
N GLU L 405 11.42 25.42 23.00
CA GLU L 405 12.30 26.11 22.06
C GLU L 405 12.81 27.41 22.67
N GLY L 406 14.11 27.65 22.56
CA GLY L 406 14.73 28.85 23.07
C GLY L 406 15.34 28.72 24.45
N VAL L 407 14.90 27.75 25.24
CA VAL L 407 15.51 27.54 26.55
C VAL L 407 16.93 27.00 26.39
N PHE L 408 17.12 26.05 25.48
CA PHE L 408 18.42 25.46 25.22
C PHE L 408 18.66 25.41 23.72
N SER L 409 19.93 25.48 23.33
CA SER L 409 20.28 25.31 21.94
C SER L 409 20.14 23.85 21.53
N MET L 410 20.09 23.62 20.21
CA MET L 410 19.92 22.26 19.70
C MET L 410 21.06 21.36 20.15
N GLN L 411 22.30 21.80 19.98
CA GLN L 411 23.44 21.03 20.45
C GLN L 411 23.39 20.86 21.96
N GLN L 412 22.92 21.87 22.68
CA GLN L 412 22.74 21.74 24.12
C GLN L 412 21.70 20.68 24.44
N ARG L 413 20.62 20.59 23.67
CA ARG L 413 19.63 19.54 23.88
C ARG L 413 20.23 18.17 23.65
N GLN L 414 21.01 18.00 22.59
CA GLN L 414 21.62 16.70 22.32
C GLN L 414 22.61 16.32 23.41
N ALA L 415 23.33 17.31 23.95
CA ALA L 415 24.25 17.04 25.05
C ALA L 415 23.49 16.65 26.31
N LEU L 416 22.37 17.33 26.59
CA LEU L 416 21.62 17.06 27.81
C LEU L 416 20.90 15.72 27.74
N ALA L 417 20.47 15.29 26.56
CA ALA L 417 19.68 14.08 26.46
C ALA L 417 20.49 12.84 26.83
N GLN L 418 21.80 12.97 26.96
CA GLN L 418 22.67 11.83 27.25
C GLN L 418 23.05 11.72 28.72
N ILE L 419 22.48 12.54 29.60
CA ILE L 419 22.82 12.49 31.02
C ILE L 419 22.21 11.24 31.65
N SER L 420 22.67 10.90 32.85
CA SER L 420 22.13 9.76 33.57
C SER L 420 22.48 9.91 35.04
N LEU L 421 21.67 9.29 35.90
CA LEU L 421 21.96 9.29 37.33
C LEU L 421 23.25 8.56 37.68
N PRO L 422 23.54 7.37 37.14
CA PRO L 422 24.81 6.70 37.49
C PRO L 422 26.04 7.51 37.16
N ARG L 423 26.02 8.25 36.04
CA ARG L 423 27.15 9.09 35.69
C ARG L 423 27.38 10.16 36.74
N ILE L 424 26.31 10.80 37.20
CA ILE L 424 26.43 11.80 38.25
C ILE L 424 26.93 11.17 39.55
N ILE L 425 26.42 9.98 39.87
CA ILE L 425 26.76 9.34 41.14
C ILE L 425 28.24 8.97 41.16
N CYS L 426 28.75 8.39 40.07
CA CYS L 426 30.14 7.97 40.06
C CYS L 426 31.09 9.08 39.62
N ASP L 427 30.56 10.23 39.24
CA ASP L 427 31.40 11.37 38.86
C ASP L 427 31.59 12.38 39.98
N ASN L 428 30.64 12.47 40.92
CA ASN L 428 30.68 13.48 41.96
C ASN L 428 31.13 12.93 43.31
N THR L 429 31.53 11.66 43.37
CA THR L 429 32.04 11.08 44.60
C THR L 429 32.83 9.82 44.26
N GLY L 430 33.18 9.05 45.30
CA GLY L 430 34.21 8.03 45.18
C GLY L 430 33.77 6.67 44.68
N ILE L 431 32.47 6.44 44.47
CA ILE L 431 32.02 5.15 43.97
C ILE L 431 32.42 5.01 42.50
N THR L 432 32.96 3.84 42.16
CA THR L 432 33.36 3.52 40.79
C THR L 432 32.40 2.57 40.10
N THR L 433 31.84 1.61 40.84
CA THR L 433 30.92 0.64 40.26
C THR L 433 29.49 1.12 40.48
N VAL L 434 28.74 1.31 39.39
CA VAL L 434 27.37 1.79 39.47
C VAL L 434 26.48 0.90 38.61
N SER L 435 25.18 1.01 38.82
CA SER L 435 24.20 0.25 38.04
C SER L 435 24.08 0.84 36.64
N LYS L 436 23.52 0.05 35.73
CA LYS L 436 23.43 0.42 34.33
C LYS L 436 21.97 0.63 33.93
N ASN L 437 21.79 1.33 32.81
CA ASN L 437 20.48 1.56 32.19
C ASN L 437 19.60 2.29 33.21
N ASN L 438 18.46 1.74 33.62
CA ASN L 438 17.58 2.40 34.58
C ASN L 438 18.09 2.07 35.98
N ILE L 439 18.66 3.08 36.65
CA ILE L 439 19.18 2.91 37.99
C ILE L 439 18.09 2.52 38.98
N PHE L 440 16.84 2.92 38.72
CA PHE L 440 15.72 2.58 39.57
C PHE L 440 15.29 1.13 39.43
N MET L 441 15.86 0.39 38.47
CA MET L 441 15.46 -0.99 38.23
C MET L 441 16.53 -2.01 38.57
N SER L 442 17.80 -1.61 38.64
CA SER L 442 18.90 -2.54 38.87
C SER L 442 19.20 -2.60 40.37
N ASN L 443 19.03 -3.78 40.96
CA ASN L 443 19.21 -3.93 42.40
C ASN L 443 19.89 -5.24 42.76
N SER L 444 20.78 -5.75 41.89
CA SER L 444 21.46 -7.01 42.16
C SER L 444 22.94 -6.88 41.84
N TYR L 445 23.78 -7.14 42.83
CA TYR L 445 25.21 -7.08 42.62
C TYR L 445 25.79 -8.48 42.38
N PRO L 446 26.69 -8.63 41.41
CA PRO L 446 27.17 -7.64 40.45
C PRO L 446 26.60 -7.87 39.06
N ARG L 447 25.42 -8.48 38.96
CA ARG L 447 24.89 -8.89 37.66
C ARG L 447 24.63 -7.69 36.75
N ASP L 448 24.10 -6.60 37.29
CA ASP L 448 23.74 -5.47 36.46
C ASP L 448 24.48 -4.20 36.86
N PHE L 449 25.79 -4.30 37.07
CA PHE L 449 26.61 -3.16 37.44
C PHE L 449 27.73 -2.98 36.42
N VAL L 450 28.21 -1.75 36.30
CA VAL L 450 29.30 -1.44 35.38
C VAL L 450 30.37 -0.64 36.13
N ASN L 451 31.44 -0.26 35.43
CA ASN L 451 32.52 0.50 36.03
C ASN L 451 32.42 1.99 35.77
N CYS L 452 31.45 2.41 34.95
CA CYS L 452 31.20 3.80 34.57
C CYS L 452 32.45 4.47 34.02
N SER L 453 33.45 3.68 33.63
CA SER L 453 34.52 4.17 32.78
C SER L 453 34.20 3.99 31.31
N THR L 454 33.04 3.40 31.00
CA THR L 454 32.57 3.18 29.64
C THR L 454 31.49 4.17 29.21
N LEU L 455 30.52 4.43 30.07
CA LEU L 455 29.44 5.35 29.72
C LEU L 455 29.99 6.77 29.57
N PRO L 456 29.52 7.51 28.58
CA PRO L 456 30.06 8.85 28.34
C PRO L 456 29.57 9.86 29.37
N ALA L 457 30.33 10.94 29.50
CA ALA L 457 30.00 12.02 30.41
C ALA L 457 29.18 13.08 29.69
N LEU L 458 29.00 14.23 30.33
CA LEU L 458 28.27 15.34 29.74
C LEU L 458 29.22 16.23 28.94
N ASN L 459 28.94 16.38 27.66
CA ASN L 459 29.80 17.16 26.76
C ASN L 459 29.39 18.63 26.87
N LEU L 460 30.19 19.40 27.61
CA LEU L 460 29.92 20.81 27.81
C LEU L 460 30.47 21.70 26.71
N ALA L 461 31.08 21.11 25.68
CA ALA L 461 31.72 21.90 24.63
C ALA L 461 30.73 22.75 23.85
N SER L 462 29.44 22.48 23.97
CA SER L 462 28.43 23.30 23.29
C SER L 462 28.09 24.56 24.06
N TRP L 463 28.70 24.78 25.22
CA TRP L 463 28.44 25.96 26.03
C TRP L 463 29.40 27.10 25.75
N ARG L 464 30.25 26.97 24.73
CA ARG L 464 31.12 28.08 24.34
C ARG L 464 30.28 29.30 23.97
N GLU L 465 30.67 30.46 24.46
CA GLU L 465 29.94 31.70 24.17
C GLU L 465 30.53 32.40 22.96
N ASP M 7 -34.80 -13.88 -33.69
CA ASP M 7 -33.37 -13.67 -33.54
C ASP M 7 -32.72 -14.81 -32.77
N LYS M 8 -32.67 -15.99 -33.39
CA LYS M 8 -32.07 -17.17 -32.80
C LYS M 8 -30.80 -17.61 -33.52
N TYR M 9 -30.73 -17.44 -34.84
CA TYR M 9 -29.58 -17.84 -35.63
C TYR M 9 -29.25 -16.73 -36.62
N ARG M 10 -28.11 -16.91 -37.30
CA ARG M 10 -27.67 -15.94 -38.31
C ARG M 10 -28.48 -16.14 -39.59
N THR M 11 -28.98 -15.04 -40.13
CA THR M 11 -29.53 -15.08 -41.47
C THR M 11 -28.40 -15.28 -42.48
N ILE M 12 -28.71 -15.99 -43.57
CA ILE M 12 -27.69 -16.32 -44.56
C ILE M 12 -27.11 -15.04 -45.17
N THR M 13 -27.97 -14.09 -45.54
CA THR M 13 -27.51 -12.86 -46.14
C THR M 13 -27.07 -11.82 -45.11
N GLY M 14 -27.18 -12.12 -43.82
CA GLY M 14 -26.80 -11.17 -42.80
C GLY M 14 -27.78 -10.04 -42.60
N MET M 15 -28.99 -10.14 -43.14
CA MET M 15 -29.97 -9.07 -43.02
C MET M 15 -30.45 -8.93 -41.57
N CYS M 16 -30.83 -7.71 -41.22
CA CYS M 16 -31.45 -7.41 -39.93
C CYS M 16 -30.53 -7.74 -38.75
N ASN M 17 -29.22 -7.63 -38.96
CA ASN M 17 -28.29 -7.79 -37.85
C ASN M 17 -28.22 -6.54 -36.97
N ASN M 18 -28.38 -5.36 -37.56
CA ASN M 18 -28.37 -4.09 -36.84
C ASN M 18 -29.76 -3.48 -36.91
N ARG M 19 -30.32 -3.12 -35.75
CA ARG M 19 -31.69 -2.64 -35.70
C ARG M 19 -31.82 -1.26 -36.35
N ARG M 20 -30.85 -0.38 -36.11
CA ARG M 20 -30.91 0.96 -36.70
C ARG M 20 -30.96 0.90 -38.22
N SER M 21 -30.13 0.03 -38.81
CA SER M 21 -30.13 -0.18 -40.25
C SER M 21 -30.04 -1.68 -40.52
N PRO M 22 -31.16 -2.35 -40.78
CA PRO M 22 -31.09 -3.80 -41.05
C PRO M 22 -30.25 -4.14 -42.25
N THR M 23 -30.10 -3.20 -43.19
CA THR M 23 -29.31 -3.42 -44.39
C THR M 23 -27.82 -3.19 -44.17
N LEU M 24 -27.43 -2.79 -42.97
CA LEU M 24 -26.04 -2.43 -42.68
C LEU M 24 -25.29 -3.70 -42.28
N GLY M 25 -24.33 -4.10 -43.12
CA GLY M 25 -23.56 -5.30 -42.90
C GLY M 25 -23.99 -6.51 -43.73
N ALA M 26 -25.07 -6.40 -44.49
CA ALA M 26 -25.54 -7.51 -45.30
C ALA M 26 -24.68 -7.68 -46.55
N SER M 27 -25.06 -8.61 -47.41
CA SER M 27 -24.31 -8.91 -48.61
C SER M 27 -24.87 -8.11 -49.79
N ASN M 28 -24.08 -8.08 -50.87
CA ASN M 28 -24.45 -7.43 -52.13
C ASN M 28 -24.79 -5.95 -51.92
N ARG M 29 -23.95 -5.26 -51.16
CA ARG M 29 -24.07 -3.83 -50.96
C ARG M 29 -22.71 -3.16 -51.14
N ALA M 30 -22.75 -1.83 -51.26
CA ALA M 30 -21.54 -1.08 -51.55
C ALA M 30 -20.58 -1.08 -50.37
N PHE M 31 -19.29 -1.04 -50.68
CA PHE M 31 -18.27 -0.91 -49.65
C PHE M 31 -18.41 0.43 -48.96
N VAL M 32 -18.14 0.45 -47.65
CA VAL M 32 -18.07 1.69 -46.92
C VAL M 32 -16.71 2.33 -47.18
N ARG M 33 -16.69 3.64 -47.38
CA ARG M 33 -15.47 4.37 -47.69
C ARG M 33 -15.02 5.13 -46.45
N TRP M 34 -13.81 4.83 -45.98
CA TRP M 34 -13.24 5.59 -44.87
C TRP M 34 -12.70 6.94 -45.32
N LEU M 35 -12.29 7.05 -46.58
CA LEU M 35 -11.84 8.30 -47.18
C LEU M 35 -12.55 8.51 -48.50
N PRO M 36 -12.75 9.76 -48.90
CA PRO M 36 -13.39 10.03 -50.20
C PRO M 36 -12.58 9.47 -51.36
N ALA M 37 -13.29 8.96 -52.36
CA ALA M 37 -12.63 8.37 -53.51
C ALA M 37 -11.92 9.43 -54.34
N GLU M 38 -10.75 9.07 -54.87
CA GLU M 38 -9.95 9.96 -55.71
C GLU M 38 -9.88 9.38 -57.11
N TYR M 39 -10.32 10.16 -58.08
CA TYR M 39 -10.35 9.75 -59.48
C TYR M 39 -9.71 10.83 -60.33
N GLU M 40 -9.22 10.43 -61.51
CA GLU M 40 -8.54 11.37 -62.39
C GLU M 40 -9.49 12.43 -62.94
N ASP M 41 -10.74 12.07 -63.20
CA ASP M 41 -11.73 13.03 -63.65
C ASP M 41 -12.55 13.59 -62.50
N GLY M 42 -12.55 12.93 -61.35
CA GLY M 42 -13.29 13.36 -60.19
C GLY M 42 -14.52 12.53 -59.88
N PHE M 43 -15.04 11.78 -60.86
CA PHE M 43 -16.27 11.03 -60.65
C PHE M 43 -16.07 9.52 -60.74
N SER M 44 -15.62 8.99 -61.88
CA SER M 44 -15.48 7.55 -62.03
C SER M 44 -14.28 7.12 -62.85
N LEU M 45 -13.34 8.01 -63.15
CA LEU M 45 -12.28 7.68 -64.09
C LEU M 45 -11.00 7.33 -63.34
N PRO M 46 -10.48 6.11 -63.50
CA PRO M 46 -9.25 5.74 -62.78
C PRO M 46 -8.05 6.51 -63.30
N TYR M 47 -7.06 6.70 -62.42
CA TYR M 47 -5.83 7.35 -62.83
C TYR M 47 -5.08 6.47 -63.81
N GLY M 48 -4.55 7.09 -64.86
CA GLY M 48 -3.90 6.35 -65.93
C GLY M 48 -4.81 5.90 -67.04
N TRP M 49 -6.08 6.30 -67.01
CA TRP M 49 -7.01 5.91 -68.09
C TRP M 49 -6.68 6.63 -69.38
N THR M 50 -6.46 7.95 -69.32
CA THR M 50 -6.17 8.74 -70.50
C THR M 50 -4.73 9.23 -70.46
N PRO M 51 -3.95 8.99 -71.52
CA PRO M 51 -2.56 9.45 -71.52
C PRO M 51 -2.47 10.97 -71.47
N GLY M 52 -1.40 11.45 -70.85
CA GLY M 52 -1.15 12.87 -70.76
C GLY M 52 -1.73 13.55 -69.53
N VAL M 53 -2.46 12.84 -68.69
CA VAL M 53 -3.04 13.41 -67.48
C VAL M 53 -2.13 13.06 -66.31
N LYS M 54 -1.66 14.09 -65.62
CA LYS M 54 -0.75 13.92 -64.49
C LYS M 54 -1.52 13.93 -63.18
N ARG M 55 -0.99 13.21 -62.19
CA ARG M 55 -1.56 13.16 -60.85
C ARG M 55 -0.65 13.96 -59.92
N ASN M 56 -1.22 14.98 -59.26
CA ASN M 56 -0.48 15.84 -58.35
C ASN M 56 0.75 16.45 -59.04
N GLY M 57 0.60 16.76 -60.33
CA GLY M 57 1.70 17.31 -61.10
C GLY M 57 2.76 16.31 -61.51
N PHE M 58 2.50 15.01 -61.37
CA PHE M 58 3.46 13.99 -61.76
C PHE M 58 2.79 12.95 -62.65
N PRO M 59 3.52 12.36 -63.58
CA PRO M 59 2.94 11.32 -64.43
C PRO M 59 2.60 10.08 -63.63
N VAL M 60 1.59 9.37 -64.10
CA VAL M 60 1.12 8.16 -63.43
C VAL M 60 2.00 6.98 -63.85
N ALA M 61 2.64 6.35 -62.87
CA ALA M 61 3.56 5.26 -63.16
C ALA M 61 2.81 4.01 -63.58
N LEU M 62 3.38 3.28 -64.53
CA LEU M 62 2.79 2.02 -64.96
C LEU M 62 2.96 0.97 -63.86
N ALA M 63 1.88 0.26 -63.53
CA ALA M 63 1.92 -0.72 -62.46
C ALA M 63 2.89 -1.83 -62.76
N ARG M 64 2.93 -2.30 -64.02
CA ARG M 64 3.88 -3.33 -64.39
C ARG M 64 5.31 -2.84 -64.25
N ALA M 65 5.56 -1.56 -64.56
CA ALA M 65 6.89 -1.01 -64.37
C ALA M 65 7.30 -1.00 -62.90
N VAL M 66 6.38 -0.61 -62.02
CA VAL M 66 6.68 -0.60 -60.58
C VAL M 66 6.95 -2.02 -60.09
N SER M 67 6.14 -2.98 -60.53
CA SER M 67 6.39 -4.37 -60.15
C SER M 67 7.71 -4.87 -60.71
N ASN M 68 8.13 -4.34 -61.86
CA ASN M 68 9.38 -4.77 -62.48
C ASN M 68 10.60 -4.23 -61.76
N GLU M 69 10.54 -2.98 -61.30
CA GLU M 69 11.71 -2.30 -60.78
C GLU M 69 11.85 -2.40 -59.27
N ILE M 70 10.84 -2.88 -58.54
CA ILE M 70 10.86 -2.91 -57.08
C ILE M 70 10.61 -4.31 -56.55
N VAL M 71 9.51 -4.94 -56.98
CA VAL M 71 9.15 -6.25 -56.43
C VAL M 71 10.14 -7.32 -56.88
N ARG M 72 10.57 -7.25 -58.14
CA ARG M 72 11.35 -8.33 -58.72
C ARG M 72 12.64 -8.57 -57.96
N PHE M 73 12.92 -9.84 -57.66
CA PHE M 73 14.16 -10.25 -57.03
C PHE M 73 14.44 -11.70 -57.41
N PRO M 74 15.69 -12.14 -57.41
CA PRO M 74 16.00 -13.54 -57.76
C PRO M 74 15.38 -14.50 -56.76
N THR M 75 14.52 -15.38 -57.25
CA THR M 75 13.76 -16.28 -56.38
C THR M 75 14.68 -17.21 -55.58
N ASP M 76 15.86 -17.53 -56.12
CA ASP M 76 16.77 -18.42 -55.43
C ASP M 76 17.29 -17.85 -54.11
N GLN M 77 17.14 -16.55 -53.89
CA GLN M 77 17.57 -15.92 -52.65
C GLN M 77 16.44 -15.80 -51.63
N LEU M 78 15.50 -16.74 -51.64
CA LEU M 78 14.35 -16.69 -50.73
C LEU M 78 14.80 -16.84 -49.28
N THR M 79 14.13 -16.12 -48.40
CA THR M 79 14.43 -16.17 -46.97
C THR M 79 13.28 -16.84 -46.23
N PRO M 80 13.47 -18.05 -45.70
CA PRO M 80 12.38 -18.67 -44.93
C PRO M 80 12.14 -17.94 -43.62
N ASP M 81 10.90 -18.05 -43.14
CA ASP M 81 10.51 -17.46 -41.87
C ASP M 81 10.62 -18.52 -40.78
N GLN M 82 11.47 -18.26 -39.78
CA GLN M 82 11.70 -19.24 -38.74
C GLN M 82 10.63 -19.25 -37.67
N GLU M 83 9.66 -18.32 -37.72
CA GLU M 83 8.63 -18.23 -36.72
C GLU M 83 7.22 -18.47 -37.25
N ARG M 84 7.06 -18.75 -38.54
CA ARG M 84 5.75 -18.94 -39.13
C ARG M 84 5.75 -20.16 -40.03
N SER M 85 4.59 -20.80 -40.13
CA SER M 85 4.37 -21.92 -41.04
C SER M 85 3.54 -21.44 -42.22
N LEU M 86 3.24 -22.36 -43.13
CA LEU M 86 2.37 -22.03 -44.25
C LEU M 86 0.91 -22.02 -43.87
N MET M 87 0.56 -22.59 -42.71
CA MET M 87 -0.80 -22.44 -42.19
C MET M 87 -1.11 -20.98 -41.92
N PHE M 88 -0.09 -20.16 -41.63
CA PHE M 88 -0.29 -18.73 -41.48
C PHE M 88 -0.91 -18.13 -42.75
N MET M 89 -0.28 -18.36 -43.90
CA MET M 89 -0.79 -17.85 -45.15
C MET M 89 -2.13 -18.49 -45.52
N GLN M 90 -2.26 -19.80 -45.30
CA GLN M 90 -3.52 -20.45 -45.66
C GLN M 90 -4.69 -19.91 -44.85
N TRP M 91 -4.51 -19.72 -43.55
CA TRP M 91 -5.59 -19.18 -42.76
C TRP M 91 -5.88 -17.73 -43.12
N GLY M 92 -4.85 -16.96 -43.47
CA GLY M 92 -5.11 -15.62 -43.96
C GLY M 92 -5.98 -15.63 -45.20
N GLN M 93 -5.66 -16.49 -46.17
CA GLN M 93 -6.45 -16.54 -47.39
C GLN M 93 -7.87 -17.03 -47.12
N LEU M 94 -8.02 -18.05 -46.27
CA LEU M 94 -9.36 -18.56 -45.97
C LEU M 94 -10.21 -17.52 -45.28
N LEU M 95 -9.64 -16.82 -44.29
CA LEU M 95 -10.38 -15.76 -43.60
C LEU M 95 -10.75 -14.64 -44.55
N ASP M 96 -9.84 -14.29 -45.46
CA ASP M 96 -10.17 -13.26 -46.45
C ASP M 96 -11.30 -13.70 -47.36
N HIS M 97 -11.28 -14.96 -47.79
CA HIS M 97 -12.40 -15.49 -48.57
C HIS M 97 -13.70 -15.43 -47.78
N ASP M 98 -13.62 -15.60 -46.46
CA ASP M 98 -14.81 -15.44 -45.63
C ASP M 98 -15.30 -14.00 -45.68
N LEU M 99 -14.38 -13.04 -45.61
CA LEU M 99 -14.79 -11.66 -45.37
C LEU M 99 -15.36 -10.98 -46.61
N ASP M 100 -14.57 -10.87 -47.68
CA ASP M 100 -14.93 -10.01 -48.79
C ASP M 100 -14.70 -10.69 -50.13
N PHE M 101 -15.44 -10.21 -51.14
CA PHE M 101 -15.29 -10.69 -52.52
C PHE M 101 -15.92 -9.66 -53.45
N THR M 102 -15.13 -9.15 -54.38
CA THR M 102 -15.59 -8.09 -55.28
C THR M 102 -15.88 -8.68 -56.66
N PRO M 103 -17.14 -8.74 -57.08
CA PRO M 103 -17.44 -9.32 -58.39
C PRO M 103 -17.07 -8.40 -59.53
N GLU M 104 -16.78 -8.99 -60.68
CA GLU M 104 -16.46 -8.26 -61.89
C GLU M 104 -17.26 -8.81 -63.06
N PRO M 105 -17.57 -7.98 -64.06
CA PRO M 105 -18.40 -8.45 -65.17
C PRO M 105 -17.69 -9.49 -66.01
N ALA M 106 -18.49 -10.36 -66.62
CA ALA M 106 -17.97 -11.41 -67.49
C ALA M 106 -18.44 -11.20 -68.93
N GLN N 9 -8.43 -0.34 -74.93
CA GLN N 9 -8.96 0.19 -73.68
C GLN N 9 -10.39 0.69 -73.86
N GLN N 10 -11.35 -0.23 -73.70
CA GLN N 10 -12.77 0.07 -73.78
C GLN N 10 -13.46 -0.53 -72.57
N PRO N 11 -14.47 0.15 -72.02
CA PRO N 11 -15.18 -0.41 -70.88
C PRO N 11 -15.83 -1.73 -71.24
N PRO N 12 -15.88 -2.68 -70.31
CA PRO N 12 -15.38 -2.61 -68.92
C PRO N 12 -13.98 -3.19 -68.76
N CYS N 13 -13.03 -2.82 -69.62
CA CYS N 13 -11.69 -3.36 -69.57
C CYS N 13 -10.69 -2.25 -69.23
N PHE N 14 -9.70 -2.60 -68.42
CA PHE N 14 -8.64 -1.67 -68.00
C PHE N 14 -7.30 -2.39 -68.12
N PRO N 15 -6.86 -2.66 -69.34
CA PRO N 15 -5.67 -3.49 -69.52
C PRO N 15 -4.42 -2.83 -68.97
N LEU N 16 -3.47 -3.65 -68.54
CA LEU N 16 -2.22 -3.17 -67.97
C LEU N 16 -1.22 -2.91 -69.11
N LYS N 17 -0.81 -1.65 -69.25
CA LYS N 17 0.16 -1.30 -70.26
C LYS N 17 1.52 -1.93 -69.94
N ILE N 18 2.31 -2.16 -70.98
CA ILE N 18 3.59 -2.85 -70.87
C ILE N 18 4.70 -1.83 -71.06
N PRO N 19 5.60 -1.67 -70.09
CA PRO N 19 6.71 -0.74 -70.25
C PRO N 19 7.75 -1.29 -71.20
N PRO N 20 8.69 -0.46 -71.66
CA PRO N 20 9.77 -0.97 -72.51
C PRO N 20 10.63 -1.99 -71.78
N ASN N 21 11.44 -2.71 -72.57
CA ASN N 21 12.44 -3.67 -72.11
C ASN N 21 11.96 -4.57 -70.97
N ASP N 22 10.69 -4.95 -71.01
CA ASP N 22 10.14 -5.83 -70.00
C ASP N 22 10.85 -7.19 -70.03
N PRO N 23 11.32 -7.70 -68.89
CA PRO N 23 12.07 -8.97 -68.92
C PRO N 23 11.28 -10.15 -69.45
N ARG N 24 9.96 -10.20 -69.22
CA ARG N 24 9.18 -11.35 -69.64
C ARG N 24 8.56 -11.15 -71.03
N ILE N 25 7.75 -10.12 -71.18
CA ILE N 25 7.01 -9.88 -72.42
C ILE N 25 7.81 -8.92 -73.28
N LYS N 26 8.36 -9.42 -74.39
CA LYS N 26 9.16 -8.59 -75.28
C LYS N 26 8.30 -7.66 -76.13
N ASN N 27 7.09 -8.10 -76.51
CA ASN N 27 6.22 -7.30 -77.35
C ASN N 27 5.52 -6.24 -76.49
N GLN N 28 5.77 -4.96 -76.81
CA GLN N 28 5.16 -3.88 -76.06
C GLN N 28 3.70 -3.68 -76.41
N ALA N 29 3.25 -4.18 -77.56
CA ALA N 29 1.85 -4.02 -77.95
C ALA N 29 0.92 -4.95 -77.19
N ASP N 30 1.45 -5.90 -76.42
CA ASP N 30 0.61 -6.79 -75.64
C ASP N 30 0.14 -6.10 -74.36
N CYS N 31 -0.87 -6.69 -73.72
CA CYS N 31 -1.44 -6.13 -72.51
C CYS N 31 -1.85 -7.25 -71.59
N ILE N 32 -1.70 -7.02 -70.29
CA ILE N 32 -2.13 -7.98 -69.28
C ILE N 32 -3.64 -7.84 -69.08
N PRO N 33 -4.41 -8.92 -69.18
CA PRO N 33 -5.86 -8.80 -69.05
C PRO N 33 -6.27 -8.26 -67.69
N PHE N 34 -7.31 -7.43 -67.68
CA PHE N 34 -7.77 -6.80 -66.45
C PHE N 34 -9.18 -6.27 -66.67
N PHE N 35 -10.07 -6.54 -65.71
CA PHE N 35 -11.45 -6.10 -65.78
C PHE N 35 -11.77 -5.22 -64.59
N ARG N 36 -12.45 -4.11 -64.86
CA ARG N 36 -12.88 -3.23 -63.77
C ARG N 36 -13.95 -3.90 -62.93
N SER N 37 -14.03 -3.51 -61.67
CA SER N 37 -15.02 -4.07 -60.76
C SER N 37 -16.41 -3.52 -61.07
N CYS N 38 -17.43 -4.33 -60.77
CA CYS N 38 -18.79 -3.94 -61.04
C CYS N 38 -19.19 -2.73 -60.20
N PRO N 39 -19.95 -1.79 -60.76
CA PRO N 39 -20.38 -0.63 -59.98
C PRO N 39 -21.52 -0.98 -59.04
N ALA N 40 -21.67 -0.13 -58.01
CA ALA N 40 -22.80 -0.27 -57.09
C ALA N 40 -24.11 0.03 -57.79
N CYS N 41 -24.16 1.10 -58.58
CA CYS N 41 -25.36 1.48 -59.32
C CYS N 41 -24.92 1.93 -60.72
N PRO N 42 -25.02 1.06 -61.72
CA PRO N 42 -24.57 1.43 -63.06
C PRO N 42 -25.56 2.37 -63.73
N GLY N 43 -25.10 2.98 -64.83
CA GLY N 43 -25.94 3.84 -65.64
C GLY N 43 -26.07 5.27 -65.16
N SER N 44 -25.26 5.68 -64.19
CA SER N 44 -25.32 7.04 -63.65
C SER N 44 -23.94 7.67 -63.72
N ASN N 45 -23.91 9.00 -63.80
CA ASN N 45 -22.66 9.75 -63.88
C ASN N 45 -22.46 10.72 -62.73
N ILE N 46 -23.52 11.28 -62.16
CA ILE N 46 -23.37 12.21 -61.05
C ILE N 46 -22.84 11.49 -59.81
N THR N 47 -23.36 10.29 -59.53
CA THR N 47 -22.91 9.54 -58.37
C THR N 47 -21.46 9.09 -58.53
N ILE N 48 -20.77 9.00 -57.40
CA ILE N 48 -19.40 8.52 -57.38
C ILE N 48 -19.40 7.00 -57.39
N ARG N 49 -18.53 6.42 -58.20
CA ARG N 49 -18.51 4.97 -58.37
C ARG N 49 -18.14 4.28 -57.07
N ASN N 50 -18.88 3.21 -56.75
CA ASN N 50 -18.60 2.38 -55.60
C ASN N 50 -18.71 0.92 -56.02
N GLN N 51 -18.00 0.06 -55.29
CA GLN N 51 -17.93 -1.36 -55.63
C GLN N 51 -18.85 -2.17 -54.74
N ILE N 52 -19.04 -3.43 -55.11
CA ILE N 52 -20.01 -4.31 -54.47
C ILE N 52 -19.28 -5.39 -53.70
N ASN N 53 -19.73 -5.63 -52.47
CA ASN N 53 -19.25 -6.75 -51.66
C ASN N 53 -20.28 -7.88 -51.74
N ALA N 54 -19.89 -9.01 -52.31
CA ALA N 54 -20.83 -10.09 -52.55
C ALA N 54 -21.03 -11.00 -51.35
N LEU N 55 -20.25 -10.82 -50.28
CA LEU N 55 -20.30 -11.71 -49.12
C LEU N 55 -20.64 -10.94 -47.86
N THR N 56 -21.20 -11.63 -46.89
CA THR N 56 -21.57 -11.00 -45.63
C THR N 56 -20.31 -10.59 -44.87
N SER N 57 -20.30 -9.34 -44.40
CA SER N 57 -19.12 -8.79 -43.74
C SER N 57 -19.05 -9.21 -42.28
N PHE N 58 -19.11 -10.52 -42.02
CA PHE N 58 -19.00 -11.04 -40.67
C PHE N 58 -18.13 -12.29 -40.70
N VAL N 59 -17.52 -12.60 -39.56
CA VAL N 59 -16.72 -13.82 -39.42
C VAL N 59 -17.70 -14.90 -38.99
N ASP N 60 -18.37 -15.49 -39.98
CA ASP N 60 -19.42 -16.46 -39.73
C ASP N 60 -19.29 -17.70 -40.61
N ALA N 61 -18.08 -18.01 -41.05
CA ALA N 61 -17.82 -19.15 -41.93
C ALA N 61 -18.72 -19.10 -43.17
N SER N 62 -18.86 -17.92 -43.75
CA SER N 62 -19.66 -17.74 -44.96
C SER N 62 -18.96 -18.27 -46.20
N MET N 63 -17.85 -18.98 -46.04
CA MET N 63 -17.17 -19.65 -47.14
C MET N 63 -17.44 -21.15 -47.16
N VAL N 64 -18.26 -21.65 -46.24
CA VAL N 64 -18.60 -23.07 -46.18
C VAL N 64 -20.09 -23.23 -46.40
N TYR N 65 -20.86 -22.19 -46.06
CA TYR N 65 -22.31 -22.24 -46.13
C TYR N 65 -22.91 -21.31 -47.18
N GLY N 66 -22.10 -20.46 -47.81
CA GLY N 66 -22.61 -19.53 -48.80
C GLY N 66 -23.20 -18.30 -48.16
N SER N 67 -23.40 -17.27 -49.00
CA SER N 67 -23.95 -16.00 -48.55
C SER N 67 -25.27 -15.67 -49.23
N GLU N 68 -25.83 -16.59 -50.02
CA GLU N 68 -27.12 -16.42 -50.66
C GLU N 68 -27.95 -17.67 -50.48
N GLU N 69 -29.25 -17.47 -50.30
CA GLU N 69 -30.15 -18.59 -49.98
C GLU N 69 -30.16 -19.69 -51.03
N PRO N 70 -30.19 -19.43 -52.34
CA PRO N 70 -30.15 -20.55 -53.30
C PRO N 70 -28.92 -21.43 -53.15
N LEU N 71 -27.73 -20.82 -53.12
CA LEU N 71 -26.51 -21.61 -52.98
C LEU N 71 -26.45 -22.29 -51.63
N ALA N 72 -26.90 -21.61 -50.58
CA ALA N 72 -26.92 -22.20 -49.25
C ALA N 72 -27.80 -23.45 -49.21
N ARG N 73 -28.98 -23.38 -49.81
CA ARG N 73 -29.84 -24.56 -49.87
C ARG N 73 -29.23 -25.65 -50.75
N ASN N 74 -28.59 -25.26 -51.86
CA ASN N 74 -27.94 -26.23 -52.72
C ASN N 74 -26.83 -26.97 -52.00
N LEU N 75 -26.18 -26.30 -51.04
CA LEU N 75 -25.07 -26.93 -50.33
C LEU N 75 -25.54 -28.04 -49.40
N ARG N 76 -26.70 -27.88 -48.77
CA ARG N 76 -27.18 -28.85 -47.80
C ARG N 76 -27.54 -30.17 -48.48
N ASN N 77 -27.42 -31.26 -47.73
CA ASN N 77 -27.83 -32.59 -48.18
C ASN N 77 -29.28 -32.77 -47.73
N MET N 78 -30.19 -32.64 -48.69
CA MET N 78 -31.62 -32.69 -48.40
C MET N 78 -32.22 -34.08 -48.54
N SER N 79 -31.42 -35.07 -48.95
CA SER N 79 -31.94 -36.43 -49.09
C SER N 79 -32.33 -37.02 -47.73
N ASN N 80 -31.53 -36.79 -46.71
CA ASN N 80 -31.76 -37.34 -45.39
C ASN N 80 -32.36 -36.27 -44.47
N GLN N 81 -32.50 -36.60 -43.19
CA GLN N 81 -32.98 -35.67 -42.18
C GLN N 81 -31.93 -35.41 -41.10
N LEU N 82 -30.65 -35.61 -41.42
CA LEU N 82 -29.58 -35.44 -40.46
C LEU N 82 -28.99 -34.03 -40.47
N GLY N 83 -29.46 -33.16 -41.36
CA GLY N 83 -28.95 -31.80 -41.42
C GLY N 83 -27.48 -31.72 -41.77
N LEU N 84 -27.06 -32.47 -42.77
CA LEU N 84 -25.67 -32.57 -43.17
C LEU N 84 -25.38 -31.62 -44.33
N LEU N 85 -24.16 -31.70 -44.85
CA LEU N 85 -23.75 -30.94 -46.03
C LEU N 85 -23.39 -31.92 -47.13
N ALA N 86 -23.79 -31.61 -48.36
CA ALA N 86 -23.61 -32.52 -49.48
C ALA N 86 -22.13 -32.78 -49.73
N VAL N 87 -21.79 -34.03 -50.02
CA VAL N 87 -20.41 -34.42 -50.28
C VAL N 87 -20.31 -34.98 -51.69
N ASN N 88 -19.10 -35.33 -52.11
CA ASN N 88 -18.89 -35.83 -53.46
C ASN N 88 -19.59 -37.17 -53.67
N GLN N 89 -20.25 -37.30 -54.81
CA GLN N 89 -20.95 -38.53 -55.17
C GLN N 89 -20.12 -39.46 -56.04
N ARG N 90 -18.90 -39.06 -56.41
CA ARG N 90 -18.07 -39.85 -57.30
C ARG N 90 -16.72 -40.23 -56.72
N PHE N 91 -16.18 -39.45 -55.79
CA PHE N 91 -14.85 -39.68 -55.25
C PHE N 91 -14.89 -39.59 -53.73
N GLN N 92 -13.94 -40.27 -53.10
CA GLN N 92 -13.74 -40.20 -51.66
C GLN N 92 -12.26 -40.29 -51.37
N ASP N 93 -11.83 -39.70 -50.25
CA ASP N 93 -10.43 -39.67 -49.85
C ASP N 93 -10.25 -40.67 -48.71
N ASN N 94 -9.97 -41.92 -49.07
CA ASN N 94 -9.76 -42.99 -48.10
C ASN N 94 -10.95 -43.12 -47.15
N GLY N 95 -12.14 -43.22 -47.74
CA GLY N 95 -13.35 -43.31 -46.95
C GLY N 95 -13.76 -42.03 -46.27
N ARG N 96 -13.29 -40.88 -46.75
CA ARG N 96 -13.61 -39.59 -46.18
C ARG N 96 -14.17 -38.68 -47.27
N ALA N 97 -15.02 -37.74 -46.85
CA ALA N 97 -15.79 -36.94 -47.79
C ALA N 97 -14.90 -35.98 -48.57
N LEU N 98 -15.38 -35.56 -49.73
CA LEU N 98 -14.77 -34.51 -50.52
C LEU N 98 -15.85 -33.52 -50.96
N LEU N 99 -15.41 -32.33 -51.36
CA LEU N 99 -16.35 -31.29 -51.71
C LEU N 99 -17.14 -31.69 -52.96
N PRO N 100 -18.43 -31.35 -53.03
CA PRO N 100 -19.20 -31.68 -54.23
C PRO N 100 -18.69 -30.94 -55.45
N PHE N 101 -18.80 -31.61 -56.60
CA PHE N 101 -18.35 -31.01 -57.85
C PHE N 101 -19.28 -29.88 -58.27
N ASP N 102 -18.82 -29.12 -59.26
CA ASP N 102 -19.55 -27.95 -59.73
C ASP N 102 -19.74 -28.03 -61.24
N ASN N 103 -20.81 -27.39 -61.72
CA ASN N 103 -21.11 -27.29 -63.14
C ASN N 103 -21.01 -25.82 -63.53
N LEU N 104 -19.99 -25.49 -64.31
CA LEU N 104 -19.75 -24.12 -64.74
C LEU N 104 -19.67 -24.05 -66.25
N HIS N 105 -20.07 -22.90 -66.80
CA HIS N 105 -20.01 -22.71 -68.25
C HIS N 105 -18.57 -22.76 -68.74
N ASP N 106 -17.65 -22.11 -68.02
CA ASP N 106 -16.23 -22.12 -68.34
C ASP N 106 -15.49 -22.60 -67.09
N ASP N 107 -15.10 -23.88 -67.08
CA ASP N 107 -14.47 -24.47 -65.92
C ASP N 107 -12.96 -24.34 -66.05
N PRO N 108 -12.28 -23.60 -65.17
CA PRO N 108 -10.82 -23.49 -65.28
C PRO N 108 -10.08 -24.73 -64.82
N CYS N 109 -10.73 -25.63 -64.07
CA CYS N 109 -10.05 -26.80 -63.55
C CYS N 109 -9.70 -27.78 -64.67
N LEU N 110 -10.57 -27.91 -65.67
CA LEU N 110 -10.35 -28.90 -66.73
C LEU N 110 -9.17 -28.53 -67.62
N LEU N 111 -8.90 -27.24 -67.79
CA LEU N 111 -7.83 -26.82 -68.69
C LEU N 111 -6.46 -27.27 -68.20
N THR N 112 -6.29 -27.39 -66.88
CA THR N 112 -5.00 -27.81 -66.34
C THR N 112 -4.66 -29.23 -66.76
N ASN N 113 -5.63 -30.14 -66.73
CA ASN N 113 -5.42 -31.52 -67.13
C ASN N 113 -6.63 -31.97 -67.95
N ARG N 114 -6.45 -32.07 -69.27
CA ARG N 114 -7.55 -32.51 -70.12
C ARG N 114 -7.86 -33.98 -69.92
N SER N 115 -6.82 -34.80 -69.71
CA SER N 115 -7.04 -36.23 -69.53
C SER N 115 -7.80 -36.54 -68.24
N ALA N 116 -7.51 -35.79 -67.17
CA ALA N 116 -8.14 -36.07 -65.88
C ALA N 116 -9.64 -35.84 -65.93
N ARG N 117 -10.07 -34.77 -66.61
CA ARG N 117 -11.49 -34.42 -66.72
C ARG N 117 -12.12 -34.22 -65.35
N ILE N 118 -11.41 -33.53 -64.47
CA ILE N 118 -11.86 -33.28 -63.10
C ILE N 118 -12.32 -31.83 -63.02
N PRO N 119 -13.59 -31.57 -62.81
CA PRO N 119 -14.09 -30.19 -62.75
C PRO N 119 -13.76 -29.54 -61.41
N CYS N 120 -14.11 -28.26 -61.30
CA CYS N 120 -13.88 -27.52 -60.08
C CYS N 120 -14.89 -27.92 -59.01
N PHE N 121 -14.51 -27.70 -57.75
CA PHE N 121 -15.37 -28.02 -56.62
C PHE N 121 -16.41 -26.92 -56.42
N LEU N 122 -17.42 -27.23 -55.60
CA LEU N 122 -18.46 -26.29 -55.24
C LEU N 122 -18.49 -26.14 -53.72
N ALA N 123 -18.42 -24.90 -53.24
CA ALA N 123 -18.45 -24.63 -51.81
C ALA N 123 -19.10 -23.26 -51.62
N GLY N 124 -18.97 -22.73 -50.40
CA GLY N 124 -19.54 -21.43 -50.11
C GLY N 124 -18.90 -20.27 -50.84
N ASP N 125 -17.74 -20.49 -51.45
CA ASP N 125 -17.05 -19.45 -52.19
C ASP N 125 -16.65 -19.97 -53.56
N THR N 126 -16.69 -19.09 -54.55
CA THR N 126 -16.43 -19.47 -55.93
C THR N 126 -14.95 -19.66 -56.23
N ARG N 127 -14.05 -19.26 -55.33
CA ARG N 127 -12.62 -19.38 -55.54
C ARG N 127 -12.00 -20.49 -54.70
N SER N 128 -12.79 -21.48 -54.32
CA SER N 128 -12.32 -22.56 -53.44
C SER N 128 -11.42 -23.55 -54.16
N SER N 129 -11.01 -23.28 -55.39
CA SER N 129 -10.21 -24.23 -56.16
C SER N 129 -8.99 -23.56 -56.80
N GLU N 130 -8.54 -22.43 -56.27
CA GLU N 130 -7.34 -21.79 -56.82
C GLU N 130 -6.11 -22.68 -56.64
N MET N 131 -5.98 -23.31 -55.49
CA MET N 131 -4.91 -24.27 -55.26
C MET N 131 -5.44 -25.43 -54.42
N PRO N 132 -4.72 -26.55 -54.39
CA PRO N 132 -5.14 -27.66 -53.52
C PRO N 132 -5.17 -27.32 -52.04
N GLU N 133 -4.41 -26.32 -51.59
CA GLU N 133 -4.37 -26.01 -50.17
C GLU N 133 -5.67 -25.36 -49.70
N LEU N 134 -6.19 -24.41 -50.47
CA LEU N 134 -7.47 -23.81 -50.14
C LEU N 134 -8.59 -24.85 -50.18
N THR N 135 -8.55 -25.74 -51.17
CA THR N 135 -9.52 -26.83 -51.24
C THR N 135 -9.40 -27.74 -50.03
N SER N 136 -8.17 -28.00 -49.57
CA SER N 136 -7.97 -28.83 -48.39
C SER N 136 -8.58 -28.18 -47.16
N MET N 137 -8.39 -26.87 -47.00
CA MET N 137 -8.99 -26.17 -45.87
C MET N 137 -10.52 -26.23 -45.93
N HIS N 138 -11.08 -26.02 -47.12
CA HIS N 138 -12.53 -26.09 -47.29
C HIS N 138 -13.05 -27.48 -46.95
N THR N 139 -12.37 -28.52 -47.44
CA THR N 139 -12.79 -29.88 -47.16
C THR N 139 -12.67 -30.22 -45.68
N LEU N 140 -11.63 -29.73 -45.02
CA LEU N 140 -11.50 -29.95 -43.59
C LEU N 140 -12.66 -29.31 -42.83
N LEU N 141 -13.03 -28.09 -43.19
CA LEU N 141 -14.16 -27.45 -42.52
C LEU N 141 -15.46 -28.20 -42.78
N LEU N 142 -15.66 -28.68 -44.01
CA LEU N 142 -16.85 -29.46 -44.33
C LEU N 142 -16.92 -30.74 -43.51
N ARG N 143 -15.80 -31.46 -43.42
CA ARG N 143 -15.75 -32.67 -42.62
C ARG N 143 -16.02 -32.38 -41.15
N GLU N 144 -15.48 -31.27 -40.65
CA GLU N 144 -15.70 -30.91 -39.26
C GLU N 144 -17.18 -30.63 -39.00
N HIS N 145 -17.84 -29.92 -39.91
CA HIS N 145 -19.27 -29.68 -39.73
C HIS N 145 -20.06 -30.97 -39.75
N ASN N 146 -19.72 -31.88 -40.67
CA ASN N 146 -20.44 -33.15 -40.73
C ASN N 146 -20.25 -33.96 -39.46
N ARG N 147 -19.02 -34.02 -38.95
CA ARG N 147 -18.75 -34.75 -37.71
C ARG N 147 -19.49 -34.13 -36.53
N LEU N 148 -19.53 -32.79 -36.46
CA LEU N 148 -20.25 -32.14 -35.38
C LEU N 148 -21.73 -32.44 -35.46
N ALA N 149 -22.31 -32.43 -36.66
CA ALA N 149 -23.72 -32.75 -36.80
C ALA N 149 -24.01 -34.19 -36.40
N THR N 150 -23.12 -35.12 -36.79
CA THR N 150 -23.30 -36.51 -36.40
C THR N 150 -23.26 -36.68 -34.88
N GLU N 151 -22.29 -36.03 -34.23
CA GLU N 151 -22.19 -36.15 -32.78
C GLU N 151 -23.37 -35.51 -32.08
N LEU N 152 -23.84 -34.37 -32.59
CA LEU N 152 -25.02 -33.73 -32.00
C LEU N 152 -26.25 -34.62 -32.13
N LYS N 153 -26.41 -35.27 -33.30
CA LYS N 153 -27.54 -36.17 -33.46
C LYS N 153 -27.43 -37.38 -32.54
N SER N 154 -26.22 -37.93 -32.38
CA SER N 154 -26.05 -39.06 -31.48
C SER N 154 -26.37 -38.68 -30.04
N LEU N 155 -25.93 -37.51 -29.62
CA LEU N 155 -26.20 -37.06 -28.25
C LEU N 155 -27.64 -36.55 -28.09
N ASN N 156 -28.26 -36.07 -29.17
CA ASN N 156 -29.62 -35.57 -29.13
C ASN N 156 -30.44 -36.18 -30.27
N PRO N 157 -31.15 -37.28 -30.01
CA PRO N 157 -31.96 -37.90 -31.06
C PRO N 157 -33.31 -37.22 -31.28
N ARG N 158 -33.69 -36.26 -30.44
CA ARG N 158 -34.98 -35.60 -30.60
C ARG N 158 -34.96 -34.61 -31.76
N TRP N 159 -33.82 -34.00 -32.04
CA TRP N 159 -33.78 -32.85 -32.94
C TRP N 159 -33.99 -33.27 -34.40
N ASP N 160 -34.55 -32.34 -35.16
CA ASP N 160 -34.77 -32.53 -36.59
C ASP N 160 -33.50 -32.16 -37.37
N GLY N 161 -33.58 -32.24 -38.69
CA GLY N 161 -32.43 -31.90 -39.52
C GLY N 161 -32.06 -30.43 -39.46
N GLU N 162 -33.07 -29.55 -39.51
CA GLU N 162 -32.78 -28.12 -39.56
C GLU N 162 -32.11 -27.64 -38.28
N ARG N 163 -32.59 -28.10 -37.12
CA ARG N 163 -31.98 -27.68 -35.87
C ARG N 163 -30.54 -28.17 -35.76
N LEU N 164 -30.29 -29.41 -36.19
CA LEU N 164 -28.93 -29.93 -36.20
C LEU N 164 -28.03 -29.09 -37.10
N TYR N 165 -28.52 -28.76 -38.30
CA TYR N 165 -27.72 -27.98 -39.23
C TYR N 165 -27.41 -26.60 -38.66
N GLN N 166 -28.41 -25.94 -38.07
CA GLN N 166 -28.19 -24.60 -37.53
C GLN N 166 -27.22 -24.63 -36.35
N GLU N 167 -27.37 -25.61 -35.46
CA GLU N 167 -26.47 -25.68 -34.31
C GLU N 167 -25.04 -25.98 -34.75
N ALA N 168 -24.85 -26.90 -35.69
CA ALA N 168 -23.51 -27.18 -36.19
C ALA N 168 -22.91 -25.96 -36.88
N ARG N 169 -23.73 -25.23 -37.64
CA ARG N 169 -23.23 -24.02 -38.30
C ARG N 169 -22.80 -22.99 -37.27
N LYS N 170 -23.57 -22.82 -36.20
CA LYS N 170 -23.20 -21.88 -35.15
C LYS N 170 -21.89 -22.29 -34.48
N ILE N 171 -21.73 -23.59 -34.22
CA ILE N 171 -20.49 -24.06 -33.59
C ILE N 171 -19.30 -23.81 -34.51
N VAL N 172 -19.46 -24.06 -35.81
CA VAL N 172 -18.36 -23.85 -36.74
C VAL N 172 -18.01 -22.37 -36.84
N GLY N 173 -19.02 -21.50 -36.87
CA GLY N 173 -18.74 -20.07 -36.90
C GLY N 173 -18.01 -19.59 -35.67
N ALA N 174 -18.43 -20.05 -34.49
CA ALA N 174 -17.73 -19.68 -33.27
C ALA N 174 -16.31 -20.24 -33.26
N MET N 175 -16.13 -21.44 -33.80
CA MET N 175 -14.79 -22.02 -33.90
C MET N 175 -13.88 -21.16 -34.76
N VAL N 176 -14.39 -20.71 -35.91
CA VAL N 176 -13.59 -19.86 -36.80
C VAL N 176 -13.25 -18.54 -36.10
N GLN N 177 -14.24 -17.93 -35.42
CA GLN N 177 -13.99 -16.68 -34.71
C GLN N 177 -12.92 -16.87 -33.63
N ILE N 178 -13.02 -17.95 -32.86
CA ILE N 178 -12.06 -18.20 -31.79
C ILE N 178 -10.66 -18.37 -32.37
N ILE N 179 -10.52 -19.23 -33.38
CA ILE N 179 -9.20 -19.49 -33.94
C ILE N 179 -8.60 -18.20 -34.48
N THR N 180 -9.38 -17.46 -35.28
CA THR N 180 -8.88 -16.21 -35.83
C THR N 180 -8.42 -15.27 -34.74
N TYR N 181 -9.35 -14.80 -33.90
CA TYR N 181 -9.03 -13.73 -32.96
C TYR N 181 -8.12 -14.17 -31.82
N ARG N 182 -7.86 -15.47 -31.66
CA ARG N 182 -6.98 -15.90 -30.60
C ARG N 182 -5.60 -16.37 -31.07
N ASP N 183 -5.47 -16.78 -32.32
CA ASP N 183 -4.19 -17.29 -32.81
C ASP N 183 -3.65 -16.53 -34.00
N TYR N 184 -4.50 -16.09 -34.93
CA TYR N 184 -3.99 -15.51 -36.16
C TYR N 184 -3.64 -14.04 -35.98
N LEU N 185 -4.57 -13.25 -35.46
CA LEU N 185 -4.35 -11.81 -35.36
C LEU N 185 -3.17 -11.41 -34.48
N PRO N 186 -2.93 -12.02 -33.31
CA PRO N 186 -1.74 -11.63 -32.55
C PRO N 186 -0.44 -11.84 -33.29
N LEU N 187 -0.38 -12.85 -34.16
CA LEU N 187 0.82 -13.11 -34.94
C LEU N 187 0.95 -12.21 -36.17
N VAL N 188 -0.11 -11.48 -36.52
CA VAL N 188 -0.08 -10.55 -37.65
C VAL N 188 0.27 -9.16 -37.12
N LEU N 189 -0.53 -8.68 -36.18
CA LEU N 189 -0.36 -7.31 -35.70
C LEU N 189 0.82 -7.17 -34.74
N GLY N 190 1.10 -8.20 -33.95
CA GLY N 190 2.09 -8.10 -32.91
C GLY N 190 1.44 -7.67 -31.61
N PRO N 191 2.14 -7.81 -30.49
CA PRO N 191 1.51 -7.51 -29.20
C PRO N 191 1.07 -6.06 -29.03
N THR N 192 1.87 -5.10 -29.49
CA THR N 192 1.54 -3.70 -29.26
C THR N 192 0.32 -3.28 -30.08
N ALA N 193 0.32 -3.58 -31.38
CA ALA N 193 -0.82 -3.22 -32.21
C ALA N 193 -2.07 -4.02 -31.84
N MET N 194 -1.90 -5.28 -31.47
CA MET N 194 -3.05 -6.07 -31.05
C MET N 194 -3.67 -5.50 -29.77
N ARG N 195 -2.83 -5.02 -28.85
CA ARG N 195 -3.37 -4.42 -27.64
C ARG N 195 -4.01 -3.07 -27.91
N LYS N 196 -3.44 -2.31 -28.86
CA LYS N 196 -3.96 -0.97 -29.13
C LYS N 196 -5.27 -1.01 -29.90
N TYR N 197 -5.37 -1.88 -30.91
CA TYR N 197 -6.52 -1.87 -31.81
C TYR N 197 -7.59 -2.87 -31.46
N LEU N 198 -7.27 -3.91 -30.69
CA LEU N 198 -8.25 -4.90 -30.26
C LEU N 198 -8.14 -5.10 -28.75
N PRO N 199 -8.64 -4.14 -27.97
CA PRO N 199 -8.60 -4.29 -26.51
C PRO N 199 -9.62 -5.31 -26.02
N THR N 200 -9.76 -5.43 -24.70
CA THR N 200 -10.64 -6.45 -24.14
C THR N 200 -12.10 -6.18 -24.52
N TYR N 201 -12.81 -7.26 -24.84
CA TYR N 201 -14.20 -7.16 -25.23
C TYR N 201 -15.06 -6.70 -24.06
N ARG N 202 -16.04 -5.84 -24.35
CA ARG N 202 -16.97 -5.35 -23.34
C ARG N 202 -18.38 -5.91 -23.56
N SER N 203 -18.97 -5.67 -24.72
CA SER N 203 -20.31 -6.12 -25.06
C SER N 203 -20.59 -5.73 -26.50
N TYR N 204 -21.72 -6.19 -27.02
CA TYR N 204 -22.14 -5.83 -28.36
C TYR N 204 -22.48 -4.35 -28.42
N ASN N 205 -22.17 -3.73 -29.56
CA ASN N 205 -22.42 -2.31 -29.78
C ASN N 205 -23.25 -2.15 -31.04
N ASP N 206 -24.38 -1.47 -30.93
CA ASP N 206 -25.29 -1.30 -32.06
C ASP N 206 -25.00 -0.05 -32.87
N SER N 207 -24.03 0.76 -32.47
CA SER N 207 -23.66 1.97 -33.19
C SER N 207 -22.37 1.82 -33.97
N VAL N 208 -21.90 0.59 -34.16
CA VAL N 208 -20.63 0.31 -34.83
C VAL N 208 -20.93 -0.24 -36.22
N ASP N 209 -20.20 0.25 -37.22
CA ASP N 209 -20.44 -0.14 -38.61
C ASP N 209 -19.64 -1.38 -38.93
N PRO N 210 -20.27 -2.53 -39.16
CA PRO N 210 -19.54 -3.77 -39.46
C PRO N 210 -19.26 -4.01 -40.94
N ARG N 211 -19.43 -3.01 -41.80
CA ARG N 211 -19.21 -3.21 -43.23
C ARG N 211 -17.73 -3.15 -43.55
N ILE N 212 -17.31 -3.99 -44.51
CA ILE N 212 -15.90 -4.02 -44.91
C ILE N 212 -15.58 -2.75 -45.68
N ALA N 213 -14.52 -2.07 -45.25
CA ALA N 213 -14.10 -0.85 -45.94
C ALA N 213 -13.50 -1.19 -47.30
N ASN N 214 -13.46 -0.18 -48.17
CA ASN N 214 -12.95 -0.40 -49.51
C ASN N 214 -11.45 -0.65 -49.52
N VAL N 215 -10.71 -0.02 -48.61
CA VAL N 215 -9.26 -0.18 -48.57
C VAL N 215 -8.85 -1.52 -47.97
N PHE N 216 -9.72 -2.15 -47.17
CA PHE N 216 -9.35 -3.42 -46.55
C PHE N 216 -9.13 -4.50 -47.59
N THR N 217 -9.88 -4.47 -48.68
CA THR N 217 -9.68 -5.44 -49.76
C THR N 217 -8.32 -5.28 -50.43
N ASN N 218 -7.69 -4.13 -50.28
CA ASN N 218 -6.35 -3.91 -50.82
C ASN N 218 -5.28 -3.91 -49.75
N ALA N 219 -5.63 -3.63 -48.50
CA ALA N 219 -4.67 -3.75 -47.40
C ALA N 219 -4.42 -5.21 -47.05
N PHE N 220 -5.47 -6.03 -46.99
CA PHE N 220 -5.32 -7.42 -46.57
C PHE N 220 -4.60 -8.28 -47.59
N ARG N 221 -4.23 -7.73 -48.75
CA ARG N 221 -3.44 -8.46 -49.71
C ARG N 221 -1.99 -8.62 -49.29
N TYR N 222 -1.65 -8.25 -48.06
CA TYR N 222 -0.27 -8.38 -47.58
C TYR N 222 0.21 -9.82 -47.62
N GLY N 223 -0.71 -10.79 -47.58
CA GLY N 223 -0.33 -12.19 -47.61
C GLY N 223 0.34 -12.63 -48.88
N HIS N 224 0.27 -11.82 -49.94
CA HIS N 224 0.96 -12.15 -51.18
C HIS N 224 2.48 -12.14 -51.02
N THR N 225 2.98 -11.58 -49.92
CA THR N 225 4.40 -11.57 -49.63
C THR N 225 4.84 -12.78 -48.80
N LEU N 226 3.92 -13.68 -48.45
CA LEU N 226 4.23 -14.87 -47.69
C LEU N 226 4.15 -16.14 -48.51
N ILE N 227 4.00 -16.03 -49.82
CA ILE N 227 3.79 -17.19 -50.68
C ILE N 227 5.13 -17.81 -51.02
N GLN N 228 5.28 -19.10 -50.73
CA GLN N 228 6.42 -19.86 -51.19
C GLN N 228 6.24 -20.28 -52.64
N PRO N 229 7.33 -20.46 -53.38
CA PRO N 229 7.21 -20.77 -54.82
C PRO N 229 6.85 -22.20 -55.14
N PHE N 230 6.74 -23.08 -54.14
CA PHE N 230 6.44 -24.49 -54.36
C PHE N 230 5.33 -24.95 -53.42
N MET N 231 4.67 -26.02 -53.82
CA MET N 231 3.74 -26.74 -52.96
C MET N 231 4.40 -28.03 -52.51
N PHE N 232 4.44 -28.23 -51.20
CA PHE N 232 5.11 -29.37 -50.58
C PHE N 232 4.11 -30.39 -50.10
N ARG N 233 4.43 -31.67 -50.27
CA ARG N 233 3.62 -32.76 -49.76
C ARG N 233 4.50 -33.73 -48.99
N LEU N 234 3.99 -34.19 -47.85
CA LEU N 234 4.74 -35.07 -46.95
C LEU N 234 3.89 -36.27 -46.58
N ASP N 235 4.56 -37.39 -46.31
CA ASP N 235 3.90 -38.63 -45.97
C ASP N 235 3.70 -38.72 -44.46
N ASN N 236 3.26 -39.89 -43.99
CA ASN N 236 2.96 -40.07 -42.57
C ASN N 236 4.19 -39.95 -41.68
N ARG N 237 5.39 -40.02 -42.24
CA ARG N 237 6.62 -39.84 -41.48
C ARG N 237 7.12 -38.39 -41.57
N TYR N 238 6.34 -37.50 -42.17
CA TYR N 238 6.75 -36.13 -42.43
C TYR N 238 8.04 -36.09 -43.23
N GLN N 239 8.14 -36.97 -44.21
CA GLN N 239 9.21 -37.04 -45.18
C GLN N 239 8.67 -36.72 -46.57
N PRO N 240 9.51 -36.22 -47.48
CA PRO N 240 9.02 -35.85 -48.81
C PRO N 240 8.35 -37.00 -49.54
N MET N 241 7.05 -36.89 -49.76
CA MET N 241 6.29 -37.95 -50.40
C MET N 241 6.51 -37.92 -51.90
N GLU N 242 6.81 -39.09 -52.48
CA GLU N 242 7.06 -39.29 -53.89
C GLU N 242 5.81 -39.81 -54.58
N PRO N 243 5.65 -39.54 -55.89
CA PRO N 243 6.53 -38.77 -56.77
C PRO N 243 6.25 -37.27 -56.70
N ASN N 244 7.20 -36.45 -57.16
CA ASN N 244 7.09 -34.99 -57.18
C ASN N 244 6.82 -34.45 -55.77
N PRO N 245 7.81 -34.52 -54.87
CA PRO N 245 7.58 -33.98 -53.51
C PRO N 245 7.26 -32.50 -53.49
N ARG N 246 7.86 -31.72 -54.39
CA ARG N 246 7.63 -30.28 -54.47
C ARG N 246 7.18 -29.94 -55.88
N VAL N 247 6.02 -29.33 -56.00
CA VAL N 247 5.43 -28.97 -57.30
C VAL N 247 5.53 -27.46 -57.46
N PRO N 248 6.07 -26.96 -58.56
CA PRO N 248 6.12 -25.50 -58.76
C PRO N 248 4.72 -24.90 -58.73
N LEU N 249 4.63 -23.70 -58.18
CA LEU N 249 3.32 -23.08 -57.96
C LEU N 249 2.59 -22.77 -59.27
N SER N 250 3.32 -22.59 -60.37
CA SER N 250 2.68 -22.29 -61.64
C SER N 250 1.92 -23.49 -62.21
N ARG N 251 2.08 -24.68 -61.63
CA ARG N 251 1.40 -25.87 -62.10
C ARG N 251 0.30 -26.35 -61.19
N VAL N 252 0.12 -25.75 -60.00
CA VAL N 252 -0.91 -26.17 -59.08
C VAL N 252 -2.11 -25.23 -59.08
N PHE N 253 -2.06 -24.15 -59.84
CA PHE N 253 -3.20 -23.24 -59.91
C PHE N 253 -4.35 -23.91 -60.63
N PHE N 254 -5.52 -23.93 -59.98
CA PHE N 254 -6.75 -24.48 -60.54
C PHE N 254 -6.62 -25.96 -60.88
N ALA N 255 -5.66 -26.66 -60.28
CA ALA N 255 -5.44 -28.07 -60.55
C ALA N 255 -6.09 -28.89 -59.45
N SER N 256 -7.40 -29.09 -59.57
CA SER N 256 -8.12 -29.87 -58.58
C SER N 256 -7.83 -31.36 -58.70
N TRP N 257 -7.36 -31.82 -59.86
CA TRP N 257 -7.03 -33.22 -60.03
C TRP N 257 -5.91 -33.67 -59.12
N ARG N 258 -5.07 -32.74 -58.65
CA ARG N 258 -4.03 -33.08 -57.69
C ARG N 258 -4.59 -33.45 -56.33
N VAL N 259 -5.88 -33.22 -56.08
CA VAL N 259 -6.50 -33.61 -54.83
C VAL N 259 -7.15 -34.99 -54.92
N VAL N 260 -8.00 -35.18 -55.92
CA VAL N 260 -8.72 -36.45 -56.04
C VAL N 260 -7.77 -37.58 -56.46
N LEU N 261 -6.86 -37.30 -57.39
CA LEU N 261 -6.09 -38.34 -58.05
C LEU N 261 -4.63 -38.37 -57.60
N GLU N 262 -4.29 -37.72 -56.48
CA GLU N 262 -2.91 -37.73 -56.03
C GLU N 262 -2.79 -37.89 -54.51
N GLY N 263 -3.71 -38.61 -53.89
CA GLY N 263 -3.59 -38.94 -52.49
C GLY N 263 -4.43 -38.14 -51.52
N GLY N 264 -5.29 -37.25 -52.01
CA GLY N 264 -6.18 -36.52 -51.12
C GLY N 264 -5.54 -35.29 -50.51
N ILE N 265 -6.16 -34.83 -49.42
CA ILE N 265 -5.74 -33.59 -48.77
C ILE N 265 -4.71 -33.82 -47.67
N ASP N 266 -4.46 -35.06 -47.28
CA ASP N 266 -3.61 -35.31 -46.12
C ASP N 266 -2.17 -34.84 -46.32
N PRO N 267 -1.46 -35.20 -47.38
CA PRO N 267 -0.09 -34.68 -47.55
C PRO N 267 -0.03 -33.18 -47.67
N ILE N 268 -1.07 -32.55 -48.24
CA ILE N 268 -1.09 -31.10 -48.35
C ILE N 268 -1.14 -30.46 -46.97
N LEU N 269 -2.00 -30.96 -46.09
CA LEU N 269 -2.06 -30.45 -44.73
C LEU N 269 -0.75 -30.68 -44.00
N ARG N 270 -0.14 -31.85 -44.20
CA ARG N 270 1.16 -32.11 -43.56
C ARG N 270 2.22 -31.13 -44.06
N GLY N 271 2.23 -30.84 -45.35
CA GLY N 271 3.19 -29.89 -45.88
C GLY N 271 2.95 -28.48 -45.36
N LEU N 272 1.68 -28.10 -45.19
CA LEU N 272 1.37 -26.80 -44.61
C LEU N 272 1.86 -26.71 -43.17
N MET N 273 1.63 -27.76 -42.38
CA MET N 273 1.94 -27.69 -40.96
C MET N 273 3.44 -27.65 -40.67
N ALA N 274 4.27 -28.14 -41.58
CA ALA N 274 5.70 -28.32 -41.31
C ALA N 274 6.55 -27.71 -42.42
N THR N 275 6.23 -26.47 -42.80
CA THR N 275 7.04 -25.77 -43.78
C THR N 275 7.07 -24.30 -43.42
N PRO N 276 8.25 -23.69 -43.31
CA PRO N 276 8.31 -22.26 -43.01
C PRO N 276 7.74 -21.43 -44.15
N ALA N 277 7.13 -20.30 -43.78
CA ALA N 277 6.63 -19.36 -44.76
C ALA N 277 7.76 -18.47 -45.26
N LYS N 278 7.46 -17.66 -46.26
CA LYS N 278 8.43 -16.72 -46.78
C LYS N 278 8.48 -15.47 -45.90
N LEU N 279 9.67 -14.89 -45.76
CA LEU N 279 9.86 -13.71 -44.94
C LEU N 279 9.82 -12.47 -45.83
N ASN N 280 9.00 -11.50 -45.45
CA ASN N 280 8.87 -10.26 -46.20
C ASN N 280 10.01 -9.32 -45.83
N ARG N 281 10.95 -9.13 -46.75
CA ARG N 281 12.03 -8.18 -46.59
C ARG N 281 11.89 -7.06 -47.60
N GLN N 282 12.51 -5.93 -47.32
CA GLN N 282 12.36 -4.76 -48.17
C GLN N 282 13.00 -4.94 -49.54
N ASN N 283 13.92 -5.89 -49.69
CA ASN N 283 14.51 -6.18 -50.98
C ASN N 283 13.99 -7.48 -51.60
N GLN N 284 13.13 -8.21 -50.88
CA GLN N 284 12.48 -9.42 -51.39
C GLN N 284 11.00 -9.32 -51.05
N ILE N 285 10.21 -8.76 -51.96
CA ILE N 285 8.80 -8.53 -51.68
C ILE N 285 7.98 -9.77 -52.04
N ALA N 286 7.99 -10.15 -53.32
CA ALA N 286 7.19 -11.26 -53.79
C ALA N 286 8.00 -12.13 -54.73
N VAL N 287 7.66 -13.42 -54.78
CA VAL N 287 8.38 -14.39 -55.59
C VAL N 287 7.97 -14.26 -57.05
N ASP N 288 8.76 -14.88 -57.94
CA ASP N 288 8.49 -14.79 -59.37
C ASP N 288 7.35 -15.70 -59.83
N GLU N 289 7.02 -16.73 -59.05
CA GLU N 289 5.96 -17.65 -59.48
C GLU N 289 4.61 -16.95 -59.56
N ILE N 290 4.31 -16.08 -58.59
CA ILE N 290 3.10 -15.28 -58.63
C ILE N 290 3.27 -13.98 -59.40
N ARG N 291 4.51 -13.62 -59.74
CA ARG N 291 4.79 -12.38 -60.45
C ARG N 291 4.89 -12.57 -61.96
N GLU N 292 5.38 -13.72 -62.43
CA GLU N 292 5.56 -13.96 -63.85
C GLU N 292 4.76 -15.12 -64.41
N ARG N 293 4.28 -16.04 -63.58
CA ARG N 293 3.64 -17.26 -64.03
C ARG N 293 2.36 -17.52 -63.24
N LEU N 294 1.54 -16.48 -63.08
CA LEU N 294 0.26 -16.61 -62.39
C LEU N 294 -0.81 -17.05 -63.39
N PHE N 295 -1.46 -18.17 -63.11
CA PHE N 295 -2.52 -18.71 -63.97
C PHE N 295 -2.01 -18.95 -65.39
N GLU N 296 -0.79 -19.49 -65.49
CA GLU N 296 -0.17 -19.66 -66.79
C GLU N 296 -0.95 -20.64 -67.68
N GLN N 297 -1.37 -21.77 -67.12
CA GLN N 297 -2.07 -22.77 -67.92
C GLN N 297 -3.52 -22.38 -68.21
N VAL N 298 -4.16 -21.66 -67.29
CA VAL N 298 -5.57 -21.33 -67.46
C VAL N 298 -5.77 -20.33 -68.59
N MET N 299 -4.92 -19.31 -68.67
CA MET N 299 -5.06 -18.26 -69.66
C MET N 299 -3.88 -18.28 -70.63
N ARG N 300 -3.88 -17.33 -71.57
CA ARG N 300 -2.84 -17.31 -72.60
C ARG N 300 -1.49 -16.94 -72.03
N ILE N 301 -1.44 -15.93 -71.17
CA ILE N 301 -0.20 -15.45 -70.59
C ILE N 301 -0.38 -15.32 -69.08
N GLY N 302 0.74 -15.40 -68.36
CA GLY N 302 0.70 -15.24 -66.92
C GLY N 302 0.42 -13.81 -66.51
N LEU N 303 -0.08 -13.66 -65.30
CA LEU N 303 -0.37 -12.36 -64.74
C LEU N 303 0.81 -11.85 -63.93
N ASP N 304 0.65 -10.67 -63.34
CA ASP N 304 1.61 -10.10 -62.40
C ASP N 304 0.82 -9.67 -61.18
N LEU N 305 0.86 -10.49 -60.13
CA LEU N 305 -0.02 -10.28 -58.98
C LEU N 305 0.22 -8.93 -58.29
N PRO N 306 1.45 -8.50 -58.00
CA PRO N 306 1.62 -7.15 -57.46
C PRO N 306 1.11 -6.05 -58.39
N ALA N 307 1.32 -6.22 -59.70
CA ALA N 307 0.80 -5.25 -60.65
C ALA N 307 -0.72 -5.24 -60.64
N LEU N 308 -1.34 -6.41 -60.52
CA LEU N 308 -2.79 -6.47 -60.40
C LEU N 308 -3.26 -5.77 -59.13
N ASN N 309 -2.53 -5.93 -58.03
CA ASN N 309 -2.89 -5.24 -56.79
C ASN N 309 -2.86 -3.73 -56.97
N MET N 310 -1.77 -3.22 -57.55
CA MET N 310 -1.66 -1.78 -57.75
C MET N 310 -2.72 -1.26 -58.70
N GLN N 311 -2.97 -1.97 -59.80
CA GLN N 311 -3.98 -1.54 -60.76
C GLN N 311 -5.37 -1.57 -60.15
N ARG N 312 -5.66 -2.57 -59.31
CA ARG N 312 -6.96 -2.61 -58.64
C ARG N 312 -7.11 -1.50 -57.62
N SER N 313 -6.01 -1.15 -56.94
CA SER N 313 -6.07 0.00 -56.03
C SER N 313 -6.37 1.28 -56.79
N ARG N 314 -5.76 1.44 -57.97
CA ARG N 314 -6.06 2.60 -58.80
C ARG N 314 -7.51 2.56 -59.30
N ASP N 315 -8.00 1.38 -59.66
CA ASP N 315 -9.35 1.25 -60.19
C ASP N 315 -10.40 1.60 -59.15
N HIS N 316 -10.20 1.18 -57.91
CA HIS N 316 -11.14 1.50 -56.84
C HIS N 316 -11.08 2.96 -56.41
N GLY N 317 -10.19 3.75 -57.01
CA GLY N 317 -10.08 5.15 -56.67
C GLY N 317 -9.62 5.40 -55.25
N LEU N 318 -8.77 4.54 -54.72
CA LEU N 318 -8.29 4.71 -53.36
C LEU N 318 -7.29 5.86 -53.30
N PRO N 319 -7.25 6.59 -52.19
CA PRO N 319 -6.24 7.63 -52.02
C PRO N 319 -4.84 7.06 -51.97
N GLY N 320 -3.86 7.96 -51.96
CA GLY N 320 -2.48 7.57 -51.96
C GLY N 320 -1.97 7.18 -50.59
N TYR N 321 -0.66 6.96 -50.53
CA TYR N 321 -0.02 6.52 -49.28
C TYR N 321 -0.13 7.59 -48.20
N ASN N 322 0.11 8.86 -48.55
CA ASN N 322 0.14 9.91 -47.54
C ASN N 322 -1.23 10.17 -46.95
N ALA N 323 -2.29 10.04 -47.74
CA ALA N 323 -3.63 10.21 -47.21
C ALA N 323 -3.93 9.20 -46.12
N TRP N 324 -3.55 7.94 -46.34
CA TRP N 324 -3.77 6.92 -45.33
C TRP N 324 -2.83 7.08 -44.14
N ARG N 325 -1.61 7.57 -44.38
CA ARG N 325 -0.73 7.89 -43.26
C ARG N 325 -1.34 8.95 -42.37
N ARG N 326 -1.94 9.98 -42.96
CA ARG N 326 -2.62 11.01 -42.18
C ARG N 326 -3.87 10.45 -41.50
N PHE N 327 -4.59 9.56 -42.18
CA PHE N 327 -5.80 8.98 -41.59
C PHE N 327 -5.47 8.16 -40.35
N CYS N 328 -4.40 7.38 -40.40
CA CYS N 328 -4.03 6.55 -39.26
C CYS N 328 -3.34 7.32 -38.14
N GLY N 329 -2.87 8.54 -38.41
CA GLY N 329 -2.21 9.34 -37.40
C GLY N 329 -0.70 9.31 -37.42
N LEU N 330 -0.09 8.78 -38.46
CA LEU N 330 1.35 8.69 -38.55
C LEU N 330 1.92 9.87 -39.33
N PRO N 331 3.20 10.19 -39.14
CA PRO N 331 3.79 11.28 -39.92
C PRO N 331 3.82 10.98 -41.40
N GLN N 332 3.72 12.03 -42.21
CA GLN N 332 3.66 11.91 -43.66
C GLN N 332 4.95 12.41 -44.30
N PRO N 333 5.70 11.56 -44.97
CA PRO N 333 6.92 12.03 -45.65
C PRO N 333 6.58 12.93 -46.83
N GLU N 334 7.54 13.78 -47.20
CA GLU N 334 7.35 14.68 -48.32
C GLU N 334 8.52 14.65 -49.29
N THR N 335 9.71 14.34 -48.80
CA THR N 335 10.92 14.36 -49.61
C THR N 335 11.54 12.96 -49.65
N VAL N 336 12.66 12.85 -50.35
CA VAL N 336 13.38 11.57 -50.41
C VAL N 336 13.98 11.23 -49.05
N GLY N 337 14.53 12.24 -48.37
CA GLY N 337 15.11 11.99 -47.06
C GLY N 337 14.07 11.58 -46.03
N GLN N 338 12.92 12.25 -46.04
CA GLN N 338 11.84 11.87 -45.12
C GLN N 338 11.33 10.47 -45.43
N LEU N 339 11.20 10.13 -46.71
CA LEU N 339 10.77 8.77 -47.06
C LEU N 339 11.78 7.73 -46.61
N GLY N 340 13.07 8.02 -46.78
CA GLY N 340 14.08 7.10 -46.28
C GLY N 340 14.07 6.97 -44.78
N THR N 341 13.76 8.06 -44.08
CA THR N 341 13.62 8.01 -42.63
C THR N 341 12.45 7.13 -42.23
N VAL N 342 11.32 7.28 -42.91
CA VAL N 342 10.13 6.51 -42.54
C VAL N 342 10.31 5.03 -42.89
N LEU N 343 10.84 4.73 -44.07
CA LEU N 343 11.00 3.35 -44.51
C LEU N 343 12.25 2.69 -43.93
N ARG N 344 13.12 3.45 -43.25
CA ARG N 344 14.37 2.93 -42.73
C ARG N 344 15.25 2.33 -43.83
N ASN N 345 15.12 2.88 -45.04
CA ASN N 345 15.87 2.40 -46.19
C ASN N 345 15.95 3.52 -47.20
N LEU N 346 17.15 3.82 -47.70
CA LEU N 346 17.32 4.91 -48.64
C LEU N 346 17.32 4.46 -50.10
N LYS N 347 17.83 3.27 -50.41
CA LYS N 347 17.74 2.77 -51.77
C LYS N 347 16.29 2.54 -52.19
N LEU N 348 15.50 1.92 -51.31
CA LEU N 348 14.09 1.70 -51.61
C LEU N 348 13.35 3.02 -51.73
N ALA N 349 13.67 3.98 -50.85
CA ALA N 349 13.03 5.30 -50.94
C ALA N 349 13.38 5.99 -52.24
N ARG N 350 14.63 5.88 -52.68
CA ARG N 350 15.04 6.48 -53.95
C ARG N 350 14.30 5.83 -55.12
N LYS N 351 14.17 4.50 -55.10
CA LYS N 351 13.44 3.82 -56.16
C LYS N 351 11.97 4.24 -56.18
N LEU N 352 11.35 4.34 -55.00
CA LEU N 352 9.96 4.79 -54.93
C LEU N 352 9.81 6.21 -55.45
N MET N 353 10.74 7.09 -55.09
CA MET N 353 10.69 8.48 -55.56
C MET N 353 10.86 8.55 -57.07
N GLU N 354 11.79 7.76 -57.61
CA GLU N 354 12.01 7.76 -59.06
C GLU N 354 10.78 7.24 -59.80
N GLN N 355 10.14 6.19 -59.28
CA GLN N 355 9.01 5.59 -59.98
C GLN N 355 7.76 6.46 -59.87
N TYR N 356 7.48 7.00 -58.68
CA TYR N 356 6.22 7.70 -58.43
C TYR N 356 6.36 9.21 -58.51
N GLY N 357 7.42 9.78 -57.95
CA GLY N 357 7.66 11.21 -57.97
C GLY N 357 7.34 11.92 -56.67
N THR N 358 6.31 11.48 -55.96
CA THR N 358 5.95 12.09 -54.68
C THR N 358 5.29 11.04 -53.80
N PRO N 359 5.49 11.09 -52.49
CA PRO N 359 4.91 10.06 -51.62
C PRO N 359 3.39 10.01 -51.66
N ASN N 360 2.74 11.13 -51.99
CA ASN N 360 1.28 11.12 -52.05
C ASN N 360 0.75 10.25 -53.18
N ASN N 361 1.59 9.90 -54.15
CA ASN N 361 1.18 9.09 -55.29
C ASN N 361 1.48 7.61 -55.11
N ILE N 362 2.12 7.22 -54.01
CA ILE N 362 2.44 5.82 -53.79
C ILE N 362 1.16 5.05 -53.49
N ASP N 363 0.97 3.93 -54.18
CA ASP N 363 -0.21 3.11 -53.97
C ASP N 363 -0.19 2.50 -52.58
N ILE N 364 -1.39 2.21 -52.07
CA ILE N 364 -1.52 1.78 -50.68
C ILE N 364 -0.79 0.46 -50.44
N TRP N 365 -0.87 -0.46 -51.40
CA TRP N 365 -0.20 -1.75 -51.24
C TRP N 365 1.30 -1.59 -51.17
N MET N 366 1.88 -0.75 -52.02
CA MET N 366 3.33 -0.55 -52.04
C MET N 366 3.82 0.02 -50.72
N GLY N 367 3.17 1.09 -50.25
CA GLY N 367 3.56 1.67 -48.98
C GLY N 367 3.33 0.72 -47.81
N GLY N 368 2.28 -0.09 -47.87
CA GLY N 368 2.02 -1.03 -46.80
C GLY N 368 3.05 -2.12 -46.70
N VAL N 369 3.46 -2.69 -47.83
CA VAL N 369 4.41 -3.79 -47.81
C VAL N 369 5.86 -3.33 -47.88
N SER N 370 6.10 -2.02 -48.00
CA SER N 370 7.46 -1.51 -47.97
C SER N 370 7.91 -1.06 -46.59
N GLU N 371 6.98 -0.82 -45.68
CA GLU N 371 7.37 -0.38 -44.35
C GLU N 371 8.01 -1.52 -43.57
N PRO N 372 8.95 -1.21 -42.67
CA PRO N 372 9.54 -2.25 -41.83
C PRO N 372 8.50 -2.86 -40.91
N LEU N 373 8.62 -4.17 -40.68
CA LEU N 373 7.63 -4.89 -39.91
C LEU N 373 7.67 -4.49 -38.44
N LYS N 374 6.54 -4.66 -37.77
CA LYS N 374 6.47 -4.43 -36.34
C LYS N 374 7.26 -5.49 -35.60
N ARG N 375 7.47 -5.27 -34.31
CA ARG N 375 8.15 -6.25 -33.49
C ARG N 375 7.21 -7.41 -33.21
N LYS N 376 7.61 -8.62 -33.62
CA LYS N 376 6.82 -9.84 -33.52
C LYS N 376 5.54 -9.77 -34.33
N GLY N 377 5.50 -8.92 -35.36
CA GLY N 377 4.39 -8.85 -36.26
C GLY N 377 4.87 -9.01 -37.70
N ARG N 378 3.90 -9.06 -38.62
CA ARG N 378 4.21 -9.29 -40.02
C ARG N 378 3.73 -8.16 -40.93
N VAL N 379 3.32 -7.03 -40.37
CA VAL N 379 2.89 -5.88 -41.15
C VAL N 379 3.48 -4.61 -40.54
N GLY N 380 3.54 -3.57 -41.35
CA GLY N 380 4.01 -2.29 -40.88
C GLY N 380 2.95 -1.55 -40.09
N PRO N 381 3.32 -0.36 -39.61
CA PRO N 381 2.37 0.42 -38.79
C PRO N 381 1.07 0.78 -39.50
N LEU N 382 1.13 1.13 -40.78
CA LEU N 382 -0.08 1.56 -41.49
C LEU N 382 -1.01 0.37 -41.75
N LEU N 383 -0.45 -0.73 -42.25
CA LEU N 383 -1.27 -1.92 -42.47
C LEU N 383 -1.83 -2.45 -41.17
N ALA N 384 -1.03 -2.41 -40.10
CA ALA N 384 -1.52 -2.81 -38.79
C ALA N 384 -2.69 -1.93 -38.35
N CYS N 385 -2.58 -0.63 -38.56
CA CYS N 385 -3.67 0.28 -38.20
C CYS N 385 -4.94 -0.08 -38.95
N ILE N 386 -4.85 -0.23 -40.28
CA ILE N 386 -6.03 -0.52 -41.08
C ILE N 386 -6.66 -1.85 -40.68
N ILE N 387 -5.83 -2.88 -40.54
CA ILE N 387 -6.33 -4.22 -40.27
C ILE N 387 -6.92 -4.30 -38.86
N GLY N 388 -6.26 -3.70 -37.87
CA GLY N 388 -6.81 -3.69 -36.53
C GLY N 388 -8.11 -2.94 -36.45
N THR N 389 -8.22 -1.80 -37.13
CA THR N 389 -9.48 -1.07 -37.15
C THR N 389 -10.59 -1.90 -37.75
N GLN N 390 -10.32 -2.54 -38.88
CA GLN N 390 -11.36 -3.34 -39.54
C GLN N 390 -11.81 -4.49 -38.66
N PHE N 391 -10.86 -5.21 -38.04
CA PHE N 391 -11.26 -6.37 -37.27
C PHE N 391 -11.91 -5.99 -35.95
N ARG N 392 -11.52 -4.85 -35.36
CA ARG N 392 -12.24 -4.36 -34.19
C ARG N 392 -13.68 -4.00 -34.55
N LYS N 393 -13.88 -3.36 -35.70
CA LYS N 393 -15.24 -3.05 -36.12
C LYS N 393 -16.05 -4.31 -36.39
N LEU N 394 -15.41 -5.33 -36.97
CA LEU N 394 -16.10 -6.59 -37.20
C LEU N 394 -16.51 -7.26 -35.90
N ARG N 395 -15.63 -7.25 -34.90
CA ARG N 395 -15.95 -7.92 -33.64
C ARG N 395 -17.00 -7.16 -32.84
N ASP N 396 -16.83 -5.84 -32.72
CA ASP N 396 -17.72 -5.06 -31.87
C ASP N 396 -19.14 -5.02 -32.43
N GLY N 397 -19.28 -4.68 -33.71
CA GLY N 397 -20.59 -4.58 -34.31
C GLY N 397 -21.09 -5.89 -34.89
N ASP N 398 -21.10 -6.93 -34.08
CA ASP N 398 -21.62 -8.23 -34.47
C ASP N 398 -22.50 -8.76 -33.35
N ARG N 399 -23.79 -8.92 -33.63
CA ARG N 399 -24.72 -9.33 -32.60
C ARG N 399 -24.60 -10.81 -32.26
N PHE N 400 -24.02 -11.62 -33.15
CA PHE N 400 -23.86 -13.04 -32.91
C PHE N 400 -22.42 -13.41 -32.56
N TRP N 401 -21.64 -12.46 -32.06
CA TRP N 401 -20.30 -12.76 -31.59
C TRP N 401 -20.36 -13.80 -30.48
N TRP N 402 -19.47 -14.79 -30.54
CA TRP N 402 -19.58 -15.94 -29.64
C TRP N 402 -19.47 -15.53 -28.17
N GLU N 403 -18.75 -14.46 -27.87
CA GLU N 403 -18.60 -14.01 -26.49
C GLU N 403 -19.78 -13.16 -26.02
N ASN N 404 -20.71 -12.82 -26.90
CA ASN N 404 -21.85 -12.02 -26.50
C ASN N 404 -22.76 -12.81 -25.58
N GLU N 405 -23.37 -12.11 -24.62
CA GLU N 405 -24.33 -12.76 -23.74
C GLU N 405 -25.63 -13.04 -24.48
N GLY N 406 -26.14 -14.25 -24.33
CA GLY N 406 -27.32 -14.67 -25.04
C GLY N 406 -27.08 -15.46 -26.31
N VAL N 407 -25.83 -15.65 -26.71
CA VAL N 407 -25.50 -16.46 -27.87
C VAL N 407 -25.12 -17.87 -27.47
N PHE N 408 -24.27 -18.01 -26.45
CA PHE N 408 -23.83 -19.30 -25.95
C PHE N 408 -24.01 -19.35 -24.44
N SER N 409 -24.23 -20.55 -23.92
CA SER N 409 -24.30 -20.74 -22.49
C SER N 409 -22.91 -20.72 -21.88
N MET N 410 -22.84 -20.50 -20.57
CA MET N 410 -21.55 -20.40 -19.90
C MET N 410 -20.76 -21.69 -20.02
N GLN N 411 -21.41 -22.83 -19.82
CA GLN N 411 -20.73 -24.10 -20.01
C GLN N 411 -20.32 -24.29 -21.47
N GLN N 412 -21.17 -23.88 -22.40
CA GLN N 412 -20.81 -23.94 -23.81
C GLN N 412 -19.62 -23.05 -24.12
N ARG N 413 -19.59 -21.85 -23.54
CA ARG N 413 -18.46 -20.96 -23.75
C ARG N 413 -17.17 -21.56 -23.19
N GLN N 414 -17.24 -22.16 -22.00
CA GLN N 414 -16.04 -22.76 -21.43
C GLN N 414 -15.59 -23.97 -22.25
N ALA N 415 -16.52 -24.70 -22.84
CA ALA N 415 -16.14 -25.81 -23.71
C ALA N 415 -15.53 -25.31 -25.01
N LEU N 416 -16.05 -24.21 -25.55
CA LEU N 416 -15.54 -23.66 -26.80
C LEU N 416 -14.16 -23.04 -26.62
N ALA N 417 -13.89 -22.45 -25.48
CA ALA N 417 -12.60 -21.80 -25.28
C ALA N 417 -11.43 -22.76 -25.25
N GLN N 418 -11.61 -24.06 -25.45
CA GLN N 418 -10.53 -25.03 -25.43
C GLN N 418 -10.20 -25.58 -26.81
N ILE N 419 -10.96 -25.21 -27.84
CA ILE N 419 -10.74 -25.79 -29.16
C ILE N 419 -9.46 -25.25 -29.77
N SER N 420 -8.95 -25.96 -30.77
CA SER N 420 -7.74 -25.56 -31.46
C SER N 420 -7.74 -26.20 -32.84
N LEU N 421 -7.05 -25.55 -33.78
CA LEU N 421 -6.95 -26.03 -35.15
C LEU N 421 -6.25 -27.38 -35.25
N PRO N 422 -5.16 -27.64 -34.51
CA PRO N 422 -4.56 -28.99 -34.55
C PRO N 422 -5.53 -30.09 -34.18
N ARG N 423 -6.40 -29.85 -33.20
CA ARG N 423 -7.41 -30.84 -32.83
C ARG N 423 -8.35 -31.12 -33.99
N ILE N 424 -8.80 -30.06 -34.68
CA ILE N 424 -9.70 -30.22 -35.81
C ILE N 424 -9.01 -31.01 -36.92
N ILE N 425 -7.73 -30.71 -37.15
CA ILE N 425 -7.00 -31.43 -38.19
C ILE N 425 -6.88 -32.91 -37.83
N CYS N 426 -6.51 -33.21 -36.58
CA CYS N 426 -6.28 -34.59 -36.18
C CYS N 426 -7.56 -35.40 -36.02
N ASP N 427 -8.71 -34.74 -35.85
CA ASP N 427 -9.97 -35.47 -35.75
C ASP N 427 -10.57 -35.80 -37.10
N ASN N 428 -10.38 -34.96 -38.11
CA ASN N 428 -11.08 -35.07 -39.37
C ASN N 428 -10.28 -35.74 -40.47
N THR N 429 -9.09 -36.25 -40.16
CA THR N 429 -8.29 -36.97 -41.16
C THR N 429 -7.39 -37.97 -40.44
N GLY N 430 -6.46 -38.56 -41.18
CA GLY N 430 -5.62 -39.61 -40.66
C GLY N 430 -4.33 -39.13 -40.05
N ILE N 431 -4.27 -37.85 -39.69
CA ILE N 431 -3.06 -37.30 -39.10
C ILE N 431 -2.92 -37.78 -37.66
N THR N 432 -1.73 -38.28 -37.33
CA THR N 432 -1.41 -38.69 -35.96
C THR N 432 -0.52 -37.67 -35.25
N THR N 433 0.43 -37.07 -35.96
CA THR N 433 1.33 -36.09 -35.38
C THR N 433 0.95 -34.70 -35.88
N VAL N 434 0.61 -33.80 -34.95
CA VAL N 434 0.21 -32.44 -35.28
C VAL N 434 1.17 -31.46 -34.66
N SER N 435 1.00 -30.18 -34.96
CA SER N 435 1.75 -29.11 -34.32
C SER N 435 1.16 -28.79 -32.95
N LYS N 436 2.02 -28.31 -32.06
CA LYS N 436 1.61 -27.98 -30.71
C LYS N 436 1.56 -26.47 -30.52
N ASN N 437 0.79 -26.04 -29.52
CA ASN N 437 0.66 -24.63 -29.13
C ASN N 437 0.09 -23.89 -30.34
N ASN N 438 0.75 -22.86 -30.85
CA ASN N 438 0.26 -22.11 -32.00
C ASN N 438 0.62 -22.86 -33.27
N ILE N 439 -0.38 -23.34 -34.00
CA ILE N 439 -0.14 -24.02 -35.27
C ILE N 439 0.47 -23.07 -36.29
N PHE N 440 0.22 -21.76 -36.15
CA PHE N 440 0.73 -20.76 -37.06
C PHE N 440 2.17 -20.39 -36.77
N MET N 441 2.76 -20.94 -35.70
CA MET N 441 4.12 -20.62 -35.30
C MET N 441 5.07 -21.79 -35.37
N SER N 442 4.58 -23.02 -35.40
CA SER N 442 5.41 -24.22 -35.36
C SER N 442 5.63 -24.72 -36.77
N ASN N 443 6.89 -24.85 -37.18
CA ASN N 443 7.20 -25.25 -38.56
C ASN N 443 8.36 -26.22 -38.67
N SER N 444 8.84 -26.80 -37.57
CA SER N 444 10.01 -27.67 -37.59
C SER N 444 9.64 -29.05 -37.06
N TYR N 445 9.91 -30.09 -37.85
CA TYR N 445 9.66 -31.45 -37.43
C TYR N 445 10.96 -32.13 -36.98
N PRO N 446 10.94 -32.87 -35.87
CA PRO N 446 9.84 -33.08 -34.94
C PRO N 446 10.00 -32.27 -33.66
N ARG N 447 10.63 -31.09 -33.74
CA ARG N 447 10.94 -30.34 -32.54
C ARG N 447 9.69 -29.85 -31.81
N ASP N 448 8.65 -29.46 -32.55
CA ASP N 448 7.44 -28.92 -31.96
C ASP N 448 6.21 -29.64 -32.50
N PHE N 449 6.25 -30.97 -32.47
CA PHE N 449 5.14 -31.79 -32.89
C PHE N 449 4.77 -32.76 -31.78
N VAL N 450 3.48 -33.06 -31.67
CA VAL N 450 2.96 -33.97 -30.66
C VAL N 450 2.06 -34.99 -31.34
N ASN N 451 1.77 -36.07 -30.62
CA ASN N 451 1.08 -37.22 -31.18
C ASN N 451 -0.44 -37.11 -31.10
N CYS N 452 -0.98 -35.95 -30.75
CA CYS N 452 -2.40 -35.62 -30.76
C CYS N 452 -3.25 -36.55 -29.90
N SER N 453 -2.63 -37.44 -29.13
CA SER N 453 -3.37 -38.22 -28.15
C SER N 453 -3.49 -37.49 -26.83
N THR N 454 -2.87 -36.32 -26.71
CA THR N 454 -2.92 -35.53 -25.49
C THR N 454 -3.87 -34.33 -25.59
N LEU N 455 -4.16 -33.86 -26.79
CA LEU N 455 -5.07 -32.73 -26.95
C LEU N 455 -6.49 -33.18 -26.64
N PRO N 456 -7.18 -32.56 -25.69
CA PRO N 456 -8.57 -32.92 -25.42
C PRO N 456 -9.47 -32.54 -26.58
N ALA N 457 -10.52 -33.35 -26.76
CA ALA N 457 -11.51 -33.07 -27.79
C ALA N 457 -12.54 -32.06 -27.27
N LEU N 458 -13.35 -31.56 -28.19
CA LEU N 458 -14.41 -30.62 -27.81
C LEU N 458 -15.47 -31.35 -26.99
N ASN N 459 -15.83 -30.77 -25.86
CA ASN N 459 -16.80 -31.39 -24.95
C ASN N 459 -18.20 -30.92 -25.35
N LEU N 460 -18.93 -31.79 -26.05
CA LEU N 460 -20.28 -31.49 -26.49
C LEU N 460 -21.34 -31.89 -25.46
N ALA N 461 -20.92 -32.39 -24.30
CA ALA N 461 -21.87 -32.81 -23.27
C ALA N 461 -22.71 -31.66 -22.75
N SER N 462 -22.28 -30.43 -22.95
CA SER N 462 -23.07 -29.28 -22.53
C SER N 462 -24.15 -28.91 -23.54
N TRP N 463 -24.18 -29.56 -24.69
CA TRP N 463 -25.18 -29.28 -25.71
C TRP N 463 -26.42 -30.16 -25.59
N ARG N 464 -26.49 -31.02 -24.58
CA ARG N 464 -27.66 -31.86 -24.39
C ARG N 464 -28.86 -31.02 -24.00
N GLU N 465 -30.00 -31.31 -24.61
CA GLU N 465 -31.22 -30.58 -24.33
C GLU N 465 -32.11 -31.33 -23.34
CHA HEM O . 5.10 14.05 54.44
CHB HEM O . 8.11 11.00 56.67
CHC HEM O . 9.20 8.95 52.42
CHD HEM O . 5.89 11.75 50.26
C1A HEM O . 5.75 13.34 55.41
C2A HEM O . 5.48 13.41 56.84
C3A HEM O . 6.31 12.57 57.45
C4A HEM O . 7.14 11.93 56.45
CMA HEM O . 6.38 12.32 58.97
CAA HEM O . 4.42 14.31 57.50
CBA HEM O . 3.15 13.49 57.73
CGA HEM O . 1.97 14.35 57.41
O1A HEM O . 1.41 14.21 56.29
O2A HEM O . 1.56 15.17 58.27
C1B HEM O . 8.68 10.19 55.71
C2B HEM O . 9.68 9.17 55.96
C3B HEM O . 9.98 8.59 54.81
C4B HEM O . 9.20 9.23 53.77
CMB HEM O . 10.26 8.82 57.34
CAB HEM O . 11.01 7.44 54.70
CBB HEM O . 11.23 6.77 53.56
C1C HEM O . 8.37 9.51 51.47
C2C HEM O . 8.30 9.12 50.07
C3C HEM O . 7.39 9.89 49.47
C4C HEM O . 6.86 10.80 50.47
CMC HEM O . 9.17 8.00 49.47
CAC HEM O . 6.92 9.93 48.00
CBC HEM O . 7.34 9.11 47.03
C1D HEM O . 5.39 12.61 51.19
C2D HEM O . 4.35 13.60 50.98
C3D HEM O . 4.14 14.23 52.13
C4D HEM O . 5.02 13.67 53.12
CMD HEM O . 3.61 13.89 49.67
CAD HEM O . 3.12 15.36 52.35
CBD HEM O . 3.86 16.71 52.40
CGD HEM O . 2.96 17.75 53.01
O1D HEM O . 1.71 17.58 52.96
O2D HEM O . 3.49 18.75 53.55
NA HEM O . 6.77 12.42 55.21
NB HEM O . 8.42 10.20 54.36
NC HEM O . 7.48 10.53 51.68
ND HEM O . 5.77 12.68 52.51
FE HEM O . 7.09 11.44 53.46
C1 NAG P . 26.80 8.07 69.69
C2 NAG P . 27.06 6.63 69.24
C3 NAG P . 28.56 6.34 69.24
C4 NAG P . 29.30 7.41 68.44
C5 NAG P . 28.93 8.79 69.00
C6 NAG P . 29.63 9.95 68.33
C7 NAG P . 25.08 5.35 69.97
C8 NAG P . 24.57 4.37 70.99
N2 NAG P . 26.38 5.71 70.11
O3 NAG P . 28.76 5.07 68.72
O4 NAG P . 30.68 7.15 68.57
O5 NAG P . 27.53 8.97 68.89
O6 NAG P . 29.43 9.87 66.94
O7 NAG P . 24.35 5.79 69.09
C1 NAG Q . 33.20 29.63 50.68
C2 NAG Q . 33.51 28.21 50.24
C3 NAG Q . 34.70 27.73 51.08
C4 NAG Q . 35.88 28.65 50.76
C5 NAG Q . 35.50 30.13 50.96
C6 NAG Q . 36.54 31.08 50.45
C7 NAG Q . 31.80 26.73 49.31
C8 NAG Q . 32.45 26.97 47.96
N2 NAG Q . 32.37 27.35 50.36
O3 NAG Q . 34.97 26.41 50.76
O4 NAG Q . 36.93 28.26 51.62
O5 NAG Q . 34.28 30.43 50.30
O6 NAG Q . 36.69 30.92 49.05
O7 NAG Q . 30.83 26.01 49.42
C1 NAG R . -5.07 24.94 25.79
C2 NAG R . -5.10 24.10 24.53
C3 NAG R . -6.49 23.48 24.36
C4 NAG R . -6.92 22.75 25.63
C5 NAG R . -6.73 23.67 26.85
C6 NAG R . -7.06 23.02 28.18
C7 NAG R . -3.81 24.58 22.48
C8 NAG R . -3.64 25.58 21.36
N2 NAG R . -4.76 24.90 23.37
O3 NAG R . -6.45 22.63 23.26
O4 NAG R . -8.26 22.39 25.47
O5 NAG R . -5.40 24.12 26.89
O6 NAG R . -6.18 21.95 28.41
O7 NAG R . -3.13 23.57 22.53
CHA HEM S . -7.35 -11.23 -54.70
CHB HEM S . -4.67 -15.06 -55.91
CHC HEM S . -3.19 -15.37 -51.32
CHD HEM S . -5.97 -11.66 -50.06
C1A HEM S . -6.66 -12.16 -55.44
C2A HEM S . -6.52 -12.18 -56.89
C3A HEM S . -5.79 -13.22 -57.22
C4A HEM S . -5.43 -13.92 -56.00
CMA HEM S . -5.39 -13.65 -58.64
CAA HEM S . -7.12 -11.16 -57.87
CBA HEM S . -6.19 -9.96 -58.00
CGA HEM S . -6.97 -8.79 -58.54
O1A HEM S . -6.70 -7.65 -58.11
O2A HEM S . -7.86 -9.01 -59.40
C1B HEM S . -4.01 -15.45 -54.78
C2B HEM S . -2.98 -16.46 -54.71
C3B HEM S . -2.57 -16.56 -53.44
C4B HEM S . -3.32 -15.59 -52.66
CMB HEM S . -2.46 -17.30 -55.90
CAB HEM S . -1.48 -17.51 -52.95
CBB HEM S . -1.22 -17.73 -51.66
C1C HEM S . -3.81 -14.41 -50.58
C2C HEM S . -3.60 -14.18 -49.18
C3C HEM S . -4.37 -13.15 -48.81
C4C HEM S . -5.09 -12.70 -49.99
CMC HEM S . -2.63 -15.05 -48.34
CAC HEM S . -4.53 -12.49 -47.41
CBC HEM S . -3.84 -12.84 -46.32
C1D HEM S . -6.61 -11.23 -51.20
C2D HEM S . -7.59 -10.18 -51.30
C3D HEM S . -7.97 -10.07 -52.56
C4D HEM S . -7.24 -11.04 -53.34
CMD HEM S . -8.12 -9.31 -50.15
CAD HEM S . -9.00 -9.05 -53.09
CBD HEM S . -10.27 -9.79 -53.52
CGD HEM S . -10.90 -9.02 -54.65
O1D HEM S . -10.66 -7.79 -54.75
O2D HEM S . -11.64 -9.63 -55.45
NA HEM S . -5.97 -13.24 -54.94
NB HEM S . -4.18 -14.94 -53.51
NC HEM S . -4.71 -13.48 -51.06
ND HEM S . -6.42 -11.74 -52.47
FE HEM S . -5.33 -13.35 -52.99
C1 NAG T . -1.42 -35.79 -66.50
C2 NAG T . -0.32 -35.66 -65.44
C3 NAG T . -0.05 -37.04 -64.86
C4 NAG T . -1.34 -37.66 -64.34
C5 NAG T . -2.41 -37.63 -65.44
C6 NAG T . -3.75 -38.16 -64.99
C7 NAG T . 1.28 -33.82 -65.77
C8 NAG T . 2.56 -33.42 -66.48
N2 NAG T . 0.86 -35.07 -66.02
O3 NAG T . 0.91 -36.88 -63.85
O4 NAG T . -1.05 -38.97 -63.94
O5 NAG T . -2.58 -36.30 -65.90
O6 NAG T . -4.22 -37.38 -63.92
O7 NAG T . 0.69 -33.05 -65.03
C1 NAG U . -25.66 -37.14 -49.62
C2 NAG U . -25.56 -38.23 -48.54
C3 NAG U . -25.44 -39.59 -49.21
C4 NAG U . -26.62 -39.79 -50.16
C5 NAG U . -26.69 -38.63 -51.15
C6 NAG U . -27.84 -38.71 -52.11
C7 NAG U . -24.37 -38.36 -46.40
C8 NAG U . -23.08 -37.99 -45.70
N2 NAG U . -24.44 -37.99 -47.68
O3 NAG U . -25.39 -40.58 -48.22
O4 NAG U . -26.41 -41.02 -50.82
O5 NAG U . -26.77 -37.41 -50.44
O6 NAG U . -27.70 -39.85 -52.93
O7 NAG U . -25.26 -38.97 -45.82
C1 NAG V . -21.24 3.61 -29.27
C2 NAG V . -20.45 3.46 -27.97
C3 NAG V . -19.59 4.71 -27.77
C4 NAG V . -18.72 4.94 -29.00
C5 NAG V . -19.57 4.91 -30.28
C6 NAG V . -18.75 5.01 -31.55
C7 NAG V . -21.20 2.19 -26.00
C8 NAG V . -22.23 2.13 -24.91
N2 NAG V . -21.32 3.22 -26.86
O3 NAG V . -18.83 4.53 -26.61
O4 NAG V . -18.09 6.18 -28.83
O5 NAG V . -20.33 3.72 -30.33
O6 NAG V . -17.88 3.90 -31.65
O7 NAG V . -20.31 1.36 -26.11
#